data_7X87
#
_entry.id   7X87
#
_cell.length_a   165.135
_cell.length_b   71.615
_cell.length_c   130.308
_cell.angle_alpha   90.000
_cell.angle_beta   104.894
_cell.angle_gamma   90.000
#
_symmetry.space_group_name_H-M   'C 1 2 1'
#
loop_
_entity.id
_entity.type
_entity.pdbx_description
1 polymer Beta-galactosidase
2 branched beta-D-glucopyranose-(1-2)-beta-D-glucopyranose
3 non-polymer 'CALCIUM ION'
4 water water
#
_entity_poly.entity_id   1
_entity_poly.type   'polypeptide(L)'
_entity_poly.pdbx_seq_one_letter_code
;MKPHNSEKYFVKNGQPHFLISGEVHYFRINPKLWRNHLQLLKQTGADTVSTYIPWDWHEIEEDDFDFEGKTHPARNLIRF
IKLCKEENLDLIVKPGPYILAEYENQGLPSWLLKKLSKNAFALDENGNVISPDLVSYLSDEFLEYTFKWYDKVMPIISKH
QKEHYGPITMMQLCNEIGVFQWLSGKSDYNPKVINLYKEFIIQRYKTIEKLNSVYSTNYNSFDDLKAPSGKIKLRSDYCA
YFDFHLFFREYYNKYISILKNKIRSFGINIKLTHNIPGWIYGNASELPMLISTYSEIMKNHPDIIFGLDHIPEFVSFRNA
HSDLACNKILEAMQPEAPVWAAQFQAGTREHHVKAYAKDLETFYIASLAHGIKGFNYYMFSQGINPEGKGFYGKTFYFQT
ALDAASNKLALYDSIKKVNRFIRKEQKDLLRTNVNSEICVGFYKPYFFTELISSQLLKEKKLNVEELGLYIDPRFLREEI
LFNGLLRGLQTLNYNYDVVDLENCDLKSLTAYKQLWITSAEFMDAETQNLLSEFVLNGGNLILYPAVPTLDNYLNRCEIL
KNNFGIEFITKDSSHKVSAFGIEDVFTAFSKKQIYNDTNSKPIAFTQENEICGIRKKIGKGELTILGFAFGYTSDEHLEL
IDKLVKLNKIKRELFVSDKDIQFVVRENNKSRYIFFLNYHNERKTFNYRKSSELKKKKSEEISIAPFSYKVIKENKLEHH
HHHH
;
_entity_poly.pdbx_strand_id   A,B
#
# COMPACT_ATOMS: atom_id res chain seq x y z
N SER A 6 32.31 19.09 -8.22
CA SER A 6 31.20 19.97 -8.62
C SER A 6 30.23 19.17 -9.54
N GLU A 7 29.26 19.85 -10.13
CA GLU A 7 28.00 19.20 -10.58
C GLU A 7 28.21 18.42 -11.88
N LYS A 8 27.45 17.34 -12.06
CA LYS A 8 27.36 16.61 -13.35
C LYS A 8 26.07 17.10 -14.03
N TYR A 9 26.14 17.45 -15.31
CA TYR A 9 24.98 17.97 -16.09
C TYR A 9 25.21 17.69 -17.57
N PHE A 10 24.16 17.66 -18.36
CA PHE A 10 24.28 17.49 -19.83
C PHE A 10 24.88 18.81 -20.33
N VAL A 11 25.63 18.76 -21.45
CA VAL A 11 26.24 19.98 -22.07
C VAL A 11 25.86 20.02 -23.55
N LYS A 12 25.45 21.18 -24.02
CA LYS A 12 25.16 21.42 -25.44
C LYS A 12 26.04 22.61 -25.83
N ASN A 13 27.02 22.39 -26.71
CA ASN A 13 27.81 23.49 -27.31
C ASN A 13 28.65 24.11 -26.21
N GLY A 14 29.26 23.27 -25.35
CA GLY A 14 30.14 23.64 -24.23
C GLY A 14 29.44 24.42 -23.12
N GLN A 15 28.10 24.44 -23.05
CA GLN A 15 27.34 25.12 -21.97
C GLN A 15 26.45 24.11 -21.26
N PRO A 16 26.09 24.34 -19.99
CA PRO A 16 25.15 23.46 -19.30
C PRO A 16 23.84 23.45 -20.08
N HIS A 17 23.27 22.26 -20.27
CA HIS A 17 21.98 22.07 -20.96
C HIS A 17 21.05 21.23 -20.07
N PHE A 18 19.88 21.74 -19.74
CA PHE A 18 18.90 20.93 -18.99
C PHE A 18 18.18 20.08 -20.04
N LEU A 19 18.36 18.77 -20.03
CA LEU A 19 17.64 17.88 -20.96
C LEU A 19 16.15 17.92 -20.62
N ILE A 20 15.34 18.50 -21.51
CA ILE A 20 13.86 18.41 -21.40
C ILE A 20 13.33 17.63 -22.58
N SER A 21 12.87 16.41 -22.33
CA SER A 21 12.31 15.53 -23.37
C SER A 21 10.85 15.23 -23.05
N GLY A 22 10.07 14.93 -24.09
CA GLY A 22 8.69 14.47 -23.96
C GLY A 22 8.51 13.16 -24.70
N GLU A 23 7.85 12.19 -24.08
CA GLU A 23 7.57 10.89 -24.72
C GLU A 23 6.33 11.01 -25.64
N VAL A 24 6.50 10.65 -26.92
CA VAL A 24 5.47 10.74 -27.98
C VAL A 24 5.58 9.47 -28.82
N HIS A 25 4.61 8.55 -28.69
CA HIS A 25 4.61 7.24 -29.37
C HIS A 25 3.99 7.41 -30.74
N TYR A 26 4.82 7.54 -31.79
CA TYR A 26 4.37 7.71 -33.18
C TYR A 26 3.43 6.56 -33.53
N PHE A 27 3.69 5.34 -33.01
CA PHE A 27 2.93 4.13 -33.38
C PHE A 27 1.51 4.17 -32.78
N ARG A 28 1.22 5.12 -31.89
CA ARG A 28 -0.07 5.23 -31.16
C ARG A 28 -0.78 6.55 -31.50
N ILE A 29 -0.32 7.23 -32.54
CA ILE A 29 -0.87 8.56 -32.93
C ILE A 29 -1.11 8.52 -34.44
N ASN A 30 -2.26 9.04 -34.85
CA ASN A 30 -2.60 9.27 -36.25
C ASN A 30 -1.43 10.01 -36.89
N PRO A 31 -0.74 9.43 -37.92
CA PRO A 31 0.39 10.13 -38.52
C PRO A 31 0.12 11.50 -39.13
N LYS A 32 -1.11 11.74 -39.54
CA LYS A 32 -1.51 13.09 -39.99
C LYS A 32 -1.39 14.08 -38.84
N LEU A 33 -1.28 13.62 -37.58
CA LEU A 33 -1.17 14.54 -36.41
C LEU A 33 0.23 14.54 -35.80
N TRP A 34 1.17 13.72 -36.32
CA TRP A 34 2.54 13.68 -35.74
C TRP A 34 3.15 15.07 -35.67
N ARG A 35 3.08 15.83 -36.76
CA ARG A 35 3.70 17.16 -36.77
C ARG A 35 3.10 18.06 -35.68
N ASN A 36 1.81 18.01 -35.46
CA ASN A 36 1.15 18.91 -34.46
C ASN A 36 1.66 18.56 -33.05
N HIS A 37 1.80 17.25 -32.76
CA HIS A 37 2.33 16.79 -31.44
C HIS A 37 3.73 17.34 -31.26
N LEU A 38 4.57 17.20 -32.29
CA LEU A 38 5.97 17.66 -32.17
C LEU A 38 6.00 19.17 -31.97
N GLN A 39 5.24 19.93 -32.75
CA GLN A 39 5.22 21.41 -32.66
C GLN A 39 4.78 21.82 -31.24
N LEU A 40 3.75 21.18 -30.71
CA LEU A 40 3.21 21.55 -29.39
C LEU A 40 4.23 21.18 -28.30
N LEU A 41 4.96 20.07 -28.45
CA LEU A 41 6.05 19.69 -27.51
C LEU A 41 7.12 20.76 -27.56
N LYS A 42 7.57 21.12 -28.76
CA LYS A 42 8.61 22.15 -28.94
C LYS A 42 8.18 23.46 -28.27
N GLN A 43 6.92 23.82 -28.39
CA GLN A 43 6.39 25.11 -27.88
C GLN A 43 6.40 25.11 -26.34
N THR A 44 6.58 23.97 -25.69
CA THR A 44 6.73 23.97 -24.20
C THR A 44 8.17 24.32 -23.82
N GLY A 45 9.08 24.41 -24.79
CA GLY A 45 10.51 24.62 -24.53
C GLY A 45 11.28 23.31 -24.41
N ALA A 46 10.63 22.13 -24.59
CA ALA A 46 11.35 20.82 -24.65
C ALA A 46 12.34 20.87 -25.83
N ASP A 47 13.49 20.24 -25.71
CA ASP A 47 14.51 20.21 -26.80
C ASP A 47 14.54 18.82 -27.45
N THR A 48 13.97 17.80 -26.80
CA THR A 48 14.07 16.38 -27.22
C THR A 48 12.69 15.73 -27.20
N VAL A 49 12.52 14.73 -28.05
CA VAL A 49 11.38 13.81 -28.08
C VAL A 49 11.88 12.37 -27.95
N SER A 50 11.09 11.53 -27.31
CA SER A 50 11.50 10.15 -26.94
C SER A 50 10.39 9.16 -27.33
N THR A 51 10.78 8.03 -27.93
CA THR A 51 9.85 6.96 -28.38
C THR A 51 10.52 5.60 -28.40
N TYR A 52 9.71 4.62 -28.05
CA TYR A 52 9.97 3.20 -28.37
C TYR A 52 9.81 2.98 -29.88
N ILE A 53 10.62 2.04 -30.39
CA ILE A 53 10.46 1.49 -31.76
C ILE A 53 10.10 0.02 -31.57
N PRO A 54 8.80 -0.37 -31.59
CA PRO A 54 8.39 -1.69 -31.18
C PRO A 54 8.70 -2.73 -32.27
N TRP A 55 9.42 -3.75 -31.88
CA TRP A 55 9.82 -4.88 -32.75
C TRP A 55 8.56 -5.51 -33.34
N ASP A 56 7.54 -5.78 -32.53
CA ASP A 56 6.23 -6.29 -33.00
C ASP A 56 5.61 -5.39 -34.09
N TRP A 57 5.76 -4.08 -33.98
CA TRP A 57 5.08 -3.10 -34.86
C TRP A 57 5.73 -3.11 -36.26
N HIS A 58 7.04 -3.38 -36.33
CA HIS A 58 7.86 -3.19 -37.57
C HIS A 58 8.21 -4.52 -38.23
N GLU A 59 8.39 -5.61 -37.49
CA GLU A 59 8.58 -6.95 -38.10
C GLU A 59 7.22 -7.65 -38.10
N ILE A 60 6.40 -7.31 -39.10
CA ILE A 60 4.94 -7.57 -39.10
C ILE A 60 4.70 -9.08 -39.22
N GLU A 61 5.59 -9.77 -39.92
CA GLU A 61 5.69 -11.24 -39.95
C GLU A 61 7.17 -11.60 -39.95
N GLU A 62 7.50 -12.85 -39.68
CA GLU A 62 8.92 -13.24 -39.66
C GLU A 62 9.57 -12.82 -40.99
N ASP A 63 10.59 -11.97 -40.90
CA ASP A 63 11.48 -11.52 -42.02
C ASP A 63 10.70 -10.61 -42.97
N ASP A 64 9.61 -10.00 -42.49
CA ASP A 64 8.84 -8.99 -43.23
C ASP A 64 8.87 -7.67 -42.45
N PHE A 65 9.61 -6.67 -42.92
CA PHE A 65 9.84 -5.40 -42.18
C PHE A 65 9.12 -4.26 -42.88
N ASP A 66 8.58 -3.35 -42.07
CA ASP A 66 7.98 -2.10 -42.60
C ASP A 66 8.36 -0.96 -41.67
N PHE A 67 9.20 -0.05 -42.17
CA PHE A 67 9.58 1.19 -41.45
C PHE A 67 9.10 2.42 -42.23
N GLU A 68 8.31 2.18 -43.27
CA GLU A 68 7.98 3.22 -44.29
C GLU A 68 6.49 3.48 -44.37
N GLY A 69 5.67 2.84 -43.53
CA GLY A 69 4.21 2.99 -43.54
C GLY A 69 3.57 2.32 -44.76
N LYS A 70 4.18 1.28 -45.33
CA LYS A 70 3.64 0.56 -46.53
C LYS A 70 2.43 -0.29 -46.14
N THR A 71 2.36 -0.86 -44.95
CA THR A 71 1.25 -1.75 -44.53
C THR A 71 0.35 -1.08 -43.50
N HIS A 72 0.82 -0.03 -42.84
CA HIS A 72 0.04 0.80 -41.91
C HIS A 72 0.75 2.14 -41.85
N PRO A 73 0.02 3.27 -42.01
CA PRO A 73 0.67 4.57 -42.03
C PRO A 73 1.58 4.82 -40.81
N ALA A 74 1.23 4.29 -39.64
CA ALA A 74 1.94 4.61 -38.39
C ALA A 74 3.17 3.71 -38.27
N ARG A 75 3.46 2.87 -39.27
CA ARG A 75 4.74 2.11 -39.35
C ARG A 75 5.83 2.95 -40.02
N ASN A 76 5.51 4.20 -40.38
CA ASN A 76 6.42 5.13 -41.08
C ASN A 76 7.37 5.79 -40.07
N LEU A 77 8.22 4.99 -39.45
CA LEU A 77 9.30 5.47 -38.56
C LEU A 77 10.11 6.52 -39.30
N ILE A 78 10.47 6.24 -40.57
CA ILE A 78 11.41 7.11 -41.31
C ILE A 78 10.83 8.51 -41.35
N ARG A 79 9.54 8.62 -41.65
CA ARG A 79 8.89 9.95 -41.67
C ARG A 79 8.89 10.62 -40.28
N PHE A 80 8.67 9.86 -39.21
CA PHE A 80 8.66 10.43 -37.85
C PHE A 80 10.03 11.01 -37.53
N ILE A 81 11.08 10.27 -37.87
CA ILE A 81 12.46 10.77 -37.65
C ILE A 81 12.67 12.08 -38.43
N LYS A 82 12.27 12.13 -39.69
CA LYS A 82 12.42 13.34 -40.56
C LYS A 82 11.62 14.51 -39.97
N LEU A 83 10.44 14.25 -39.39
CA LEU A 83 9.60 15.32 -38.76
C LEU A 83 10.30 15.84 -37.50
N CYS A 84 10.91 14.97 -36.70
CA CYS A 84 11.67 15.41 -35.50
C CYS A 84 12.72 16.43 -35.95
N LYS A 85 13.48 16.12 -37.00
CA LYS A 85 14.53 17.02 -37.53
C LYS A 85 13.90 18.33 -38.03
N GLU A 86 12.78 18.27 -38.78
CA GLU A 86 12.12 19.48 -39.35
C GLU A 86 11.59 20.37 -38.22
N GLU A 87 11.21 19.81 -37.08
CA GLU A 87 10.61 20.60 -35.97
C GLU A 87 11.65 20.88 -34.87
N ASN A 88 12.93 20.70 -35.19
CA ASN A 88 14.06 21.11 -34.33
C ASN A 88 13.94 20.42 -32.98
N LEU A 89 13.61 19.14 -32.97
CA LEU A 89 13.71 18.30 -31.75
C LEU A 89 14.76 17.20 -31.98
N ASP A 90 15.64 17.03 -31.01
CA ASP A 90 16.50 15.81 -30.93
C ASP A 90 15.62 14.61 -30.54
N LEU A 91 16.10 13.40 -30.83
CA LEU A 91 15.31 12.16 -30.66
C LEU A 91 16.09 11.13 -29.84
N ILE A 92 15.42 10.59 -28.81
CA ILE A 92 15.82 9.38 -28.08
C ILE A 92 15.02 8.22 -28.67
N VAL A 93 15.72 7.18 -29.16
CA VAL A 93 15.06 5.97 -29.75
C VAL A 93 15.30 4.80 -28.82
N LYS A 94 14.31 3.92 -28.72
CA LYS A 94 14.34 2.79 -27.77
C LYS A 94 13.78 1.55 -28.47
N PRO A 95 14.61 0.81 -29.23
CA PRO A 95 14.11 -0.30 -30.06
C PRO A 95 14.01 -1.67 -29.37
N GLY A 96 14.27 -1.71 -28.06
CA GLY A 96 14.05 -2.96 -27.32
C GLY A 96 15.32 -3.83 -27.32
N PRO A 97 15.21 -5.17 -27.36
CA PRO A 97 14.02 -5.87 -27.84
C PRO A 97 12.77 -5.70 -26.95
N TYR A 98 12.89 -5.73 -25.62
CA TYR A 98 11.74 -5.43 -24.73
C TYR A 98 11.49 -3.92 -24.72
N ILE A 99 10.22 -3.49 -24.81
CA ILE A 99 9.81 -2.10 -24.54
C ILE A 99 8.84 -2.03 -23.37
N LEU A 100 8.15 -3.13 -23.02
CA LEU A 100 7.07 -3.14 -22.01
C LEU A 100 5.99 -2.16 -22.50
N ALA A 101 5.94 -0.95 -21.97
CA ALA A 101 5.17 0.19 -22.55
C ALA A 101 3.68 -0.16 -22.67
N GLU A 102 3.17 -1.07 -21.83
CA GLU A 102 1.77 -1.57 -21.94
C GLU A 102 1.45 -1.97 -23.37
N TYR A 103 2.41 -2.56 -24.09
CA TYR A 103 2.24 -3.08 -25.46
C TYR A 103 2.10 -4.60 -25.34
N GLU A 104 1.20 -5.20 -26.12
CA GLU A 104 0.98 -6.67 -26.10
C GLU A 104 2.34 -7.38 -26.18
N ASN A 105 2.55 -8.38 -25.34
CA ASN A 105 3.78 -9.24 -25.35
C ASN A 105 5.03 -8.41 -25.04
N GLN A 106 4.84 -7.26 -24.39
CA GLN A 106 5.89 -6.30 -23.97
C GLN A 106 6.65 -5.80 -25.20
N GLY A 107 6.07 -5.94 -26.39
CA GLY A 107 6.71 -5.41 -27.62
C GLY A 107 7.31 -6.49 -28.48
N LEU A 108 7.38 -7.73 -27.98
CA LEU A 108 7.92 -8.87 -28.75
C LEU A 108 6.85 -9.27 -29.75
N PRO A 109 7.21 -9.63 -31.00
CA PRO A 109 6.23 -10.07 -31.99
C PRO A 109 5.46 -11.32 -31.53
N SER A 110 4.14 -11.36 -31.76
CA SER A 110 3.30 -12.59 -31.57
C SER A 110 3.93 -13.76 -32.32
N TRP A 111 4.36 -13.57 -33.58
CA TRP A 111 4.92 -14.69 -34.41
C TRP A 111 6.18 -15.24 -33.71
N LEU A 112 6.94 -14.38 -33.04
CA LEU A 112 8.18 -14.84 -32.38
C LEU A 112 7.80 -15.75 -31.20
N LEU A 113 6.90 -15.30 -30.34
CA LEU A 113 6.57 -16.02 -29.09
C LEU A 113 5.89 -17.34 -29.45
N LYS A 114 5.19 -17.39 -30.58
CA LYS A 114 4.55 -18.64 -31.06
C LYS A 114 5.64 -19.60 -31.52
N LYS A 115 6.68 -19.10 -32.17
CA LYS A 115 7.67 -19.95 -32.83
C LYS A 115 8.76 -20.45 -31.87
N LEU A 116 9.13 -19.70 -30.85
CA LEU A 116 10.31 -20.04 -29.98
C LEU A 116 10.09 -21.42 -29.30
N SER A 117 11.15 -22.22 -29.16
CA SER A 117 11.14 -23.49 -28.37
C SER A 117 11.00 -23.14 -26.91
N LYS A 118 10.57 -24.11 -26.09
CA LYS A 118 10.34 -23.93 -24.64
C LYS A 118 11.61 -23.43 -23.93
N ASN A 119 12.79 -23.76 -24.45
CA ASN A 119 14.08 -23.41 -23.77
C ASN A 119 14.51 -21.98 -24.13
N ALA A 120 13.69 -21.22 -24.86
CA ALA A 120 13.88 -19.77 -25.05
C ALA A 120 13.35 -19.03 -23.83
N PHE A 121 12.45 -19.65 -23.06
CA PHE A 121 11.63 -18.98 -22.04
C PHE A 121 12.32 -19.06 -20.68
N ALA A 122 11.99 -18.10 -19.83
CA ALA A 122 12.33 -18.10 -18.39
C ALA A 122 11.49 -19.19 -17.71
N LEU A 123 12.13 -20.04 -16.91
CA LEU A 123 11.52 -21.27 -16.34
C LEU A 123 11.61 -21.19 -14.82
N ASP A 124 10.58 -21.68 -14.13
CA ASP A 124 10.60 -21.77 -12.65
C ASP A 124 11.42 -22.99 -12.22
N GLU A 125 11.48 -23.22 -10.90
CA GLU A 125 12.28 -24.32 -10.25
C GLU A 125 11.84 -25.68 -10.78
N ASN A 126 10.58 -25.81 -11.19
CA ASN A 126 9.99 -27.10 -11.65
C ASN A 126 10.05 -27.21 -13.18
N GLY A 127 10.71 -26.29 -13.89
CA GLY A 127 10.89 -26.40 -15.36
C GLY A 127 9.72 -25.82 -16.16
N ASN A 128 8.75 -25.18 -15.51
CA ASN A 128 7.53 -24.62 -16.18
C ASN A 128 7.75 -23.16 -16.61
N VAL A 129 7.12 -22.76 -17.72
CA VAL A 129 7.22 -21.39 -18.31
C VAL A 129 6.62 -20.42 -17.29
N ILE A 130 7.39 -19.45 -16.86
CA ILE A 130 6.92 -18.42 -15.90
C ILE A 130 5.83 -17.56 -16.57
N SER A 131 6.04 -17.14 -17.81
CA SER A 131 5.06 -16.25 -18.51
C SER A 131 5.27 -16.36 -20.02
N PRO A 132 4.18 -16.44 -20.83
CA PRO A 132 4.32 -16.69 -22.26
C PRO A 132 4.97 -15.54 -23.05
N ASP A 133 5.21 -14.38 -22.43
CA ASP A 133 5.99 -13.29 -23.09
C ASP A 133 7.34 -13.05 -22.40
N LEU A 134 7.79 -13.96 -21.50
CA LEU A 134 9.03 -13.76 -20.71
C LEU A 134 10.10 -14.72 -21.23
N VAL A 135 11.01 -14.20 -22.06
CA VAL A 135 12.16 -14.98 -22.60
C VAL A 135 13.24 -15.01 -21.52
N SER A 136 14.12 -15.99 -21.66
CA SER A 136 15.45 -16.04 -21.01
C SER A 136 16.38 -15.10 -21.77
N TYR A 137 16.91 -14.09 -21.09
CA TYR A 137 17.70 -13.03 -21.77
C TYR A 137 18.82 -13.61 -22.65
N LEU A 138 19.51 -14.65 -22.17
CA LEU A 138 20.68 -15.17 -22.93
C LEU A 138 20.27 -16.43 -23.71
N SER A 139 18.99 -16.68 -23.93
CA SER A 139 18.52 -17.77 -24.83
C SER A 139 19.22 -17.59 -26.18
N ASP A 140 19.83 -18.65 -26.73
CA ASP A 140 20.47 -18.49 -28.06
C ASP A 140 19.39 -18.10 -29.07
N GLU A 141 18.20 -18.67 -28.97
CA GLU A 141 17.12 -18.44 -29.95
C GLU A 141 16.69 -16.97 -29.88
N PHE A 142 16.43 -16.49 -28.67
CA PHE A 142 16.05 -15.07 -28.40
C PHE A 142 17.09 -14.12 -29.02
N LEU A 143 18.38 -14.33 -28.75
CA LEU A 143 19.45 -13.43 -29.21
C LEU A 143 19.57 -13.53 -30.73
N GLU A 144 19.32 -14.70 -31.33
CA GLU A 144 19.39 -14.82 -32.83
C GLU A 144 18.33 -13.90 -33.45
N TYR A 145 17.09 -13.96 -32.96
CA TYR A 145 15.98 -13.14 -33.48
C TYR A 145 16.20 -11.67 -33.11
N THR A 146 16.68 -11.41 -31.91
CA THR A 146 16.93 -10.02 -31.48
C THR A 146 17.94 -9.44 -32.48
N PHE A 147 18.96 -10.20 -32.85
CA PHE A 147 20.03 -9.71 -33.74
C PHE A 147 19.44 -9.41 -35.13
N LYS A 148 18.53 -10.26 -35.61
CA LYS A 148 17.89 -10.04 -36.93
C LYS A 148 17.02 -8.78 -36.89
N TRP A 149 16.37 -8.48 -35.76
CA TRP A 149 15.62 -7.23 -35.58
C TRP A 149 16.57 -6.03 -35.58
N TYR A 150 17.67 -6.12 -34.82
CA TYR A 150 18.73 -5.09 -34.80
C TYR A 150 19.31 -4.89 -36.19
N ASP A 151 19.51 -5.97 -36.95
CA ASP A 151 20.05 -5.86 -38.34
C ASP A 151 19.20 -4.92 -39.20
N LYS A 152 17.88 -4.78 -38.94
CA LYS A 152 16.97 -3.91 -39.73
C LYS A 152 16.81 -2.52 -39.11
N VAL A 153 16.68 -2.42 -37.79
CA VAL A 153 16.34 -1.10 -37.15
C VAL A 153 17.64 -0.33 -36.91
N MET A 154 18.76 -1.01 -36.68
CA MET A 154 20.01 -0.29 -36.28
C MET A 154 20.60 0.50 -37.46
N PRO A 155 20.53 0.05 -38.75
CA PRO A 155 21.04 0.87 -39.85
C PRO A 155 20.28 2.19 -40.02
N ILE A 156 18.99 2.16 -39.70
CA ILE A 156 18.13 3.37 -39.72
C ILE A 156 18.60 4.31 -38.60
N ILE A 157 18.73 3.82 -37.37
CA ILE A 157 19.24 4.64 -36.23
C ILE A 157 20.63 5.20 -36.55
N SER A 158 21.54 4.38 -37.10
CA SER A 158 22.90 4.79 -37.42
C SER A 158 22.87 5.94 -38.43
N LYS A 159 22.05 5.84 -39.47
CA LYS A 159 22.00 6.86 -40.57
C LYS A 159 21.49 8.20 -40.03
N HIS A 160 20.67 8.18 -38.97
CA HIS A 160 19.93 9.38 -38.48
C HIS A 160 20.52 9.91 -37.16
N GLN A 161 21.73 9.50 -36.82
CA GLN A 161 22.47 10.01 -35.63
C GLN A 161 22.88 11.48 -35.80
N LYS A 162 23.04 12.20 -34.68
CA LYS A 162 23.48 13.60 -34.65
C LYS A 162 24.75 13.74 -35.49
N GLU A 163 25.71 12.81 -35.40
CA GLU A 163 27.00 13.06 -36.10
C GLU A 163 26.80 13.04 -37.61
N HIS A 164 25.73 12.44 -38.13
CA HIS A 164 25.37 12.48 -39.57
C HIS A 164 24.28 13.54 -39.81
N TYR A 165 24.13 14.52 -38.94
CA TYR A 165 23.19 15.68 -39.05
C TYR A 165 21.75 15.23 -38.86
N GLY A 166 21.49 14.01 -38.37
CA GLY A 166 20.16 13.55 -38.03
C GLY A 166 19.81 13.98 -36.61
N PRO A 167 18.58 13.70 -36.15
CA PRO A 167 18.12 14.15 -34.83
C PRO A 167 18.48 13.23 -33.65
N ILE A 168 18.95 12.02 -33.93
CA ILE A 168 19.07 10.96 -32.87
C ILE A 168 20.30 11.24 -32.01
N THR A 169 20.10 11.51 -30.71
CA THR A 169 21.20 11.82 -29.75
C THR A 169 21.40 10.71 -28.72
N MET A 170 20.44 9.82 -28.50
CA MET A 170 20.55 8.79 -27.43
C MET A 170 19.73 7.58 -27.83
N MET A 171 20.12 6.39 -27.38
CA MET A 171 19.35 5.16 -27.56
C MET A 171 19.37 4.36 -26.26
N GLN A 172 18.20 3.88 -25.87
CA GLN A 172 18.04 2.96 -24.73
C GLN A 172 18.24 1.52 -25.22
N LEU A 173 19.02 0.75 -24.45
CA LEU A 173 19.16 -0.68 -24.69
C LEU A 173 18.07 -1.41 -23.91
N CYS A 174 17.21 -2.17 -24.60
CA CYS A 174 16.17 -3.00 -23.98
C CYS A 174 15.34 -2.11 -23.07
N ASN A 175 14.80 -2.61 -21.97
CA ASN A 175 13.94 -1.76 -21.10
C ASN A 175 13.87 -2.38 -19.70
N GLU A 176 14.29 -1.66 -18.67
CA GLU A 176 14.17 -2.11 -17.24
C GLU A 176 14.58 -3.58 -17.09
N ILE A 177 15.82 -3.89 -17.44
CA ILE A 177 16.33 -5.28 -17.38
C ILE A 177 16.02 -5.85 -15.99
N GLY A 178 15.44 -7.04 -15.99
CA GLY A 178 15.07 -7.79 -14.79
C GLY A 178 13.74 -7.41 -14.19
N VAL A 179 13.00 -6.46 -14.72
CA VAL A 179 11.74 -5.96 -14.09
C VAL A 179 10.73 -7.12 -13.94
N PHE A 180 10.81 -8.21 -14.73
CA PHE A 180 9.89 -9.38 -14.63
C PHE A 180 10.36 -10.43 -13.61
N GLN A 181 11.65 -10.70 -13.48
CA GLN A 181 12.19 -11.48 -12.32
C GLN A 181 11.71 -10.84 -10.98
N TRP A 182 11.49 -9.51 -10.98
CA TRP A 182 10.98 -8.75 -9.80
C TRP A 182 9.45 -8.90 -9.69
N LEU A 183 8.70 -8.48 -10.72
CA LEU A 183 7.21 -8.35 -10.74
C LEU A 183 6.53 -9.72 -10.70
N SER A 184 6.91 -10.63 -11.60
CA SER A 184 6.36 -12.01 -11.77
C SER A 184 6.42 -12.70 -10.42
N GLY A 185 7.45 -12.30 -9.65
CA GLY A 185 7.76 -12.76 -8.29
C GLY A 185 8.50 -14.06 -8.28
N LYS A 186 9.39 -14.31 -9.28
CA LYS A 186 10.00 -15.63 -9.60
C LYS A 186 11.25 -15.47 -10.48
N SER A 187 12.31 -16.23 -10.20
CA SER A 187 13.64 -16.13 -10.86
C SER A 187 13.82 -17.20 -11.94
N ASP A 188 14.76 -17.00 -12.86
CA ASP A 188 14.90 -17.78 -14.13
C ASP A 188 15.82 -19.01 -13.94
N TYR A 189 15.24 -20.20 -13.89
CA TYR A 189 15.99 -21.49 -13.76
C TYR A 189 16.18 -22.15 -15.14
N ASN A 190 16.08 -21.38 -16.23
CA ASN A 190 16.43 -21.86 -17.59
C ASN A 190 17.78 -22.56 -17.51
N PRO A 191 18.04 -23.67 -18.25
CA PRO A 191 19.30 -24.40 -18.13
C PRO A 191 20.53 -23.60 -18.62
N LYS A 192 20.36 -22.68 -19.57
CA LYS A 192 21.44 -21.76 -20.03
C LYS A 192 21.93 -20.96 -18.82
N VAL A 193 20.99 -20.52 -17.97
CA VAL A 193 21.21 -19.68 -16.77
C VAL A 193 21.92 -20.55 -15.71
N ILE A 194 21.34 -21.70 -15.36
CA ILE A 194 21.92 -22.66 -14.38
C ILE A 194 23.35 -23.05 -14.81
N ASN A 195 23.59 -23.32 -16.09
CA ASN A 195 24.96 -23.71 -16.55
C ASN A 195 25.90 -22.51 -16.42
N LEU A 196 25.46 -21.29 -16.75
CA LEU A 196 26.29 -20.09 -16.54
C LEU A 196 26.58 -19.92 -15.04
N TYR A 197 25.60 -20.15 -14.18
CA TYR A 197 25.79 -20.05 -12.72
C TYR A 197 26.89 -21.05 -12.27
N LYS A 198 26.82 -22.30 -12.69
CA LYS A 198 27.81 -23.35 -12.34
C LYS A 198 29.21 -22.89 -12.77
N GLU A 199 29.33 -22.31 -13.98
CA GLU A 199 30.64 -21.77 -14.47
C GLU A 199 31.08 -20.66 -13.53
N PHE A 200 30.16 -19.77 -13.14
CA PHE A 200 30.48 -18.62 -12.26
C PHE A 200 31.03 -19.14 -10.92
N ILE A 201 30.38 -20.15 -10.34
CA ILE A 201 30.80 -20.72 -9.03
C ILE A 201 32.20 -21.33 -9.13
N ILE A 202 32.46 -22.12 -10.17
CA ILE A 202 33.78 -22.82 -10.37
C ILE A 202 34.87 -21.75 -10.51
N GLN A 203 34.57 -20.69 -11.27
CA GLN A 203 35.52 -19.57 -11.47
C GLN A 203 35.74 -18.87 -10.14
N ARG A 204 34.69 -18.66 -9.34
CA ARG A 204 34.81 -17.94 -8.07
C ARG A 204 35.66 -18.76 -7.06
N TYR A 205 35.40 -20.06 -6.91
CA TYR A 205 35.93 -20.91 -5.80
C TYR A 205 37.06 -21.85 -6.23
N LYS A 206 37.14 -22.25 -7.49
CA LYS A 206 38.26 -23.05 -8.08
C LYS A 206 38.18 -24.51 -7.65
N THR A 207 37.96 -24.79 -6.35
CA THR A 207 37.92 -26.17 -5.83
C THR A 207 36.68 -26.34 -4.96
N ILE A 208 36.15 -27.54 -4.96
CA ILE A 208 34.97 -27.82 -4.13
C ILE A 208 35.34 -27.62 -2.66
N GLU A 209 36.60 -27.86 -2.29
CA GLU A 209 37.04 -27.74 -0.89
C GLU A 209 36.95 -26.28 -0.44
N LYS A 210 37.37 -25.34 -1.29
CA LYS A 210 37.28 -23.89 -0.99
C LYS A 210 35.81 -23.49 -0.85
N LEU A 211 34.92 -23.94 -1.73
CA LEU A 211 33.47 -23.62 -1.63
C LEU A 211 32.96 -24.20 -0.31
N ASN A 212 33.27 -25.46 -0.01
CA ASN A 212 32.80 -26.15 1.23
C ASN A 212 33.28 -25.39 2.47
N SER A 213 34.49 -24.84 2.46
CA SER A 213 35.05 -24.07 3.60
C SER A 213 34.24 -22.79 3.81
N VAL A 214 33.78 -22.13 2.74
CA VAL A 214 33.00 -20.85 2.89
C VAL A 214 31.55 -21.17 3.27
N TYR A 215 30.89 -22.11 2.55
CA TYR A 215 29.45 -22.43 2.73
C TYR A 215 29.20 -23.32 3.96
N SER A 216 30.24 -23.97 4.50
CA SER A 216 30.16 -25.10 5.48
C SER A 216 29.30 -26.25 4.88
N THR A 217 29.54 -26.60 3.64
CA THR A 217 28.86 -27.74 2.98
C THR A 217 29.87 -28.90 2.84
N ASN A 218 29.37 -30.05 2.40
CA ASN A 218 30.16 -31.31 2.30
C ASN A 218 30.01 -31.90 0.88
N TYR A 219 30.08 -31.09 -0.17
CA TYR A 219 29.97 -31.57 -1.57
C TYR A 219 31.23 -32.39 -1.88
N ASN A 220 31.07 -33.47 -2.64
CA ASN A 220 32.22 -34.25 -3.17
C ASN A 220 32.78 -33.62 -4.43
N SER A 221 31.96 -32.89 -5.20
CA SER A 221 32.42 -32.22 -6.44
C SER A 221 31.49 -31.09 -6.82
N PHE A 222 31.91 -30.24 -7.74
CA PHE A 222 31.06 -29.13 -8.25
C PHE A 222 29.81 -29.70 -8.94
N ASP A 223 29.85 -30.95 -9.41
CA ASP A 223 28.69 -31.63 -10.07
C ASP A 223 27.55 -31.82 -9.06
N ASP A 224 27.84 -31.87 -7.76
CA ASP A 224 26.82 -32.08 -6.70
C ASP A 224 26.09 -30.77 -6.37
N LEU A 225 26.62 -29.61 -6.74
CA LEU A 225 26.08 -28.26 -6.43
C LEU A 225 24.93 -27.97 -7.41
N LYS A 226 23.76 -27.65 -6.88
CA LYS A 226 22.52 -27.33 -7.65
C LYS A 226 22.23 -25.84 -7.43
N ALA A 227 21.56 -25.17 -8.37
CA ALA A 227 21.16 -23.75 -8.16
C ALA A 227 20.26 -23.73 -6.94
N PRO A 228 20.45 -22.79 -5.99
CA PRO A 228 19.56 -22.74 -4.83
C PRO A 228 18.10 -22.47 -5.23
N SER A 229 17.17 -23.16 -4.57
CA SER A 229 15.70 -23.00 -4.67
C SER A 229 15.08 -23.25 -3.30
N GLY A 230 13.82 -22.89 -3.14
CA GLY A 230 13.09 -23.04 -1.87
C GLY A 230 13.62 -22.10 -0.80
N LYS A 231 13.15 -22.28 0.42
CA LYS A 231 13.39 -21.35 1.53
C LYS A 231 14.81 -21.56 2.05
N ILE A 232 15.43 -20.50 2.56
CA ILE A 232 16.73 -20.57 3.29
C ILE A 232 16.47 -21.10 4.72
N LYS A 233 17.06 -22.26 5.06
CA LYS A 233 16.92 -22.88 6.42
C LYS A 233 18.26 -22.90 7.15
N LEU A 234 19.36 -22.97 6.41
CA LEU A 234 20.74 -23.08 6.92
C LEU A 234 21.54 -21.87 6.41
N ARG A 235 22.63 -21.52 7.10
CA ARG A 235 23.56 -20.45 6.65
C ARG A 235 24.16 -20.87 5.32
N SER A 236 24.25 -22.18 5.05
CA SER A 236 24.82 -22.65 3.76
C SER A 236 23.84 -22.30 2.61
N ASP A 237 22.54 -22.31 2.88
CA ASP A 237 21.51 -21.92 1.86
C ASP A 237 21.65 -20.41 1.58
N TYR A 238 21.93 -19.60 2.63
CA TYR A 238 22.05 -18.13 2.54
C TYR A 238 23.27 -17.81 1.67
N CYS A 239 24.38 -18.50 1.92
CA CYS A 239 25.63 -18.39 1.12
C CYS A 239 25.35 -18.68 -0.36
N ALA A 240 24.63 -19.77 -0.65
CA ALA A 240 24.36 -20.20 -2.03
C ALA A 240 23.51 -19.11 -2.70
N TYR A 241 22.49 -18.61 -2.00
CA TYR A 241 21.61 -17.56 -2.56
C TYR A 241 22.39 -16.26 -2.76
N PHE A 242 23.33 -15.95 -1.87
CA PHE A 242 24.10 -14.70 -1.96
C PHE A 242 24.91 -14.75 -3.26
N ASP A 243 25.58 -15.87 -3.52
CA ASP A 243 26.39 -16.02 -4.77
C ASP A 243 25.46 -16.04 -6.00
N PHE A 244 24.23 -16.54 -5.86
CA PHE A 244 23.21 -16.56 -6.94
C PHE A 244 22.85 -15.11 -7.30
N HIS A 245 22.71 -14.23 -6.28
CA HIS A 245 22.49 -12.76 -6.47
C HIS A 245 23.67 -12.18 -7.24
N LEU A 246 24.91 -12.45 -6.79
CA LEU A 246 26.16 -11.98 -7.44
C LEU A 246 26.15 -12.43 -8.89
N PHE A 247 25.75 -13.67 -9.13
CA PHE A 247 25.70 -14.23 -10.50
C PHE A 247 24.69 -13.46 -11.36
N PHE A 248 23.49 -13.18 -10.86
CA PHE A 248 22.49 -12.46 -11.68
C PHE A 248 23.00 -11.07 -12.06
N ARG A 249 23.82 -10.43 -11.23
CA ARG A 249 24.39 -9.11 -11.61
C ARG A 249 25.36 -9.29 -12.77
N GLU A 250 26.18 -10.36 -12.76
CA GLU A 250 27.06 -10.69 -13.90
C GLU A 250 26.22 -11.06 -15.13
N TYR A 251 25.15 -11.83 -14.93
CA TYR A 251 24.21 -12.23 -16.00
C TYR A 251 23.65 -10.97 -16.72
N TYR A 252 23.11 -9.98 -16.01
CA TYR A 252 22.50 -8.78 -16.66
C TYR A 252 23.60 -8.01 -17.40
N ASN A 253 24.81 -7.97 -16.83
CA ASN A 253 25.94 -7.30 -17.48
C ASN A 253 26.30 -8.03 -18.78
N LYS A 254 26.23 -9.35 -18.80
CA LYS A 254 26.56 -10.11 -20.04
C LYS A 254 25.50 -9.78 -21.13
N TYR A 255 24.22 -9.73 -20.74
CA TYR A 255 23.09 -9.42 -21.65
C TYR A 255 23.33 -8.03 -22.25
N ILE A 256 23.46 -7.01 -21.41
CA ILE A 256 23.56 -5.63 -21.95
C ILE A 256 24.86 -5.49 -22.76
N SER A 257 25.93 -6.18 -22.37
CA SER A 257 27.25 -6.19 -23.05
C SER A 257 27.09 -6.74 -24.47
N ILE A 258 26.32 -7.82 -24.60
CA ILE A 258 26.05 -8.44 -25.93
C ILE A 258 25.25 -7.45 -26.81
N LEU A 259 24.21 -6.82 -26.26
CA LEU A 259 23.43 -5.82 -27.04
C LEU A 259 24.34 -4.67 -27.45
N LYS A 260 25.15 -4.15 -26.54
CA LYS A 260 26.01 -2.98 -26.81
C LYS A 260 27.02 -3.31 -27.93
N ASN A 261 27.70 -4.46 -27.82
CA ASN A 261 28.70 -4.88 -28.84
C ASN A 261 28.03 -4.94 -30.22
N LYS A 262 26.83 -5.50 -30.28
CA LYS A 262 26.06 -5.61 -31.55
C LYS A 262 25.78 -4.20 -32.09
N ILE A 263 25.24 -3.32 -31.24
CA ILE A 263 24.85 -1.94 -31.62
C ILE A 263 26.06 -1.18 -32.15
N ARG A 264 27.20 -1.31 -31.49
CA ARG A 264 28.42 -0.53 -31.86
C ARG A 264 28.87 -0.95 -33.26
N SER A 265 28.62 -2.19 -33.67
CA SER A 265 29.09 -2.72 -34.98
C SER A 265 28.36 -2.02 -36.15
N PHE A 266 27.26 -1.27 -35.92
CA PHE A 266 26.54 -0.50 -36.96
C PHE A 266 27.08 0.92 -37.11
N GLY A 267 28.13 1.28 -36.39
CA GLY A 267 28.67 2.65 -36.43
C GLY A 267 27.82 3.58 -35.61
N ILE A 268 27.12 3.05 -34.63
CA ILE A 268 26.29 3.86 -33.71
C ILE A 268 27.19 4.32 -32.56
N ASN A 269 27.48 5.63 -32.52
CA ASN A 269 28.40 6.23 -31.52
C ASN A 269 27.64 7.13 -30.54
N ILE A 270 26.33 7.32 -30.67
CA ILE A 270 25.51 8.15 -29.71
C ILE A 270 25.57 7.57 -28.30
N LYS A 271 25.09 8.37 -27.34
CA LYS A 271 24.99 7.98 -25.91
C LYS A 271 23.99 6.83 -25.76
N LEU A 272 24.36 5.79 -25.04
CA LEU A 272 23.49 4.63 -24.74
C LEU A 272 22.93 4.79 -23.32
N THR A 273 21.68 4.40 -23.12
CA THR A 273 20.95 4.61 -21.85
C THR A 273 20.36 3.30 -21.37
N HIS A 274 19.99 3.29 -20.10
CA HIS A 274 19.12 2.23 -19.57
C HIS A 274 18.27 2.90 -18.50
N ASN A 275 17.20 2.23 -18.07
CA ASN A 275 16.17 2.87 -17.24
C ASN A 275 15.84 1.99 -16.06
N ILE A 276 15.68 2.63 -14.91
CA ILE A 276 15.56 1.94 -13.60
C ILE A 276 14.11 1.88 -13.12
N PRO A 277 13.55 0.65 -12.98
CA PRO A 277 12.22 0.45 -12.41
C PRO A 277 12.26 0.53 -10.88
N GLY A 278 11.09 0.50 -10.23
CA GLY A 278 11.04 0.25 -8.78
C GLY A 278 9.96 1.01 -8.05
N TRP A 279 9.33 1.98 -8.70
CA TRP A 279 8.19 2.66 -8.03
C TRP A 279 6.99 1.73 -8.13
N ILE A 280 6.19 1.65 -7.07
CA ILE A 280 4.87 0.97 -7.17
C ILE A 280 4.00 1.55 -6.04
N TYR A 281 2.75 1.79 -6.32
CA TYR A 281 1.76 2.40 -5.40
C TYR A 281 2.24 3.78 -4.96
N GLY A 282 3.06 4.46 -5.77
CA GLY A 282 3.49 5.84 -5.48
C GLY A 282 4.64 5.98 -4.49
N ASN A 283 5.34 4.89 -4.17
CA ASN A 283 6.60 5.00 -3.40
C ASN A 283 7.66 4.12 -4.03
N ALA A 284 8.90 4.34 -3.64
CA ALA A 284 10.07 3.77 -4.34
C ALA A 284 11.01 3.09 -3.36
N SER A 285 10.50 2.62 -2.22
CA SER A 285 11.34 1.97 -1.17
C SER A 285 12.02 0.70 -1.74
N GLU A 286 11.54 0.12 -2.83
CA GLU A 286 12.11 -1.12 -3.42
C GLU A 286 13.06 -0.75 -4.56
N LEU A 287 13.03 0.50 -5.03
CA LEU A 287 13.90 0.86 -6.19
C LEU A 287 15.37 0.60 -5.88
N PRO A 288 15.85 0.88 -4.65
CA PRO A 288 17.26 0.59 -4.32
C PRO A 288 17.67 -0.87 -4.55
N MET A 289 16.77 -1.80 -4.34
CA MET A 289 17.01 -3.24 -4.63
C MET A 289 17.20 -3.41 -6.14
N LEU A 290 16.34 -2.77 -6.95
CA LEU A 290 16.40 -2.91 -8.43
C LEU A 290 17.67 -2.23 -8.95
N ILE A 291 18.01 -1.05 -8.46
CA ILE A 291 19.25 -0.40 -8.96
C ILE A 291 20.45 -1.27 -8.57
N SER A 292 20.41 -1.98 -7.45
CA SER A 292 21.53 -2.87 -7.02
C SER A 292 21.71 -4.00 -8.03
N THR A 293 20.68 -4.37 -8.79
CA THR A 293 20.80 -5.46 -9.78
C THR A 293 21.67 -4.99 -10.98
N TYR A 294 21.92 -3.68 -11.12
CA TYR A 294 22.73 -3.08 -12.20
C TYR A 294 24.20 -2.81 -11.73
N SER A 295 24.60 -3.32 -10.57
CA SER A 295 25.92 -2.98 -9.95
C SER A 295 27.04 -3.33 -10.94
N GLU A 296 26.96 -4.46 -11.63
CA GLU A 296 28.07 -4.92 -12.50
C GLU A 296 27.99 -4.19 -13.84
N ILE A 297 26.80 -3.88 -14.36
CA ILE A 297 26.73 -3.02 -15.57
C ILE A 297 27.41 -1.66 -15.31
N MET A 298 27.05 -1.00 -14.22
CA MET A 298 27.54 0.38 -13.95
C MET A 298 29.07 0.38 -13.72
N LYS A 299 29.65 -0.68 -13.16
CA LYS A 299 31.13 -0.78 -13.00
C LYS A 299 31.78 -1.02 -14.38
N ASN A 300 31.14 -1.78 -15.26
CA ASN A 300 31.80 -2.19 -16.53
C ASN A 300 31.52 -1.24 -17.68
N HIS A 301 30.48 -0.41 -17.63
CA HIS A 301 30.04 0.39 -18.80
C HIS A 301 29.94 1.84 -18.37
N PRO A 302 31.06 2.58 -18.37
CA PRO A 302 31.04 4.00 -18.03
C PRO A 302 30.26 4.80 -19.08
N ASP A 303 30.04 4.24 -20.27
CA ASP A 303 29.40 4.92 -21.43
C ASP A 303 27.89 4.60 -21.50
N ILE A 304 27.30 3.88 -20.53
CA ILE A 304 25.83 3.65 -20.51
C ILE A 304 25.25 4.47 -19.36
N ILE A 305 24.45 5.48 -19.65
CA ILE A 305 23.90 6.34 -18.57
C ILE A 305 22.55 5.76 -18.13
N PHE A 306 22.42 5.44 -16.85
CA PHE A 306 21.13 5.01 -16.27
C PHE A 306 20.35 6.24 -15.84
N GLY A 307 19.05 6.24 -16.17
CA GLY A 307 18.07 7.23 -15.68
C GLY A 307 16.98 6.56 -14.87
N LEU A 308 16.26 7.34 -14.05
CA LEU A 308 15.20 6.81 -13.16
C LEU A 308 13.84 6.84 -13.87
N ASP A 309 13.00 5.85 -13.56
CA ASP A 309 11.59 5.82 -14.02
C ASP A 309 10.69 6.23 -12.85
N HIS A 310 10.49 7.53 -12.66
CA HIS A 310 9.77 8.09 -11.50
C HIS A 310 8.26 7.99 -11.76
N ILE A 311 7.53 7.34 -10.84
CA ILE A 311 6.05 7.17 -10.89
C ILE A 311 5.46 7.48 -9.52
N PRO A 312 5.46 8.76 -9.09
CA PRO A 312 4.91 9.10 -7.77
C PRO A 312 3.41 8.98 -7.57
N GLU A 313 2.61 9.13 -8.63
CA GLU A 313 1.12 9.00 -8.68
C GLU A 313 0.41 10.16 -7.96
N PHE A 314 0.95 10.64 -6.84
CA PHE A 314 0.47 11.80 -6.08
C PHE A 314 1.70 12.45 -5.45
N VAL A 315 1.54 13.58 -4.79
CA VAL A 315 2.68 14.32 -4.20
C VAL A 315 2.25 14.78 -2.82
N SER A 316 2.65 14.04 -1.78
CA SER A 316 2.27 14.40 -0.39
C SER A 316 3.40 13.96 0.54
N PHE A 317 3.23 14.21 1.82
CA PHE A 317 4.20 13.71 2.82
C PHE A 317 4.29 12.16 2.74
N ARG A 318 3.25 11.51 2.25
CA ARG A 318 3.22 10.01 2.22
C ARG A 318 4.33 9.50 1.30
N ASN A 319 4.76 10.25 0.29
CA ASN A 319 5.82 9.77 -0.63
C ASN A 319 6.90 10.85 -0.88
N ALA A 320 6.94 11.94 -0.12
CA ALA A 320 7.83 13.09 -0.42
C ALA A 320 9.31 12.66 -0.50
N HIS A 321 9.70 11.69 0.32
CA HIS A 321 11.09 11.22 0.49
C HIS A 321 11.51 10.27 -0.64
N SER A 322 10.61 9.66 -1.42
CA SER A 322 11.03 8.61 -2.38
C SER A 322 11.95 9.18 -3.48
N ASP A 323 11.61 10.33 -4.07
CA ASP A 323 12.34 10.83 -5.27
C ASP A 323 13.74 11.28 -4.83
N LEU A 324 13.87 11.97 -3.68
CA LEU A 324 15.20 12.42 -3.21
C LEU A 324 16.09 11.21 -2.93
N ALA A 325 15.61 10.24 -2.17
CA ALA A 325 16.40 9.03 -1.79
C ALA A 325 16.84 8.30 -3.07
N CYS A 326 15.94 8.16 -4.05
CA CYS A 326 16.29 7.54 -5.37
C CYS A 326 17.34 8.37 -6.12
N ASN A 327 17.18 9.68 -6.21
CA ASN A 327 18.14 10.55 -6.93
C ASN A 327 19.52 10.44 -6.25
N LYS A 328 19.54 10.42 -4.93
CA LYS A 328 20.81 10.31 -4.15
C LYS A 328 21.47 8.96 -4.34
N ILE A 329 20.70 7.86 -4.40
CA ILE A 329 21.26 6.50 -4.56
C ILE A 329 21.77 6.33 -6.00
N LEU A 330 21.11 6.90 -6.99
CA LEU A 330 21.63 6.83 -8.38
C LEU A 330 22.97 7.57 -8.42
N GLU A 331 23.02 8.76 -7.84
CA GLU A 331 24.27 9.53 -7.78
C GLU A 331 25.35 8.68 -7.11
N ALA A 332 25.04 7.98 -6.04
CA ALA A 332 26.05 7.16 -5.35
C ALA A 332 26.60 6.08 -6.31
N MET A 333 25.76 5.45 -7.11
CA MET A 333 26.20 4.30 -7.92
C MET A 333 26.74 4.83 -9.25
N GLN A 334 26.36 6.04 -9.64
CA GLN A 334 26.73 6.59 -10.98
C GLN A 334 27.19 8.03 -10.80
N PRO A 335 28.29 8.26 -10.06
CA PRO A 335 28.73 9.62 -9.75
C PRO A 335 29.26 10.46 -10.91
N GLU A 336 29.63 9.86 -12.05
CA GLU A 336 30.25 10.58 -13.19
C GLU A 336 29.19 11.01 -14.22
N ALA A 337 27.91 10.73 -14.01
CA ALA A 337 26.86 11.17 -14.97
C ALA A 337 25.79 11.95 -14.22
N PRO A 338 25.09 12.83 -14.93
CA PRO A 338 23.99 13.54 -14.31
C PRO A 338 22.92 12.57 -13.81
N VAL A 339 22.27 12.94 -12.72
CA VAL A 339 21.00 12.33 -12.25
C VAL A 339 19.87 12.83 -13.14
N TRP A 340 19.17 11.91 -13.77
CA TRP A 340 18.09 12.27 -14.72
C TRP A 340 17.01 11.18 -14.71
N ALA A 341 15.81 11.57 -15.17
CA ALA A 341 14.67 10.63 -15.23
C ALA A 341 14.39 10.23 -16.68
N ALA A 342 14.70 8.98 -17.03
CA ALA A 342 14.38 8.36 -18.34
C ALA A 342 12.86 8.38 -18.59
N GLN A 343 12.07 8.27 -17.53
CA GLN A 343 10.60 8.33 -17.57
C GLN A 343 10.19 9.14 -16.34
N PHE A 344 9.58 10.30 -16.58
CA PHE A 344 9.27 11.29 -15.55
C PHE A 344 7.78 11.51 -15.61
N GLN A 345 7.04 11.03 -14.61
CA GLN A 345 5.57 10.90 -14.71
C GLN A 345 4.91 12.17 -15.28
N ALA A 346 4.06 11.94 -16.29
CA ALA A 346 3.15 12.89 -16.93
C ALA A 346 1.90 12.09 -17.28
N GLY A 347 0.76 12.49 -16.71
CA GLY A 347 -0.46 11.71 -16.82
C GLY A 347 -0.28 10.41 -16.06
N THR A 348 -1.14 9.47 -16.32
CA THR A 348 -1.17 8.19 -15.58
C THR A 348 -1.34 7.06 -16.58
N ARG A 349 -0.63 5.97 -16.33
CA ARG A 349 -0.79 4.71 -17.10
C ARG A 349 -2.12 4.02 -16.78
N GLU A 350 -2.75 4.31 -15.62
CA GLU A 350 -3.93 3.55 -15.10
C GLU A 350 -5.10 4.50 -14.88
N HIS A 351 -6.22 4.30 -15.57
CA HIS A 351 -7.38 5.23 -15.50
C HIS A 351 -7.83 5.47 -14.05
N HIS A 352 -7.80 4.43 -13.25
CA HIS A 352 -8.30 4.44 -11.85
C HIS A 352 -7.28 5.09 -10.89
N VAL A 353 -6.10 5.46 -11.38
CA VAL A 353 -5.03 6.02 -10.53
C VAL A 353 -4.74 7.40 -11.08
N LYS A 354 -5.42 8.41 -10.56
CA LYS A 354 -5.43 9.76 -11.19
C LYS A 354 -4.07 10.42 -11.01
N ALA A 355 -3.70 11.26 -11.98
CA ALA A 355 -2.48 12.09 -12.00
C ALA A 355 -2.91 13.53 -12.21
N TYR A 356 -2.98 14.33 -11.14
CA TYR A 356 -3.42 15.73 -11.19
C TYR A 356 -2.27 16.64 -11.61
N ALA A 357 -2.53 17.56 -12.53
CA ALA A 357 -1.57 18.55 -13.01
C ALA A 357 -0.99 19.29 -11.80
N LYS A 358 -1.81 19.67 -10.82
CA LYS A 358 -1.31 20.42 -9.64
C LYS A 358 -0.44 19.56 -8.71
N ASP A 359 -0.60 18.25 -8.67
CA ASP A 359 0.37 17.36 -8.00
C ASP A 359 1.68 17.31 -8.83
N LEU A 360 1.57 17.00 -10.10
CA LEU A 360 2.79 16.70 -10.92
C LEU A 360 3.62 17.97 -11.06
N GLU A 361 2.98 19.14 -11.16
CA GLU A 361 3.70 20.42 -11.23
C GLU A 361 4.63 20.56 -10.02
N THR A 362 4.12 20.29 -8.81
CA THR A 362 4.93 20.33 -7.58
C THR A 362 6.01 19.26 -7.67
N PHE A 363 5.69 18.05 -8.14
CA PHE A 363 6.70 16.98 -8.30
C PHE A 363 7.86 17.47 -9.15
N TYR A 364 7.55 18.17 -10.24
CA TYR A 364 8.59 18.66 -11.18
C TYR A 364 9.53 19.63 -10.44
N ILE A 365 8.97 20.56 -9.68
CA ILE A 365 9.78 21.58 -8.95
C ILE A 365 10.54 20.86 -7.84
N ALA A 366 9.90 19.96 -7.10
CA ALA A 366 10.59 19.25 -6.03
C ALA A 366 11.78 18.48 -6.64
N SER A 367 11.63 17.91 -7.83
CA SER A 367 12.70 17.15 -8.52
C SER A 367 13.91 18.05 -8.76
N LEU A 368 13.66 19.29 -9.20
CA LEU A 368 14.75 20.28 -9.34
C LEU A 368 15.42 20.55 -7.98
N ALA A 369 14.64 20.80 -6.93
CA ALA A 369 15.20 21.00 -5.57
C ALA A 369 16.07 19.79 -5.22
N HIS A 370 15.62 18.60 -5.61
CA HIS A 370 16.21 17.29 -5.22
C HIS A 370 17.27 16.87 -6.24
N GLY A 371 17.76 17.79 -7.08
CA GLY A 371 19.01 17.62 -7.82
C GLY A 371 18.85 17.00 -9.19
N ILE A 372 17.63 16.92 -9.77
CA ILE A 372 17.49 16.30 -11.11
C ILE A 372 18.10 17.26 -12.17
N LYS A 373 18.76 16.71 -13.19
CA LYS A 373 19.52 17.50 -14.19
C LYS A 373 18.91 17.37 -15.58
N GLY A 374 17.91 16.49 -15.72
CA GLY A 374 17.22 16.28 -16.99
C GLY A 374 16.08 15.33 -16.80
N PHE A 375 15.12 15.33 -17.71
CA PHE A 375 14.00 14.37 -17.61
C PHE A 375 13.27 14.27 -18.93
N ASN A 376 12.56 13.18 -19.06
CA ASN A 376 11.70 12.83 -20.21
C ASN A 376 10.28 12.64 -19.70
N TYR A 377 9.43 13.63 -19.90
CA TYR A 377 8.02 13.53 -19.49
C TYR A 377 7.35 12.30 -20.12
N TYR A 378 6.83 11.41 -19.31
CA TYR A 378 6.28 10.09 -19.74
C TYR A 378 4.91 9.91 -19.09
N MET A 379 3.81 10.17 -19.82
CA MET A 379 3.77 10.41 -21.26
C MET A 379 3.44 11.89 -21.53
N PHE A 380 4.18 12.55 -22.40
CA PHE A 380 3.81 13.90 -22.86
C PHE A 380 2.52 13.80 -23.69
N SER A 381 2.49 12.90 -24.66
CA SER A 381 1.33 12.65 -25.56
C SER A 381 0.69 11.31 -25.22
N GLN A 382 -0.62 11.33 -24.96
CA GLN A 382 -1.51 10.17 -24.96
C GLN A 382 -1.38 9.45 -26.30
N GLY A 383 -1.61 8.15 -26.29
CA GLY A 383 -1.76 7.36 -27.52
C GLY A 383 -3.02 6.54 -27.53
N ILE A 384 -3.42 6.09 -28.72
CA ILE A 384 -4.47 5.05 -28.94
C ILE A 384 -3.73 3.84 -29.53
N ASN A 385 -3.87 2.68 -28.91
CA ASN A 385 -3.19 1.47 -29.41
C ASN A 385 -3.78 1.13 -30.77
N PRO A 386 -2.95 0.93 -31.81
CA PRO A 386 -3.53 0.48 -33.07
C PRO A 386 -3.91 -1.00 -32.87
N GLU A 387 -4.78 -1.53 -33.73
CA GLU A 387 -4.82 -2.98 -34.12
C GLU A 387 -4.80 -3.90 -32.90
N GLY A 388 -5.52 -3.61 -31.81
CA GLY A 388 -5.53 -4.48 -30.61
C GLY A 388 -4.17 -4.63 -29.91
N LYS A 389 -3.22 -3.71 -30.08
CA LYS A 389 -1.84 -3.87 -29.53
C LYS A 389 -1.70 -3.46 -28.06
N GLY A 390 -2.75 -2.92 -27.41
CA GLY A 390 -2.66 -2.49 -26.01
C GLY A 390 -2.63 -3.69 -25.09
N PHE A 391 -1.76 -3.71 -24.09
CA PHE A 391 -1.76 -4.83 -23.12
C PHE A 391 -3.11 -4.90 -22.37
N TYR A 392 -3.68 -3.76 -21.98
CA TYR A 392 -4.79 -3.65 -20.99
C TYR A 392 -6.02 -2.84 -21.44
N GLY A 393 -6.09 -2.42 -22.68
CA GLY A 393 -7.20 -1.60 -23.18
C GLY A 393 -6.78 -0.79 -24.38
N LYS A 394 -7.67 0.01 -24.97
CA LYS A 394 -7.38 0.71 -26.27
C LYS A 394 -6.56 1.99 -26.04
N THR A 395 -6.74 2.67 -24.92
CA THR A 395 -6.15 4.02 -24.70
C THR A 395 -4.85 3.86 -23.95
N PHE A 396 -3.79 4.57 -24.38
CA PHE A 396 -2.46 4.52 -23.71
C PHE A 396 -2.21 5.86 -23.00
N TYR A 397 -2.35 5.82 -21.66
CA TYR A 397 -2.17 6.95 -20.72
C TYR A 397 -3.37 7.90 -20.76
N PHE A 398 -3.55 8.57 -19.64
CA PHE A 398 -4.62 9.57 -19.40
C PHE A 398 -4.03 10.79 -18.72
N GLN A 399 -4.72 11.94 -18.80
CA GLN A 399 -4.34 13.17 -18.07
C GLN A 399 -2.92 13.61 -18.42
N THR A 400 -2.55 13.42 -19.68
CA THR A 400 -1.23 13.78 -20.24
C THR A 400 -1.18 15.29 -20.58
N ALA A 401 -0.11 15.74 -21.23
CA ALA A 401 0.00 17.15 -21.72
C ALA A 401 -0.91 17.35 -22.94
N LEU A 402 -0.85 16.42 -23.88
CA LEU A 402 -1.72 16.38 -25.08
C LEU A 402 -2.55 15.10 -25.09
N ASP A 403 -3.80 15.18 -25.56
CA ASP A 403 -4.56 13.94 -25.82
C ASP A 403 -4.02 13.33 -27.12
N ALA A 404 -4.49 12.15 -27.50
CA ALA A 404 -3.96 11.46 -28.71
C ALA A 404 -4.19 12.32 -29.96
N ALA A 405 -5.24 13.14 -29.96
CA ALA A 405 -5.64 14.03 -31.08
C ALA A 405 -4.79 15.30 -31.12
N SER A 406 -3.93 15.52 -30.12
CA SER A 406 -3.01 16.68 -29.95
C SER A 406 -3.71 17.91 -29.31
N ASN A 407 -4.90 17.74 -28.76
CA ASN A 407 -5.54 18.80 -27.91
C ASN A 407 -4.71 19.04 -26.64
N LYS A 408 -4.50 20.28 -26.24
CA LYS A 408 -3.83 20.58 -24.95
C LYS A 408 -4.77 20.24 -23.79
N LEU A 409 -4.28 19.50 -22.83
CA LEU A 409 -4.96 19.17 -21.58
C LEU A 409 -4.33 19.98 -20.45
N ALA A 410 -4.89 19.90 -19.24
CA ALA A 410 -4.48 20.76 -18.11
C ALA A 410 -2.96 20.66 -17.84
N LEU A 411 -2.34 19.49 -17.99
CA LEU A 411 -0.89 19.37 -17.62
C LEU A 411 -0.03 20.24 -18.55
N TYR A 412 -0.49 20.49 -19.79
CA TYR A 412 0.32 21.24 -20.79
C TYR A 412 0.83 22.54 -20.18
N ASP A 413 -0.05 23.32 -19.54
CA ASP A 413 0.37 24.65 -19.01
C ASP A 413 1.29 24.43 -17.81
N SER A 414 1.12 23.36 -17.03
CA SER A 414 2.03 23.11 -15.87
C SER A 414 3.46 22.88 -16.39
N ILE A 415 3.58 22.04 -17.42
CA ILE A 415 4.90 21.68 -18.02
C ILE A 415 5.49 22.93 -18.67
N LYS A 416 4.67 23.77 -19.31
CA LYS A 416 5.21 24.98 -19.95
C LYS A 416 5.81 25.90 -18.88
N LYS A 417 5.11 26.07 -17.75
CA LYS A 417 5.53 26.93 -16.63
C LYS A 417 6.85 26.41 -16.05
N VAL A 418 6.95 25.11 -15.81
CA VAL A 418 8.18 24.52 -15.20
C VAL A 418 9.34 24.63 -16.21
N ASN A 419 9.06 24.36 -17.46
CA ASN A 419 10.11 24.43 -18.52
C ASN A 419 10.61 25.86 -18.67
N ARG A 420 9.71 26.84 -18.55
CA ARG A 420 10.07 28.27 -18.70
C ARG A 420 11.09 28.63 -17.62
N PHE A 421 10.80 28.27 -16.38
CA PHE A 421 11.69 28.54 -15.23
C PHE A 421 13.03 27.87 -15.53
N ILE A 422 13.00 26.62 -15.98
CA ILE A 422 14.26 25.84 -16.18
C ILE A 422 15.12 26.54 -17.25
N ARG A 423 14.50 26.93 -18.35
CA ARG A 423 15.24 27.55 -19.48
C ARG A 423 15.78 28.92 -19.02
N LYS A 424 15.02 29.68 -18.26
CA LYS A 424 15.52 30.99 -17.74
C LYS A 424 16.76 30.76 -16.86
N GLU A 425 16.82 29.66 -16.10
CA GLU A 425 17.73 29.55 -14.93
C GLU A 425 18.79 28.47 -15.13
N GLN A 426 18.70 27.68 -16.19
CA GLN A 426 19.47 26.41 -16.31
C GLN A 426 20.98 26.65 -16.19
N LYS A 427 21.50 27.75 -16.74
CA LYS A 427 22.95 28.09 -16.74
C LYS A 427 23.50 28.13 -15.30
N ASP A 428 22.78 28.71 -14.33
CA ASP A 428 23.20 28.71 -12.90
C ASP A 428 22.68 27.46 -12.17
N LEU A 429 21.38 27.15 -12.33
CA LEU A 429 20.68 26.07 -11.60
C LEU A 429 21.46 24.76 -11.80
N LEU A 430 21.96 24.47 -13.00
CA LEU A 430 22.60 23.16 -13.25
C LEU A 430 23.93 23.11 -12.49
N ARG A 431 24.49 24.27 -12.20
CA ARG A 431 25.82 24.37 -11.54
C ARG A 431 25.66 24.49 -10.02
N THR A 432 24.46 24.49 -9.50
CA THR A 432 24.25 24.65 -8.04
C THR A 432 24.42 23.30 -7.33
N ASN A 433 24.94 23.37 -6.11
CA ASN A 433 25.04 22.23 -5.17
C ASN A 433 24.21 22.55 -3.92
N VAL A 434 23.88 21.53 -3.15
CA VAL A 434 23.41 21.68 -1.75
C VAL A 434 24.66 21.45 -0.87
N ASN A 435 24.77 22.12 0.27
CA ASN A 435 25.90 21.87 1.21
C ASN A 435 25.56 20.67 2.11
N SER A 436 25.99 19.47 1.77
CA SER A 436 25.73 18.29 2.61
C SER A 436 26.88 18.10 3.59
N GLU A 437 26.61 18.16 4.88
CA GLU A 437 27.63 17.83 5.91
C GLU A 437 27.43 16.40 6.44
N ILE A 438 26.38 15.73 5.98
CA ILE A 438 26.01 14.35 6.38
C ILE A 438 26.19 13.46 5.15
N CYS A 439 26.93 12.39 5.30
CA CYS A 439 27.01 11.31 4.31
C CYS A 439 26.35 10.07 4.88
N VAL A 440 25.50 9.41 4.11
CA VAL A 440 24.88 8.11 4.49
C VAL A 440 25.47 7.00 3.62
N GLY A 441 25.92 5.92 4.27
CA GLY A 441 26.56 4.80 3.58
C GLY A 441 25.53 3.91 2.90
N PHE A 442 25.79 3.56 1.65
CA PHE A 442 25.01 2.60 0.84
C PHE A 442 25.81 1.31 0.75
N TYR A 443 25.37 0.27 1.48
CA TYR A 443 26.04 -1.04 1.58
C TYR A 443 25.27 -2.00 0.68
N LYS A 444 25.75 -2.16 -0.53
CA LYS A 444 24.96 -2.83 -1.60
C LYS A 444 24.55 -4.26 -1.19
N PRO A 445 25.40 -5.08 -0.52
CA PRO A 445 24.97 -6.44 -0.18
C PRO A 445 23.65 -6.58 0.59
N TYR A 446 23.25 -5.57 1.37
CA TYR A 446 21.95 -5.60 2.09
C TYR A 446 20.78 -5.55 1.10
N PHE A 447 21.01 -5.10 -0.13
CA PHE A 447 19.97 -4.89 -1.18
C PHE A 447 19.88 -6.11 -2.09
N PHE A 448 20.87 -7.01 -2.01
CA PHE A 448 20.95 -8.18 -2.92
C PHE A 448 19.98 -9.27 -2.44
N THR A 449 18.67 -9.06 -2.51
CA THR A 449 17.68 -10.03 -1.97
C THR A 449 16.52 -10.25 -2.92
N GLU A 450 16.60 -9.82 -4.18
CA GLU A 450 15.41 -9.88 -5.08
C GLU A 450 14.95 -11.32 -5.35
N LEU A 451 15.80 -12.33 -5.10
CA LEU A 451 15.46 -13.78 -5.28
C LEU A 451 14.77 -14.30 -4.00
N ILE A 452 14.88 -13.61 -2.86
CA ILE A 452 14.54 -14.24 -1.55
C ILE A 452 13.69 -13.35 -0.64
N SER A 453 13.73 -12.03 -0.80
CA SER A 453 13.00 -11.11 0.09
C SER A 453 12.74 -9.79 -0.61
N SER A 454 11.48 -9.50 -0.90
CA SER A 454 11.07 -8.24 -1.56
C SER A 454 9.58 -8.01 -1.30
N GLN A 455 9.10 -6.81 -1.58
CA GLN A 455 7.66 -6.45 -1.54
C GLN A 455 6.89 -7.22 -2.62
N LEU A 456 7.50 -7.60 -3.73
CA LEU A 456 6.77 -8.27 -4.85
C LEU A 456 6.88 -9.81 -4.71
N LEU A 457 7.92 -10.35 -4.08
CA LEU A 457 8.19 -11.82 -4.04
C LEU A 457 7.02 -12.55 -3.35
N LYS A 458 6.59 -13.67 -3.93
CA LYS A 458 5.37 -14.45 -3.55
C LYS A 458 5.63 -15.09 -2.17
N GLU A 459 6.56 -16.04 -2.14
CA GLU A 459 6.99 -16.78 -0.91
C GLU A 459 8.22 -16.06 -0.33
N LYS A 460 8.14 -15.65 0.94
CA LYS A 460 9.32 -15.19 1.75
C LYS A 460 10.32 -16.36 1.93
N LYS A 461 11.48 -16.29 1.30
CA LYS A 461 12.52 -17.36 1.36
C LYS A 461 13.55 -17.04 2.44
N LEU A 462 13.64 -15.79 2.91
CA LEU A 462 14.64 -15.38 3.92
C LEU A 462 13.96 -15.08 5.26
N ASN A 463 14.33 -15.84 6.28
CA ASN A 463 13.83 -15.72 7.67
C ASN A 463 15.06 -15.73 8.55
N VAL A 464 15.57 -14.55 8.89
CA VAL A 464 16.95 -14.45 9.48
C VAL A 464 16.96 -15.17 10.82
N GLU A 465 15.81 -15.26 11.52
CA GLU A 465 15.78 -15.91 12.86
C GLU A 465 16.22 -17.39 12.74
N GLU A 466 15.91 -18.04 11.62
CA GLU A 466 16.34 -19.46 11.41
C GLU A 466 17.86 -19.55 11.24
N LEU A 467 18.55 -18.45 10.91
CA LEU A 467 20.01 -18.39 10.76
C LEU A 467 20.69 -17.90 12.05
N GLY A 468 19.95 -17.73 13.13
CA GLY A 468 20.52 -17.21 14.39
C GLY A 468 20.77 -15.71 14.32
N LEU A 469 20.08 -15.01 13.42
CA LEU A 469 20.20 -13.54 13.28
C LEU A 469 18.89 -12.88 13.75
N TYR A 470 18.88 -11.57 13.97
CA TYR A 470 17.60 -10.87 14.31
C TYR A 470 17.42 -9.60 13.46
N ILE A 471 18.45 -9.16 12.73
CA ILE A 471 18.32 -7.94 11.88
C ILE A 471 18.19 -8.28 10.41
N ASP A 472 16.97 -8.21 9.89
CA ASP A 472 16.70 -8.57 8.48
C ASP A 472 17.23 -7.43 7.61
N PRO A 473 17.97 -7.74 6.51
CA PRO A 473 18.58 -6.70 5.68
C PRO A 473 17.53 -5.86 4.93
N ARG A 474 16.42 -6.48 4.53
CA ARG A 474 15.33 -5.76 3.84
C ARG A 474 14.61 -4.85 4.83
N PHE A 475 14.27 -5.33 6.02
CA PHE A 475 13.68 -4.48 7.07
C PHE A 475 14.63 -3.30 7.34
N LEU A 476 15.95 -3.56 7.46
CA LEU A 476 16.94 -2.49 7.77
C LEU A 476 16.93 -1.45 6.64
N ARG A 477 17.04 -1.86 5.38
CA ARG A 477 17.24 -0.89 4.29
C ARG A 477 15.89 -0.20 3.94
N GLU A 478 14.74 -0.84 4.19
CA GLU A 478 13.43 -0.20 3.91
C GLU A 478 13.02 0.72 5.07
N GLU A 479 12.98 0.19 6.29
CA GLU A 479 12.30 0.88 7.41
C GLU A 479 13.33 1.71 8.21
N ILE A 480 14.53 1.19 8.44
CA ILE A 480 15.53 1.94 9.24
C ILE A 480 16.20 2.98 8.33
N LEU A 481 16.54 2.64 7.07
CA LEU A 481 17.25 3.59 6.16
C LEU A 481 16.25 4.40 5.30
N PHE A 482 15.48 3.77 4.40
CA PHE A 482 14.72 4.49 3.35
C PHE A 482 13.57 5.30 3.96
N ASN A 483 12.71 4.64 4.71
CA ASN A 483 11.50 5.28 5.30
C ASN A 483 11.89 5.87 6.66
N GLY A 484 13.11 5.65 7.16
CA GLY A 484 13.51 6.06 8.52
C GLY A 484 14.49 7.22 8.49
N LEU A 485 15.79 6.91 8.41
CA LEU A 485 16.86 7.92 8.40
C LEU A 485 16.69 8.89 7.23
N LEU A 486 16.54 8.40 6.00
CA LEU A 486 16.54 9.33 4.85
C LEU A 486 15.25 10.18 4.92
N ARG A 487 14.10 9.57 5.21
CA ARG A 487 12.81 10.30 5.40
C ARG A 487 12.97 11.37 6.50
N GLY A 488 13.57 10.98 7.62
CA GLY A 488 13.84 11.82 8.79
C GLY A 488 14.68 13.02 8.46
N LEU A 489 15.82 12.82 7.78
CA LEU A 489 16.73 13.95 7.43
C LEU A 489 16.03 14.91 6.47
N GLN A 490 15.28 14.41 5.49
CA GLN A 490 14.56 15.28 4.53
C GLN A 490 13.51 16.09 5.28
N THR A 491 12.77 15.45 6.19
CA THR A 491 11.68 16.09 6.97
C THR A 491 12.29 17.20 7.83
N LEU A 492 13.46 16.94 8.42
CA LEU A 492 14.16 17.91 9.31
C LEU A 492 14.93 18.96 8.49
N ASN A 493 14.95 18.86 7.16
CA ASN A 493 15.68 19.82 6.27
C ASN A 493 17.19 19.83 6.56
N TYR A 494 17.76 18.65 6.77
CA TYR A 494 19.22 18.42 6.78
C TYR A 494 19.61 17.77 5.46
N ASN A 495 20.46 18.44 4.69
CA ASN A 495 21.01 17.90 3.43
C ASN A 495 21.86 16.67 3.77
N TYR A 496 21.74 15.63 2.97
CA TYR A 496 22.63 14.44 3.01
C TYR A 496 23.02 14.07 1.60
N ASP A 497 24.18 13.44 1.52
CA ASP A 497 24.66 12.72 0.32
C ASP A 497 24.69 11.23 0.62
N VAL A 498 24.62 10.39 -0.40
CA VAL A 498 24.76 8.91 -0.24
C VAL A 498 26.09 8.53 -0.91
N VAL A 499 26.86 7.66 -0.27
CA VAL A 499 28.13 7.14 -0.86
C VAL A 499 28.04 5.63 -0.95
N ASP A 500 28.38 5.06 -2.12
CA ASP A 500 28.57 3.60 -2.27
C ASP A 500 29.83 3.20 -1.51
N LEU A 501 29.70 2.33 -0.52
CA LEU A 501 30.85 1.91 0.34
C LEU A 501 31.82 0.98 -0.44
N GLU A 502 31.42 0.38 -1.56
CA GLU A 502 32.29 -0.56 -2.33
C GLU A 502 33.43 0.21 -3.01
N ASN A 503 34.68 -0.22 -2.81
CA ASN A 503 35.94 0.42 -3.33
C ASN A 503 35.90 1.93 -3.09
N CYS A 504 35.32 2.31 -1.96
CA CYS A 504 35.10 3.71 -1.58
C CYS A 504 36.45 4.32 -1.14
N ASP A 505 36.79 5.47 -1.68
CA ASP A 505 38.03 6.23 -1.32
C ASP A 505 37.80 6.95 0.01
N LEU A 506 38.68 6.76 1.00
CA LEU A 506 38.60 7.49 2.30
C LEU A 506 38.58 9.00 2.08
N LYS A 507 39.34 9.48 1.08
CA LYS A 507 39.46 10.92 0.74
C LYS A 507 38.08 11.49 0.39
N SER A 508 37.16 10.70 -0.19
CA SER A 508 35.78 11.16 -0.49
C SER A 508 34.97 11.34 0.81
N LEU A 509 35.13 10.48 1.82
CA LEU A 509 34.33 10.50 3.08
C LEU A 509 34.77 11.68 3.96
N THR A 510 36.00 12.18 3.81
CA THR A 510 36.67 13.09 4.78
C THR A 510 36.05 14.50 4.79
N ALA A 511 35.41 14.93 3.70
CA ALA A 511 34.75 16.26 3.56
C ALA A 511 33.50 16.41 4.46
N TYR A 512 32.90 15.32 4.92
CA TYR A 512 31.64 15.35 5.71
C TYR A 512 31.94 15.55 7.20
N LYS A 513 31.01 16.17 7.91
CA LYS A 513 31.07 16.28 9.38
C LYS A 513 30.65 14.95 10.02
N GLN A 514 29.72 14.22 9.41
CA GLN A 514 29.25 12.94 9.93
C GLN A 514 29.05 11.91 8.81
N LEU A 515 29.43 10.68 9.09
CA LEU A 515 29.11 9.49 8.27
C LEU A 515 28.15 8.62 9.07
N TRP A 516 27.01 8.30 8.48
CA TRP A 516 25.93 7.48 9.11
C TRP A 516 25.89 6.13 8.43
N ILE A 517 25.99 5.07 9.20
CA ILE A 517 25.98 3.67 8.70
C ILE A 517 24.86 2.95 9.42
N THR A 518 23.89 2.45 8.64
CA THR A 518 22.83 1.58 9.15
C THR A 518 23.32 0.15 8.91
N SER A 519 23.60 -0.58 10.00
CA SER A 519 24.37 -1.85 9.93
C SER A 519 23.51 -3.00 10.45
N ALA A 520 23.60 -4.12 9.74
CA ALA A 520 23.10 -5.43 10.16
C ALA A 520 24.21 -6.14 10.93
N GLU A 521 24.01 -7.39 11.28
CA GLU A 521 25.03 -8.16 12.05
C GLU A 521 26.16 -8.62 11.12
N PHE A 522 26.05 -8.36 9.81
CA PHE A 522 27.05 -8.80 8.80
C PHE A 522 27.48 -7.61 7.95
N MET A 523 28.76 -7.61 7.58
CA MET A 523 29.43 -6.57 6.78
C MET A 523 30.80 -7.11 6.36
N ASP A 524 31.21 -6.90 5.11
CA ASP A 524 32.44 -7.55 4.61
C ASP A 524 33.67 -6.93 5.28
N ALA A 525 34.78 -7.64 5.22
CA ALA A 525 36.06 -7.22 5.81
C ALA A 525 36.50 -5.86 5.24
N GLU A 526 36.42 -5.66 3.92
CA GLU A 526 36.82 -4.37 3.26
C GLU A 526 36.04 -3.19 3.87
N THR A 527 34.74 -3.34 4.09
CA THR A 527 33.89 -2.22 4.62
C THR A 527 34.18 -2.02 6.11
N GLN A 528 34.35 -3.11 6.87
CA GLN A 528 34.73 -3.02 8.30
C GLN A 528 36.08 -2.29 8.42
N ASN A 529 37.03 -2.60 7.52
CA ASN A 529 38.36 -1.94 7.53
C ASN A 529 38.22 -0.46 7.15
N LEU A 530 37.47 -0.14 6.09
CA LEU A 530 37.26 1.26 5.64
C LEU A 530 36.68 2.10 6.78
N LEU A 531 35.67 1.61 7.49
CA LEU A 531 35.01 2.43 8.55
C LEU A 531 36.00 2.61 9.73
N SER A 532 36.82 1.60 10.04
CA SER A 532 37.88 1.65 11.09
C SER A 532 38.84 2.78 10.77
N GLU A 533 39.38 2.79 9.54
CA GLU A 533 40.31 3.83 9.08
C GLU A 533 39.59 5.19 9.09
N PHE A 534 38.34 5.25 8.65
CA PHE A 534 37.59 6.51 8.65
C PHE A 534 37.70 7.19 10.03
N VAL A 535 37.35 6.47 11.09
CA VAL A 535 37.28 7.04 12.47
C VAL A 535 38.73 7.31 12.94
N LEU A 536 39.65 6.36 12.77
CA LEU A 536 41.02 6.56 13.36
C LEU A 536 41.63 7.84 12.77
N ASN A 537 41.36 8.11 11.51
CA ASN A 537 42.04 9.21 10.77
C ASN A 537 41.33 10.54 11.05
N GLY A 538 40.20 10.56 11.76
CA GLY A 538 39.54 11.81 12.19
C GLY A 538 38.07 11.89 11.81
N GLY A 539 37.48 10.85 11.24
CA GLY A 539 36.06 10.84 10.87
C GLY A 539 35.15 10.75 12.09
N ASN A 540 33.91 11.25 11.95
CA ASN A 540 32.84 11.12 12.96
C ASN A 540 31.78 10.16 12.42
N LEU A 541 31.65 9.01 13.07
CA LEU A 541 30.80 7.90 12.59
C LEU A 541 29.62 7.74 13.55
N ILE A 542 28.43 7.63 12.98
CA ILE A 542 27.19 7.20 13.69
C ILE A 542 26.81 5.83 13.12
N LEU A 543 26.71 4.84 14.00
CA LEU A 543 26.54 3.44 13.61
C LEU A 543 25.45 2.82 14.47
N TYR A 544 24.46 2.23 13.81
CA TYR A 544 23.31 1.56 14.44
C TYR A 544 22.62 0.74 13.37
N PRO A 545 21.79 -0.25 13.70
CA PRO A 545 21.54 -0.69 15.09
C PRO A 545 22.52 -1.73 15.66
N ALA A 546 23.55 -2.10 14.92
CA ALA A 546 24.43 -3.21 15.35
C ALA A 546 25.86 -2.94 14.91
N VAL A 547 26.81 -3.15 15.84
CA VAL A 547 28.19 -3.50 15.46
C VAL A 547 28.09 -4.86 14.76
N PRO A 548 28.46 -4.97 13.47
CA PRO A 548 28.47 -6.26 12.79
C PRO A 548 29.56 -7.17 13.39
N THR A 549 29.38 -8.48 13.34
CA THR A 549 30.40 -9.46 13.82
C THR A 549 30.57 -10.60 12.83
N LEU A 550 29.90 -10.53 11.68
CA LEU A 550 29.96 -11.57 10.61
C LEU A 550 30.30 -10.91 9.26
N ASP A 551 30.72 -11.71 8.28
CA ASP A 551 30.98 -11.21 6.91
C ASP A 551 29.75 -11.54 6.04
N ASN A 552 29.85 -11.33 4.73
CA ASN A 552 28.69 -11.50 3.81
C ASN A 552 28.27 -12.96 3.74
N TYR A 553 29.12 -13.90 4.16
CA TYR A 553 28.80 -15.37 4.16
C TYR A 553 28.46 -15.83 5.59
N LEU A 554 28.24 -14.85 6.49
CA LEU A 554 27.81 -15.09 7.90
C LEU A 554 28.91 -15.90 8.64
N ASN A 555 30.15 -15.81 8.18
CA ASN A 555 31.34 -16.31 8.91
C ASN A 555 31.90 -15.17 9.76
N ARG A 556 32.59 -15.55 10.84
CA ARG A 556 33.13 -14.60 11.84
C ARG A 556 33.93 -13.49 11.17
N CYS A 557 33.65 -12.23 11.51
CA CYS A 557 34.51 -11.07 11.12
C CYS A 557 34.28 -9.90 12.08
N GLU A 558 35.25 -9.64 12.96
CA GLU A 558 35.08 -8.78 14.15
C GLU A 558 36.06 -7.62 14.05
N ILE A 559 36.43 -7.27 12.83
CA ILE A 559 37.45 -6.24 12.54
C ILE A 559 37.05 -4.89 13.18
N LEU A 560 35.87 -4.40 12.85
CA LEU A 560 35.39 -3.08 13.30
C LEU A 560 35.17 -3.13 14.82
N LYS A 561 34.62 -4.22 15.35
CA LYS A 561 34.38 -4.32 16.81
C LYS A 561 35.72 -4.19 17.57
N ASN A 562 36.74 -4.87 17.10
CA ASN A 562 38.08 -4.88 17.74
C ASN A 562 38.80 -3.53 17.52
N ASN A 563 38.71 -2.98 16.32
CA ASN A 563 39.37 -1.68 16.00
C ASN A 563 38.73 -0.55 16.82
N PHE A 564 37.47 -0.68 17.23
CA PHE A 564 36.75 0.34 18.02
C PHE A 564 36.80 0.00 19.52
N GLY A 565 37.39 -1.12 19.94
CA GLY A 565 37.54 -1.44 21.36
C GLY A 565 36.20 -1.58 22.05
N ILE A 566 35.25 -2.23 21.37
CA ILE A 566 33.85 -2.41 21.82
C ILE A 566 33.74 -3.82 22.38
N GLU A 567 33.11 -3.94 23.54
CA GLU A 567 32.63 -5.22 24.09
C GLU A 567 31.13 -5.09 24.20
N PHE A 568 30.37 -6.10 23.78
CA PHE A 568 28.91 -6.08 23.97
C PHE A 568 28.40 -7.50 24.13
N ILE A 569 27.21 -7.59 24.72
CA ILE A 569 26.38 -8.83 24.82
C ILE A 569 25.02 -8.45 24.24
N THR A 570 24.34 -9.37 23.59
CA THR A 570 22.96 -9.14 23.06
C THR A 570 21.98 -9.65 24.10
N LYS A 571 21.10 -8.77 24.59
CA LYS A 571 20.08 -9.06 25.65
C LYS A 571 18.70 -8.59 25.21
N ASP A 572 17.66 -9.32 25.60
CA ASP A 572 16.22 -8.94 25.40
C ASP A 572 15.82 -7.88 26.44
N SER A 573 15.08 -6.85 26.02
CA SER A 573 14.44 -5.86 26.92
C SER A 573 13.20 -5.31 26.20
N SER A 574 12.39 -4.55 26.94
CA SER A 574 11.31 -3.69 26.39
C SER A 574 11.81 -3.07 25.08
N HIS A 575 10.92 -2.92 24.10
CA HIS A 575 11.19 -2.16 22.87
C HIS A 575 11.59 -0.71 23.17
N LYS A 576 11.17 -0.16 24.32
CA LYS A 576 11.39 1.26 24.62
C LYS A 576 12.76 1.47 25.27
N VAL A 577 13.51 2.47 24.78
CA VAL A 577 14.79 2.91 25.36
C VAL A 577 14.74 4.40 25.63
N SER A 578 15.64 4.88 26.46
CA SER A 578 15.94 6.33 26.55
C SER A 578 17.25 6.59 25.82
N ALA A 579 17.33 7.68 25.06
CA ALA A 579 18.56 8.05 24.31
C ALA A 579 18.73 9.56 24.37
N PHE A 580 19.90 10.03 24.79
CA PHE A 580 20.25 11.47 24.89
C PHE A 580 19.17 12.21 25.70
N GLY A 581 18.54 11.57 26.68
CA GLY A 581 17.53 12.23 27.54
C GLY A 581 16.11 12.18 26.97
N ILE A 582 15.95 11.64 25.77
CA ILE A 582 14.62 11.35 25.15
C ILE A 582 14.10 10.02 25.72
N GLU A 583 13.03 10.09 26.50
CA GLU A 583 12.40 8.89 27.10
C GLU A 583 11.46 8.19 26.09
N ASP A 584 11.30 6.86 26.21
CA ASP A 584 10.22 6.10 25.52
C ASP A 584 10.41 6.21 24.00
N VAL A 585 11.64 6.05 23.57
CA VAL A 585 12.00 5.88 22.14
C VAL A 585 11.66 4.42 21.83
N PHE A 586 10.61 4.18 21.02
CA PHE A 586 10.18 2.84 20.61
C PHE A 586 11.19 2.32 19.58
N THR A 587 11.77 1.15 19.86
CA THR A 587 12.78 0.50 18.97
C THR A 587 12.17 -0.77 18.37
N ALA A 588 12.70 -1.22 17.24
CA ALA A 588 12.10 -2.27 16.40
C ALA A 588 12.25 -3.64 17.06
N PHE A 589 13.35 -3.89 17.80
CA PHE A 589 13.66 -5.22 18.38
C PHE A 589 13.66 -5.25 19.91
N SER A 590 13.25 -6.38 20.45
CA SER A 590 13.48 -6.76 21.87
C SER A 590 14.99 -6.92 22.13
N LYS A 591 15.71 -7.67 21.28
CA LYS A 591 17.18 -7.85 21.41
C LYS A 591 17.88 -6.50 21.20
N LYS A 592 18.86 -6.18 22.04
CA LYS A 592 19.68 -4.96 21.92
C LYS A 592 21.15 -5.32 22.15
N GLN A 593 22.08 -4.52 21.61
CA GLN A 593 23.50 -4.64 22.01
C GLN A 593 23.66 -3.84 23.29
N ILE A 594 24.24 -4.49 24.32
CA ILE A 594 24.57 -3.88 25.64
C ILE A 594 26.09 -3.74 25.73
N TYR A 595 26.59 -2.49 25.74
CA TYR A 595 28.03 -2.15 25.63
C TYR A 595 28.66 -1.96 27.02
N ASN A 596 29.92 -2.41 27.18
CA ASN A 596 30.79 -2.03 28.32
C ASN A 596 31.08 -0.53 28.18
N ASP A 597 31.03 0.21 29.30
CA ASP A 597 31.20 1.69 29.32
C ASP A 597 32.68 2.12 29.26
N THR A 598 33.63 1.23 28.90
CA THR A 598 35.09 1.49 28.97
C THR A 598 35.41 2.66 28.04
N ASN A 599 36.07 3.68 28.58
CA ASN A 599 36.62 4.79 27.77
C ASN A 599 35.53 5.35 26.84
N SER A 600 34.32 5.53 27.37
CA SER A 600 33.14 5.96 26.57
C SER A 600 32.16 6.70 27.48
N LYS A 601 31.26 7.45 26.88
CA LYS A 601 30.14 8.09 27.60
C LYS A 601 28.87 7.35 27.22
N PRO A 602 28.18 6.70 28.19
CA PRO A 602 26.93 6.03 27.91
C PRO A 602 25.84 7.06 27.64
N ILE A 603 25.08 6.90 26.57
CA ILE A 603 24.11 7.94 26.13
C ILE A 603 22.76 7.30 25.80
N ALA A 604 22.58 5.98 25.92
CA ALA A 604 21.26 5.33 25.75
C ALA A 604 21.13 4.15 26.71
N PHE A 605 19.94 3.94 27.25
CA PHE A 605 19.66 2.99 28.34
C PHE A 605 18.36 2.22 28.10
N THR A 606 18.37 0.94 28.45
CA THR A 606 17.21 0.03 28.34
C THR A 606 16.29 0.32 29.54
N GLN A 607 15.17 -0.37 29.65
CA GLN A 607 14.24 -0.15 30.79
C GLN A 607 14.90 -0.66 32.08
N GLU A 608 15.93 -1.51 32.00
CA GLU A 608 16.69 -2.01 33.19
C GLU A 608 17.93 -1.16 33.39
N ASN A 609 17.98 0.00 32.71
CA ASN A 609 19.09 0.99 32.72
C ASN A 609 20.42 0.37 32.26
N GLU A 610 20.37 -0.68 31.44
CA GLU A 610 21.60 -1.25 30.81
C GLU A 610 21.99 -0.35 29.62
N ILE A 611 23.28 -0.30 29.31
CA ILE A 611 23.85 0.64 28.32
C ILE A 611 23.65 0.04 26.92
N CYS A 612 22.84 0.70 26.11
CA CYS A 612 22.56 0.28 24.70
C CYS A 612 22.97 1.41 23.74
N GLY A 613 23.80 2.37 24.17
CA GLY A 613 24.49 3.30 23.25
C GLY A 613 25.57 4.04 23.96
N ILE A 614 26.66 4.31 23.24
CA ILE A 614 27.88 4.98 23.79
C ILE A 614 28.46 5.91 22.74
N ARG A 615 29.22 6.88 23.22
CA ARG A 615 30.04 7.79 22.41
C ARG A 615 31.47 7.67 22.95
N LYS A 616 32.43 7.70 22.03
CA LYS A 616 33.87 7.47 22.29
C LYS A 616 34.68 8.35 21.37
N LYS A 617 35.88 8.72 21.79
CA LYS A 617 36.93 9.28 20.93
C LYS A 617 37.88 8.12 20.64
N ILE A 618 38.21 7.93 19.36
CA ILE A 618 39.15 6.86 18.87
C ILE A 618 40.09 7.49 17.85
N GLY A 619 41.40 7.48 18.15
CA GLY A 619 42.35 8.26 17.35
C GLY A 619 41.91 9.70 17.29
N LYS A 620 41.85 10.27 16.10
CA LYS A 620 41.42 11.68 15.92
C LYS A 620 39.91 11.77 15.73
N GLY A 621 39.21 10.63 15.73
CA GLY A 621 37.80 10.50 15.30
C GLY A 621 36.85 10.32 16.46
N GLU A 622 35.57 10.27 16.13
CA GLU A 622 34.46 10.12 17.10
C GLU A 622 33.60 8.97 16.64
N LEU A 623 33.09 8.21 17.60
CA LEU A 623 32.17 7.10 17.32
C LEU A 623 30.93 7.25 18.22
N THR A 624 29.75 7.13 17.62
CA THR A 624 28.47 7.03 18.32
C THR A 624 27.85 5.70 17.91
N ILE A 625 27.62 4.76 18.83
CA ILE A 625 26.98 3.47 18.48
C ILE A 625 25.71 3.33 19.30
N LEU A 626 24.62 2.99 18.62
CA LEU A 626 23.31 2.70 19.24
C LEU A 626 22.98 1.26 18.94
N GLY A 627 22.80 0.47 19.98
CA GLY A 627 22.54 -0.97 19.87
C GLY A 627 21.06 -1.26 19.80
N PHE A 628 20.32 -0.45 19.04
CA PHE A 628 18.87 -0.57 18.87
C PHE A 628 18.53 0.10 17.52
N ALA A 629 17.38 -0.28 17.00
CA ALA A 629 16.86 0.10 15.67
C ALA A 629 15.67 1.05 15.81
N PHE A 630 15.73 2.17 15.10
CA PHE A 630 14.58 3.07 14.96
C PHE A 630 14.61 3.58 13.52
N GLY A 631 13.41 3.78 12.95
CA GLY A 631 13.22 4.48 11.68
C GLY A 631 12.52 5.80 11.97
N TYR A 632 11.38 6.04 11.35
CA TYR A 632 10.58 7.24 11.63
C TYR A 632 9.12 6.79 11.72
N THR A 633 8.73 6.37 12.92
CA THR A 633 7.34 5.94 13.21
C THR A 633 6.82 6.63 14.47
N SER A 634 7.49 7.67 14.96
CA SER A 634 7.11 8.47 16.14
C SER A 634 7.84 9.80 16.12
N ASP A 635 7.35 10.74 16.91
CA ASP A 635 8.00 12.05 17.08
C ASP A 635 9.35 11.86 17.80
N GLU A 636 9.49 10.84 18.66
CA GLU A 636 10.75 10.68 19.44
C GLU A 636 11.85 10.36 18.43
N HIS A 637 11.49 9.69 17.33
CA HIS A 637 12.49 9.32 16.30
C HIS A 637 13.07 10.56 15.62
N LEU A 638 12.25 11.56 15.28
CA LEU A 638 12.78 12.81 14.71
C LEU A 638 13.59 13.54 15.77
N GLU A 639 13.18 13.53 17.05
CA GLU A 639 13.96 14.23 18.09
C GLU A 639 15.35 13.59 18.18
N LEU A 640 15.39 12.26 18.11
CA LEU A 640 16.66 11.50 18.18
C LEU A 640 17.55 11.84 16.97
N ILE A 641 17.03 11.81 15.75
CA ILE A 641 17.86 12.17 14.55
C ILE A 641 18.40 13.59 14.74
N ASP A 642 17.55 14.48 15.20
CA ASP A 642 17.95 15.90 15.41
C ASP A 642 19.11 15.96 16.42
N LYS A 643 19.00 15.25 17.53
CA LYS A 643 20.03 15.22 18.60
C LYS A 643 21.35 14.71 18.01
N LEU A 644 21.28 13.65 17.22
CA LEU A 644 22.48 12.99 16.66
C LEU A 644 23.17 13.98 15.68
N VAL A 645 22.40 14.62 14.82
CA VAL A 645 22.95 15.60 13.86
C VAL A 645 23.62 16.74 14.65
N LYS A 646 23.00 17.22 15.73
CA LYS A 646 23.54 18.38 16.50
C LYS A 646 24.81 18.00 17.28
N LEU A 647 25.15 16.71 17.41
CA LEU A 647 26.38 16.29 18.11
C LEU A 647 27.60 16.96 17.46
N ASN A 648 27.57 17.25 16.14
CA ASN A 648 28.70 17.87 15.40
C ASN A 648 28.27 19.26 14.92
N LYS A 649 27.27 19.82 15.57
CA LYS A 649 26.92 21.26 15.45
C LYS A 649 26.53 21.55 14.00
N ILE A 650 25.91 20.59 13.34
CA ILE A 650 25.38 20.78 11.95
C ILE A 650 24.13 21.64 12.10
N LYS A 651 24.02 22.67 11.27
CA LYS A 651 22.87 23.61 11.28
C LYS A 651 22.10 23.47 9.96
N ARG A 652 20.81 23.69 10.02
CA ARG A 652 19.98 23.88 8.82
C ARG A 652 20.40 25.19 8.17
N GLU A 653 20.17 25.36 6.86
CA GLU A 653 20.50 26.58 6.07
C GLU A 653 19.54 27.73 6.44
N LEU A 654 18.31 27.42 6.83
CA LEU A 654 17.30 28.47 7.13
C LEU A 654 16.72 28.20 8.51
N PHE A 655 16.29 29.26 9.22
CA PHE A 655 15.28 29.19 10.30
C PHE A 655 13.93 29.35 9.62
N VAL A 656 13.05 28.35 9.72
CA VAL A 656 11.68 28.37 9.16
C VAL A 656 10.69 28.18 10.32
N SER A 657 9.67 29.04 10.41
CA SER A 657 8.74 29.08 11.59
C SER A 657 7.79 27.88 11.58
N ASP A 658 7.56 27.26 10.43
CA ASP A 658 6.70 26.05 10.33
C ASP A 658 7.60 24.85 10.02
N LYS A 659 7.68 23.91 10.97
CA LYS A 659 8.62 22.78 10.88
C LYS A 659 8.15 21.82 9.77
N ASP A 660 6.89 21.94 9.31
CA ASP A 660 6.32 21.00 8.30
C ASP A 660 6.59 21.52 6.89
N ILE A 661 7.21 22.71 6.76
CA ILE A 661 7.67 23.20 5.43
C ILE A 661 9.02 22.54 5.12
N GLN A 662 9.15 21.95 3.96
CA GLN A 662 10.44 21.45 3.43
C GLN A 662 11.09 22.55 2.60
N PHE A 663 12.39 22.67 2.73
CA PHE A 663 13.15 23.57 1.83
C PHE A 663 14.44 22.89 1.40
N VAL A 664 14.93 23.40 0.30
CA VAL A 664 16.29 23.09 -0.22
C VAL A 664 16.92 24.41 -0.66
N VAL A 665 18.12 24.71 -0.17
CA VAL A 665 18.95 25.82 -0.66
C VAL A 665 19.96 25.24 -1.64
N ARG A 666 19.92 25.66 -2.89
CA ARG A 666 20.93 25.28 -3.90
C ARG A 666 21.73 26.52 -4.24
N GLU A 667 23.07 26.44 -4.26
CA GLU A 667 23.83 27.65 -4.64
C GLU A 667 25.12 27.30 -5.36
N ASN A 668 25.56 28.28 -6.17
CA ASN A 668 26.92 28.34 -6.77
C ASN A 668 27.53 29.69 -6.38
N ASN A 669 28.51 30.19 -7.13
CA ASN A 669 29.16 31.49 -6.81
C ASN A 669 28.21 32.65 -7.14
N LYS A 670 27.49 32.59 -8.26
CA LYS A 670 26.62 33.68 -8.77
C LYS A 670 25.27 33.73 -8.03
N SER A 671 24.65 32.57 -7.74
CA SER A 671 23.18 32.47 -7.56
C SER A 671 22.82 31.56 -6.37
N ARG A 672 21.73 31.88 -5.69
CA ARG A 672 21.12 31.04 -4.63
C ARG A 672 19.64 30.83 -4.99
N TYR A 673 19.19 29.58 -4.96
CA TYR A 673 17.77 29.22 -5.17
C TYR A 673 17.29 28.67 -3.84
N ILE A 674 16.25 29.26 -3.30
CA ILE A 674 15.50 28.61 -2.19
C ILE A 674 14.25 27.96 -2.76
N PHE A 675 14.15 26.64 -2.64
CA PHE A 675 12.92 25.86 -2.94
C PHE A 675 12.15 25.59 -1.63
N PHE A 676 10.93 26.06 -1.56
CA PHE A 676 9.96 25.69 -0.48
C PHE A 676 8.93 24.75 -1.05
N LEU A 677 8.68 23.65 -0.31
CA LEU A 677 7.79 22.54 -0.73
C LEU A 677 6.82 22.29 0.41
N ASN A 678 5.53 22.43 0.14
CA ASN A 678 4.45 22.13 1.10
C ASN A 678 3.77 20.81 0.66
N TYR A 679 4.16 19.72 1.29
CA TYR A 679 3.68 18.36 0.97
C TYR A 679 2.41 18.05 1.78
N HIS A 680 1.71 19.09 2.26
CA HIS A 680 0.58 18.92 3.20
C HIS A 680 -0.69 19.58 2.68
N ASN A 681 -1.87 19.05 3.06
CA ASN A 681 -3.15 19.64 2.65
C ASN A 681 -3.52 20.76 3.62
N GLU A 682 -2.74 21.84 3.58
CA GLU A 682 -2.97 23.00 4.47
C GLU A 682 -2.39 24.22 3.78
N ARG A 683 -3.11 25.34 3.74
CA ARG A 683 -2.51 26.62 3.31
C ARG A 683 -1.63 27.07 4.48
N LYS A 684 -0.33 27.17 4.26
CA LYS A 684 0.63 27.53 5.34
C LYS A 684 1.15 28.96 5.14
N THR A 685 1.07 29.77 6.20
CA THR A 685 1.73 31.08 6.27
C THR A 685 2.87 30.96 7.28
N PHE A 686 4.06 31.31 6.87
CA PHE A 686 5.28 31.11 7.70
C PHE A 686 6.26 32.23 7.41
N ASN A 687 7.29 32.30 8.22
CA ASN A 687 8.43 33.23 8.04
C ASN A 687 9.73 32.42 8.08
N TYR A 688 10.76 32.93 7.42
CA TYR A 688 12.09 32.32 7.40
C TYR A 688 13.18 33.40 7.40
N ARG A 689 14.39 32.97 7.75
CA ARG A 689 15.62 33.75 7.52
C ARG A 689 16.80 32.78 7.39
N LYS A 690 17.85 33.25 6.73
CA LYS A 690 19.12 32.51 6.56
C LYS A 690 19.73 32.33 7.95
N SER A 691 20.17 31.11 8.23
CA SER A 691 20.96 30.74 9.43
C SER A 691 22.14 31.72 9.56
N SER A 692 22.75 32.15 8.43
CA SER A 692 23.94 33.05 8.36
C SER A 692 23.63 34.46 8.92
N GLU A 693 22.69 35.24 8.38
CA GLU A 693 22.36 36.58 8.96
C GLU A 693 20.90 36.96 8.70
N LYS A 698 15.31 41.46 9.15
CA LYS A 698 13.96 40.92 9.50
C LYS A 698 13.55 39.78 8.56
N SER A 699 12.74 38.86 9.09
CA SER A 699 12.35 37.61 8.40
C SER A 699 11.42 37.93 7.22
N GLU A 700 11.40 37.05 6.22
CA GLU A 700 10.48 37.10 5.05
C GLU A 700 9.22 36.30 5.39
N GLU A 701 8.03 36.78 5.02
CA GLU A 701 6.79 36.00 5.20
C GLU A 701 6.41 35.37 3.85
N ILE A 702 5.86 34.15 3.90
CA ILE A 702 5.46 33.35 2.71
C ILE A 702 4.09 32.75 2.98
N SER A 703 3.16 32.81 2.03
CA SER A 703 1.97 31.93 2.06
C SER A 703 2.08 30.93 0.90
N ILE A 704 1.84 29.66 1.22
CA ILE A 704 1.95 28.55 0.23
C ILE A 704 0.66 27.71 0.28
N ALA A 705 0.11 27.42 -0.90
CA ALA A 705 -1.09 26.60 -1.08
C ALA A 705 -0.78 25.17 -0.70
N PRO A 706 -1.83 24.36 -0.42
CA PRO A 706 -1.68 22.92 -0.21
C PRO A 706 -0.92 22.29 -1.39
N PHE A 707 -0.01 21.36 -1.11
CA PHE A 707 0.65 20.51 -2.13
C PHE A 707 1.32 21.39 -3.19
N SER A 708 1.96 22.48 -2.77
CA SER A 708 2.47 23.52 -3.69
C SER A 708 3.93 23.85 -3.38
N TYR A 709 4.44 24.86 -4.04
CA TYR A 709 5.88 25.20 -3.97
C TYR A 709 6.04 26.70 -4.16
N LYS A 710 7.18 27.21 -3.72
CA LYS A 710 7.70 28.55 -4.09
C LYS A 710 9.18 28.41 -4.38
N VAL A 711 9.67 29.21 -5.32
CA VAL A 711 11.11 29.29 -5.61
C VAL A 711 11.53 30.75 -5.52
N ILE A 712 12.54 31.03 -4.69
CA ILE A 712 13.12 32.40 -4.57
C ILE A 712 14.53 32.35 -5.14
N LYS A 713 14.86 33.23 -6.09
CA LYS A 713 16.26 33.37 -6.55
C LYS A 713 16.89 34.60 -5.93
N GLU A 714 18.10 34.46 -5.41
CA GLU A 714 18.92 35.58 -4.88
C GLU A 714 20.19 35.72 -5.73
N ASN A 715 20.54 36.93 -6.15
CA ASN A 715 21.84 37.20 -6.83
C ASN A 715 22.89 37.46 -5.73
N LYS A 716 24.02 36.75 -5.72
CA LYS A 716 24.98 36.81 -4.58
C LYS A 716 26.01 37.95 -4.73
N SER B 6 -38.48 4.19 7.53
CA SER B 6 -37.64 3.00 7.17
C SER B 6 -36.17 3.14 7.64
N GLU B 7 -35.62 4.35 7.74
CA GLU B 7 -34.21 4.54 8.16
C GLU B 7 -34.03 4.17 9.63
N LYS B 8 -32.82 3.77 10.01
CA LYS B 8 -32.43 3.46 11.40
C LYS B 8 -31.56 4.61 11.90
N TYR B 9 -31.82 5.12 13.09
CA TYR B 9 -31.08 6.28 13.61
C TYR B 9 -31.20 6.29 15.12
N PHE B 10 -30.22 6.91 15.76
CA PHE B 10 -30.25 7.14 17.21
C PHE B 10 -31.41 8.10 17.49
N VAL B 11 -31.94 8.01 18.72
CA VAL B 11 -33.12 8.83 19.15
C VAL B 11 -32.77 9.57 20.43
N LYS B 12 -33.14 10.84 20.56
CA LYS B 12 -33.08 11.57 21.85
C LYS B 12 -34.38 12.35 21.97
N ASN B 13 -35.06 12.25 23.13
CA ASN B 13 -36.32 13.00 23.37
C ASN B 13 -37.32 12.71 22.25
N GLY B 14 -37.41 11.44 21.82
CA GLY B 14 -38.40 10.95 20.85
C GLY B 14 -38.21 11.49 19.44
N GLN B 15 -37.04 12.03 19.11
CA GLN B 15 -36.77 12.64 17.79
C GLN B 15 -35.46 12.02 17.26
N PRO B 16 -35.23 12.04 15.94
CA PRO B 16 -33.91 11.61 15.42
C PRO B 16 -32.78 12.41 16.08
N HIS B 17 -31.72 11.73 16.48
CA HIS B 17 -30.53 12.35 17.11
C HIS B 17 -29.27 11.86 16.39
N PHE B 18 -28.46 12.80 15.87
CA PHE B 18 -27.17 12.39 15.27
C PHE B 18 -26.21 12.22 16.44
N LEU B 19 -25.78 10.99 16.69
CA LEU B 19 -24.82 10.75 17.80
C LEU B 19 -23.50 11.40 17.40
N ILE B 20 -23.10 12.45 18.13
CA ILE B 20 -21.77 13.07 17.96
C ILE B 20 -21.01 12.89 19.28
N SER B 21 -20.04 11.99 19.23
CA SER B 21 -19.18 11.65 20.40
C SER B 21 -17.73 12.02 20.09
N GLY B 22 -16.97 12.35 21.14
CA GLY B 22 -15.52 12.55 21.06
C GLY B 22 -14.81 11.65 22.04
N GLU B 23 -13.71 11.03 21.62
CA GLU B 23 -12.94 10.08 22.45
C GLU B 23 -11.95 10.94 23.24
N VAL B 24 -12.07 10.84 24.56
CA VAL B 24 -11.23 11.58 25.53
C VAL B 24 -10.77 10.59 26.59
N HIS B 25 -9.48 10.26 26.61
CA HIS B 25 -8.94 9.24 27.54
C HIS B 25 -8.48 9.93 28.83
N TYR B 26 -9.34 9.90 29.86
CA TYR B 26 -9.06 10.53 31.17
C TYR B 26 -7.72 10.00 31.71
N PHE B 27 -7.43 8.71 31.52
CA PHE B 27 -6.22 8.05 32.06
C PHE B 27 -4.94 8.60 31.39
N ARG B 28 -5.11 9.37 30.32
CA ARG B 28 -3.99 9.92 29.53
C ARG B 28 -3.95 11.43 29.59
N ILE B 29 -4.77 12.04 30.46
CA ILE B 29 -4.88 13.53 30.51
C ILE B 29 -4.71 14.01 31.95
N ASN B 30 -3.98 15.10 32.11
CA ASN B 30 -3.82 15.71 33.44
C ASN B 30 -5.20 15.97 34.03
N PRO B 31 -5.55 15.42 35.21
CA PRO B 31 -6.89 15.65 35.75
C PRO B 31 -7.28 17.11 36.01
N LYS B 32 -6.31 17.99 36.20
CA LYS B 32 -6.61 19.43 36.33
C LYS B 32 -7.28 19.92 35.07
N LEU B 33 -7.04 19.25 33.94
CA LEU B 33 -7.51 19.69 32.61
C LEU B 33 -8.70 18.85 32.11
N TRP B 34 -9.21 17.91 32.90
CA TRP B 34 -10.37 17.08 32.51
C TRP B 34 -11.56 17.99 32.18
N ARG B 35 -11.89 18.95 33.06
CA ARG B 35 -13.07 19.82 32.83
C ARG B 35 -12.89 20.63 31.54
N ASN B 36 -11.68 21.15 31.30
CA ASN B 36 -11.38 21.99 30.10
C ASN B 36 -11.60 21.20 28.80
N HIS B 37 -11.09 19.97 28.75
CA HIS B 37 -11.27 19.06 27.58
C HIS B 37 -12.78 18.88 27.34
N LEU B 38 -13.55 18.61 28.41
CA LEU B 38 -14.98 18.30 28.28
C LEU B 38 -15.74 19.54 27.80
N GLN B 39 -15.42 20.71 28.36
CA GLN B 39 -16.08 21.98 27.98
C GLN B 39 -15.79 22.26 26.52
N LEU B 40 -14.54 22.10 26.10
CA LEU B 40 -14.19 22.34 24.67
C LEU B 40 -14.91 21.32 23.78
N LEU B 41 -15.06 20.06 24.20
CA LEU B 41 -15.77 19.05 23.37
C LEU B 41 -17.21 19.50 23.22
N LYS B 42 -17.85 19.82 24.36
CA LYS B 42 -19.27 20.24 24.34
C LYS B 42 -19.42 21.46 23.41
N GLN B 43 -18.46 22.38 23.46
CA GLN B 43 -18.56 23.64 22.68
C GLN B 43 -18.47 23.38 21.15
N THR B 44 -18.08 22.18 20.69
CA THR B 44 -18.15 21.82 19.25
C THR B 44 -19.57 21.41 18.86
N GLY B 45 -20.49 21.25 19.83
CA GLY B 45 -21.84 20.72 19.61
C GLY B 45 -21.90 19.20 19.79
N ALA B 46 -20.80 18.55 20.16
CA ALA B 46 -20.80 17.11 20.50
C ALA B 46 -21.71 16.92 21.74
N ASP B 47 -22.40 15.77 21.81
CA ASP B 47 -23.40 15.46 22.89
C ASP B 47 -22.84 14.36 23.79
N THR B 48 -21.83 13.62 23.35
CA THR B 48 -21.31 12.42 24.04
C THR B 48 -19.78 12.46 24.07
N VAL B 49 -19.23 11.87 25.10
CA VAL B 49 -17.77 11.66 25.23
C VAL B 49 -17.60 10.15 25.42
N SER B 50 -16.49 9.60 24.96
CA SER B 50 -16.24 8.14 24.94
C SER B 50 -14.83 7.88 25.49
N THR B 51 -14.66 6.82 26.30
CA THR B 51 -13.35 6.43 26.86
C THR B 51 -13.32 4.93 27.16
N TYR B 52 -12.13 4.36 27.09
CA TYR B 52 -11.80 3.09 27.74
C TYR B 52 -11.65 3.32 29.23
N ILE B 53 -11.91 2.25 29.96
CA ILE B 53 -11.62 2.13 31.41
C ILE B 53 -10.66 0.96 31.51
N PRO B 54 -9.34 1.22 31.53
CA PRO B 54 -8.35 0.15 31.42
C PRO B 54 -8.23 -0.64 32.72
N TRP B 55 -8.41 -1.94 32.60
CA TRP B 55 -8.27 -2.91 33.72
C TRP B 55 -6.89 -2.74 34.40
N ASP B 56 -5.81 -2.65 33.62
CA ASP B 56 -4.42 -2.48 34.13
C ASP B 56 -4.31 -1.19 34.97
N TRP B 57 -5.02 -0.14 34.57
CA TRP B 57 -4.94 1.21 35.20
C TRP B 57 -5.61 1.22 36.58
N HIS B 58 -6.63 0.41 36.80
CA HIS B 58 -7.51 0.50 38.00
C HIS B 58 -7.28 -0.68 38.94
N GLU B 59 -6.98 -1.89 38.47
CA GLU B 59 -6.57 -3.00 39.38
C GLU B 59 -5.05 -2.97 39.44
N ILE B 60 -4.50 -2.16 40.33
CA ILE B 60 -3.05 -1.75 40.27
C ILE B 60 -2.15 -2.88 40.75
N GLU B 61 -2.68 -3.71 41.62
CA GLU B 61 -2.11 -5.03 42.00
C GLU B 61 -3.29 -5.99 42.19
N GLU B 62 -3.05 -7.30 42.26
CA GLU B 62 -4.15 -8.26 42.37
C GLU B 62 -5.05 -7.88 43.56
N ASP B 63 -6.33 -7.70 43.30
CA ASP B 63 -7.41 -7.40 44.28
C ASP B 63 -7.18 -6.07 45.01
N ASP B 64 -6.42 -5.16 44.41
CA ASP B 64 -6.26 -3.76 44.88
C ASP B 64 -6.77 -2.82 43.77
N PHE B 65 -7.92 -2.22 44.00
CA PHE B 65 -8.63 -1.39 42.99
C PHE B 65 -8.64 0.09 43.42
N ASP B 66 -8.34 0.97 42.47
CA ASP B 66 -8.35 2.43 42.67
C ASP B 66 -9.18 3.05 41.55
N PHE B 67 -10.40 3.49 41.88
CA PHE B 67 -11.27 4.25 40.94
C PHE B 67 -11.42 5.71 41.36
N GLU B 68 -10.69 6.14 42.40
CA GLU B 68 -10.91 7.45 43.08
C GLU B 68 -9.65 8.28 43.10
N GLY B 69 -8.59 7.87 42.43
CA GLY B 69 -7.34 8.65 42.42
C GLY B 69 -6.61 8.62 43.75
N LYS B 70 -6.78 7.56 44.53
CA LYS B 70 -6.02 7.38 45.80
C LYS B 70 -4.51 7.27 45.51
N THR B 71 -4.08 6.64 44.40
CA THR B 71 -2.67 6.27 44.11
C THR B 71 -2.12 7.04 42.91
N HIS B 72 -2.97 7.57 42.04
CA HIS B 72 -2.55 8.49 40.95
C HIS B 72 -3.76 9.31 40.61
N PRO B 73 -3.69 10.65 40.45
CA PRO B 73 -4.91 11.44 40.30
C PRO B 73 -5.75 11.01 39.08
N ALA B 74 -5.10 10.51 38.03
CA ALA B 74 -5.78 10.11 36.77
C ALA B 74 -6.42 8.71 36.88
N ARG B 75 -6.36 8.06 38.05
CA ARG B 75 -7.19 6.85 38.36
C ARG B 75 -8.57 7.24 38.94
N ASN B 76 -8.84 8.53 39.11
CA ASN B 76 -10.15 9.05 39.59
C ASN B 76 -11.22 8.97 38.50
N LEU B 77 -11.60 7.75 38.13
CA LEU B 77 -12.74 7.48 37.21
C LEU B 77 -14.02 8.13 37.74
N ILE B 78 -14.32 8.01 39.03
CA ILE B 78 -15.58 8.54 39.63
C ILE B 78 -15.67 10.02 39.31
N ARG B 79 -14.57 10.74 39.52
CA ARG B 79 -14.54 12.20 39.29
C ARG B 79 -14.77 12.49 37.79
N PHE B 80 -14.07 11.81 36.88
CA PHE B 80 -14.30 12.00 35.42
C PHE B 80 -15.79 11.80 35.05
N ILE B 81 -16.41 10.73 35.55
CA ILE B 81 -17.85 10.47 35.26
C ILE B 81 -18.68 11.65 35.79
N LYS B 82 -18.37 12.12 37.00
CA LYS B 82 -19.10 13.26 37.63
C LYS B 82 -18.94 14.49 36.73
N LEU B 83 -17.73 14.72 36.17
CA LEU B 83 -17.48 15.90 35.32
C LEU B 83 -18.30 15.80 34.04
N CYS B 84 -18.39 14.61 33.44
CA CYS B 84 -19.19 14.41 32.21
C CYS B 84 -20.62 14.94 32.48
N LYS B 85 -21.20 14.53 33.60
CA LYS B 85 -22.56 14.95 34.00
C LYS B 85 -22.56 16.46 34.21
N GLU B 86 -21.61 17.02 34.95
CA GLU B 86 -21.60 18.47 35.22
C GLU B 86 -21.51 19.26 33.91
N GLU B 87 -20.84 18.72 32.88
CA GLU B 87 -20.59 19.43 31.61
C GLU B 87 -21.59 19.02 30.52
N ASN B 88 -22.65 18.31 30.90
CA ASN B 88 -23.83 17.98 30.08
C ASN B 88 -23.41 17.15 28.85
N LEU B 89 -22.62 16.10 29.11
CA LEU B 89 -22.19 15.13 28.08
C LEU B 89 -22.68 13.77 28.53
N ASP B 90 -23.29 13.02 27.63
CA ASP B 90 -23.47 11.56 27.80
C ASP B 90 -22.09 10.91 27.74
N LEU B 91 -21.96 9.72 28.32
CA LEU B 91 -20.68 9.00 28.36
C LEU B 91 -20.83 7.59 27.78
N ILE B 92 -19.91 7.22 26.89
CA ILE B 92 -19.71 5.82 26.44
C ILE B 92 -18.52 5.26 27.21
N VAL B 93 -18.68 4.11 27.89
CA VAL B 93 -17.55 3.48 28.65
C VAL B 93 -17.18 2.15 28.03
N LYS B 94 -15.90 1.81 28.09
CA LYS B 94 -15.36 0.65 27.37
C LYS B 94 -14.36 -0.05 28.27
N PRO B 95 -14.84 -0.89 29.22
CA PRO B 95 -13.98 -1.45 30.25
C PRO B 95 -13.23 -2.74 29.88
N GLY B 96 -13.27 -3.15 28.61
CA GLY B 96 -12.46 -4.29 28.16
C GLY B 96 -13.18 -5.61 28.41
N PRO B 97 -12.49 -6.70 28.78
CA PRO B 97 -11.12 -6.64 29.29
C PRO B 97 -10.03 -6.14 28.34
N TYR B 98 -10.05 -6.48 27.04
CA TYR B 98 -9.08 -5.93 26.08
C TYR B 98 -9.54 -4.52 25.70
N ILE B 99 -8.63 -3.54 25.69
CA ILE B 99 -8.92 -2.20 25.09
C ILE B 99 -8.04 -1.92 23.88
N LEU B 100 -6.90 -2.59 23.70
CA LEU B 100 -5.93 -2.24 22.62
C LEU B 100 -5.46 -0.81 22.83
N ALA B 101 -5.78 0.15 21.97
CA ALA B 101 -5.61 1.59 22.28
C ALA B 101 -4.14 1.95 22.54
N GLU B 102 -3.20 1.21 21.94
CA GLU B 102 -1.74 1.38 22.14
C GLU B 102 -1.41 1.42 23.65
N TYR B 103 -2.18 0.69 24.48
CA TYR B 103 -1.94 0.61 25.93
C TYR B 103 -1.09 -0.64 26.15
N GLU B 104 -0.07 -0.56 27.00
CA GLU B 104 0.85 -1.70 27.28
C GLU B 104 0.01 -2.91 27.64
N ASN B 105 0.31 -4.06 27.03
CA ASN B 105 -0.37 -5.35 27.31
C ASN B 105 -1.84 -5.27 26.85
N GLN B 106 -2.18 -4.30 25.99
CA GLN B 106 -3.52 -4.12 25.38
C GLN B 106 -4.58 -3.92 26.47
N GLY B 107 -4.15 -3.48 27.66
CA GLY B 107 -5.04 -3.10 28.78
C GLY B 107 -5.09 -4.16 29.86
N LEU B 108 -4.53 -5.35 29.63
CA LEU B 108 -4.53 -6.40 30.70
C LEU B 108 -3.46 -6.03 31.71
N PRO B 109 -3.68 -6.29 33.02
CA PRO B 109 -2.69 -5.99 34.05
C PRO B 109 -1.40 -6.78 33.91
N SER B 110 -0.27 -6.15 34.17
CA SER B 110 1.04 -6.88 34.15
C SER B 110 0.99 -8.02 35.17
N TRP B 111 0.40 -7.78 36.34
CA TRP B 111 0.41 -8.76 37.45
C TRP B 111 -0.38 -9.98 37.01
N LEU B 112 -1.42 -9.79 36.19
CA LEU B 112 -2.27 -10.88 35.64
C LEU B 112 -1.45 -11.73 34.66
N LEU B 113 -0.80 -11.09 33.67
CA LEU B 113 0.00 -11.80 32.66
C LEU B 113 1.15 -12.58 33.32
N LYS B 114 1.69 -12.08 34.43
CA LYS B 114 2.81 -12.74 35.15
C LYS B 114 2.31 -14.03 35.84
N LYS B 115 1.09 -13.98 36.39
CA LYS B 115 0.44 -14.95 37.31
C LYS B 115 -0.27 -16.07 36.51
N LEU B 116 -0.86 -15.78 35.35
CA LEU B 116 -1.66 -16.79 34.58
C LEU B 116 -0.80 -18.03 34.25
N SER B 117 -1.39 -19.21 34.39
CA SER B 117 -0.85 -20.51 33.93
C SER B 117 -0.66 -20.49 32.43
N LYS B 118 0.18 -21.35 31.89
CA LYS B 118 0.44 -21.44 30.44
C LYS B 118 -0.86 -21.73 29.68
N ASN B 119 -1.80 -22.47 30.29
CA ASN B 119 -3.05 -22.93 29.64
C ASN B 119 -4.10 -21.81 29.55
N ALA B 120 -3.81 -20.62 30.09
CA ALA B 120 -4.64 -19.40 29.94
C ALA B 120 -4.31 -18.68 28.64
N PHE B 121 -3.20 -19.01 27.97
CA PHE B 121 -2.68 -18.27 26.79
C PHE B 121 -3.14 -18.92 25.49
N ALA B 122 -3.20 -18.09 24.45
CA ALA B 122 -3.38 -18.56 23.06
C ALA B 122 -2.10 -19.31 22.70
N LEU B 123 -2.23 -20.53 22.19
CA LEU B 123 -1.05 -21.38 21.89
C LEU B 123 -1.02 -21.68 20.38
N ASP B 124 0.18 -21.82 19.84
CA ASP B 124 0.42 -22.25 18.43
C ASP B 124 0.22 -23.77 18.40
N GLU B 125 0.35 -24.39 17.24
CA GLU B 125 -0.05 -25.82 17.05
C GLU B 125 0.92 -26.73 17.81
N ASN B 126 2.12 -26.21 18.12
CA ASN B 126 3.18 -26.91 18.91
C ASN B 126 2.97 -26.73 20.42
N GLY B 127 1.96 -25.96 20.86
CA GLY B 127 1.67 -25.74 22.30
C GLY B 127 2.52 -24.63 22.89
N ASN B 128 3.07 -23.73 22.07
CA ASN B 128 3.90 -22.58 22.53
C ASN B 128 3.05 -21.32 22.58
N VAL B 129 3.29 -20.49 23.62
CA VAL B 129 2.57 -19.21 23.85
C VAL B 129 2.78 -18.30 22.63
N ILE B 130 1.71 -17.83 22.00
CA ILE B 130 1.81 -17.00 20.78
C ILE B 130 2.37 -15.63 21.15
N SER B 131 1.89 -15.01 22.23
CA SER B 131 2.33 -13.67 22.66
C SER B 131 2.06 -13.52 24.14
N PRO B 132 3.00 -12.94 24.91
CA PRO B 132 2.84 -12.84 26.36
C PRO B 132 1.64 -11.98 26.80
N ASP B 133 1.02 -11.23 25.89
CA ASP B 133 -0.20 -10.40 26.21
C ASP B 133 -1.47 -10.97 25.54
N LEU B 134 -1.42 -12.18 24.99
CA LEU B 134 -2.53 -12.78 24.20
C LEU B 134 -3.09 -13.99 24.94
N VAL B 135 -4.22 -13.77 25.60
CA VAL B 135 -4.89 -14.87 26.34
C VAL B 135 -5.82 -15.61 25.38
N SER B 136 -6.21 -16.79 25.82
CA SER B 136 -7.28 -17.58 25.19
C SER B 136 -8.60 -17.00 25.71
N TYR B 137 -9.49 -16.55 24.83
CA TYR B 137 -10.72 -15.85 25.23
C TYR B 137 -11.56 -16.71 26.18
N LEU B 138 -11.67 -18.04 25.96
CA LEU B 138 -12.49 -18.90 26.86
C LEU B 138 -11.66 -19.62 27.92
N SER B 139 -10.44 -19.18 28.23
CA SER B 139 -9.63 -19.69 29.37
C SER B 139 -10.44 -19.51 30.65
N ASP B 140 -10.61 -20.58 31.43
CA ASP B 140 -11.29 -20.50 32.76
C ASP B 140 -10.62 -19.43 33.63
N GLU B 141 -9.28 -19.41 33.67
CA GLU B 141 -8.49 -18.50 34.55
C GLU B 141 -8.64 -17.04 34.04
N PHE B 142 -8.62 -16.82 32.74
CA PHE B 142 -8.82 -15.46 32.17
C PHE B 142 -10.25 -14.96 32.49
N LEU B 143 -11.29 -15.78 32.29
CA LEU B 143 -12.69 -15.34 32.55
C LEU B 143 -12.92 -15.16 34.05
N GLU B 144 -12.22 -15.93 34.88
CA GLU B 144 -12.32 -15.77 36.35
C GLU B 144 -11.82 -14.37 36.74
N TYR B 145 -10.65 -13.99 36.24
CA TYR B 145 -10.04 -12.68 36.57
C TYR B 145 -10.82 -11.55 35.90
N THR B 146 -11.34 -11.79 34.69
CA THR B 146 -12.20 -10.81 33.97
C THR B 146 -13.46 -10.52 34.82
N PHE B 147 -14.13 -11.58 35.26
CA PHE B 147 -15.31 -11.51 36.16
C PHE B 147 -14.97 -10.70 37.42
N LYS B 148 -13.78 -10.88 38.00
CA LYS B 148 -13.40 -10.14 39.24
C LYS B 148 -13.19 -8.66 38.97
N TRP B 149 -12.65 -8.32 37.79
CA TRP B 149 -12.60 -6.92 37.27
C TRP B 149 -14.03 -6.37 37.09
N TYR B 150 -14.90 -7.10 36.42
CA TYR B 150 -16.31 -6.71 36.17
C TYR B 150 -17.03 -6.51 37.52
N ASP B 151 -16.73 -7.35 38.52
CA ASP B 151 -17.35 -7.25 39.86
C ASP B 151 -17.03 -5.90 40.50
N LYS B 152 -15.94 -5.25 40.12
CA LYS B 152 -15.55 -3.93 40.69
C LYS B 152 -15.99 -2.78 39.79
N VAL B 153 -15.80 -2.87 38.47
CA VAL B 153 -16.09 -1.71 37.57
C VAL B 153 -17.58 -1.64 37.22
N MET B 154 -18.26 -2.78 37.07
CA MET B 154 -19.66 -2.82 36.59
C MET B 154 -20.60 -2.21 37.63
N PRO B 155 -20.46 -2.37 38.96
CA PRO B 155 -21.35 -1.64 39.89
C PRO B 155 -21.22 -0.12 39.77
N ILE B 156 -20.03 0.39 39.44
CA ILE B 156 -19.77 1.84 39.21
C ILE B 156 -20.51 2.29 37.94
N ILE B 157 -20.34 1.55 36.84
CA ILE B 157 -21.05 1.83 35.55
C ILE B 157 -22.56 1.77 35.79
N SER B 158 -23.04 0.74 36.50
CA SER B 158 -24.48 0.54 36.79
C SER B 158 -25.05 1.77 37.52
N LYS B 159 -24.37 2.24 38.55
CA LYS B 159 -24.82 3.39 39.36
C LYS B 159 -24.90 4.66 38.50
N HIS B 160 -24.06 4.80 37.46
CA HIS B 160 -23.94 6.07 36.69
C HIS B 160 -24.68 6.01 35.34
N GLN B 161 -25.55 5.02 35.13
CA GLN B 161 -26.45 4.96 33.94
C GLN B 161 -27.37 6.19 33.90
N LYS B 162 -27.77 6.61 32.71
CA LYS B 162 -28.71 7.73 32.47
C LYS B 162 -29.98 7.51 33.32
N GLU B 163 -30.41 6.25 33.39
CA GLU B 163 -31.57 5.74 34.19
C GLU B 163 -31.55 6.36 35.60
N HIS B 164 -30.36 6.42 36.20
CA HIS B 164 -30.11 6.96 37.56
C HIS B 164 -29.49 8.38 37.45
N TYR B 165 -29.94 9.19 36.47
CA TYR B 165 -29.47 10.56 36.10
C TYR B 165 -27.94 10.66 36.25
N GLY B 166 -27.27 9.57 35.89
CA GLY B 166 -25.85 9.55 35.51
C GLY B 166 -25.73 9.85 34.03
N PRO B 167 -24.50 10.01 33.51
CA PRO B 167 -24.32 10.28 32.08
C PRO B 167 -24.18 9.05 31.15
N ILE B 168 -24.04 7.83 31.70
CA ILE B 168 -23.61 6.64 30.91
C ILE B 168 -24.80 6.16 30.06
N THR B 169 -24.64 6.14 28.73
CA THR B 169 -25.69 5.75 27.75
C THR B 169 -25.31 4.51 26.93
N MET B 170 -24.04 4.13 26.86
CA MET B 170 -23.65 2.95 26.07
C MET B 170 -22.39 2.34 26.67
N MET B 171 -22.21 1.07 26.44
CA MET B 171 -20.98 0.37 26.87
C MET B 171 -20.52 -0.58 25.77
N GLN B 172 -19.22 -0.54 25.48
CA GLN B 172 -18.56 -1.50 24.59
C GLN B 172 -18.08 -2.73 25.38
N LEU B 173 -18.37 -3.92 24.90
CA LEU B 173 -17.85 -5.21 25.41
C LEU B 173 -16.50 -5.47 24.73
N CYS B 174 -15.43 -5.59 25.52
CA CYS B 174 -14.09 -5.96 25.02
C CYS B 174 -13.72 -4.98 23.90
N ASN B 175 -12.99 -5.43 22.89
CA ASN B 175 -12.51 -4.51 21.83
C ASN B 175 -12.02 -5.35 20.65
N GLU B 176 -12.63 -5.14 19.48
CA GLU B 176 -12.27 -5.79 18.18
C GLU B 176 -12.00 -7.29 18.41
N ILE B 177 -13.01 -8.02 18.89
CA ILE B 177 -12.84 -9.46 19.18
C ILE B 177 -12.26 -10.18 17.95
N GLY B 178 -11.18 -10.94 18.15
CA GLY B 178 -10.51 -11.70 17.08
C GLY B 178 -9.45 -10.89 16.34
N VAL B 179 -9.28 -9.60 16.67
CA VAL B 179 -8.31 -8.73 15.93
C VAL B 179 -6.92 -9.40 15.90
N PHE B 180 -6.48 -10.09 16.96
CA PHE B 180 -5.09 -10.64 17.04
C PHE B 180 -4.93 -11.84 16.10
N GLN B 181 -6.00 -12.61 15.85
CA GLN B 181 -5.95 -13.71 14.84
C GLN B 181 -5.88 -13.10 13.43
N TRP B 182 -6.58 -12.00 13.21
CA TRP B 182 -6.43 -11.23 11.93
C TRP B 182 -5.00 -10.72 11.72
N LEU B 183 -4.46 -9.95 12.67
CA LEU B 183 -3.15 -9.24 12.55
C LEU B 183 -1.99 -10.26 12.36
N SER B 184 -2.06 -11.44 12.98
CA SER B 184 -0.99 -12.46 12.96
C SER B 184 -1.23 -13.50 11.86
N GLY B 185 -2.48 -13.74 11.45
CA GLY B 185 -2.84 -14.87 10.58
C GLY B 185 -2.82 -16.20 11.33
N LYS B 186 -2.74 -16.17 12.66
CA LYS B 186 -2.57 -17.37 13.51
C LYS B 186 -3.81 -17.60 14.35
N SER B 187 -4.30 -18.84 14.36
CA SER B 187 -5.43 -19.31 15.17
C SER B 187 -4.92 -19.77 16.53
N ASP B 188 -5.79 -19.69 17.53
CA ASP B 188 -5.55 -20.22 18.90
C ASP B 188 -5.75 -21.75 18.85
N TYR B 189 -4.69 -22.52 19.12
CA TYR B 189 -4.70 -24.00 19.22
C TYR B 189 -4.61 -24.42 20.68
N ASN B 190 -4.96 -23.55 21.63
CA ASN B 190 -5.16 -23.91 23.06
C ASN B 190 -6.01 -25.18 23.09
N PRO B 191 -5.62 -26.24 23.84
CA PRO B 191 -6.41 -27.47 23.85
C PRO B 191 -7.90 -27.23 24.19
N LYS B 192 -8.22 -26.19 24.96
CA LYS B 192 -9.61 -25.91 25.36
C LYS B 192 -10.41 -25.44 24.13
N VAL B 193 -9.77 -24.61 23.31
CA VAL B 193 -10.36 -24.14 22.03
C VAL B 193 -10.57 -25.35 21.10
N ILE B 194 -9.55 -26.21 20.98
CA ILE B 194 -9.59 -27.37 20.05
C ILE B 194 -10.69 -28.34 20.51
N ASN B 195 -10.83 -28.53 21.81
CA ASN B 195 -11.95 -29.34 22.36
C ASN B 195 -13.29 -28.74 21.92
N LEU B 196 -13.48 -27.42 22.03
CA LEU B 196 -14.75 -26.75 21.59
C LEU B 196 -14.94 -26.90 20.08
N TYR B 197 -13.86 -26.81 19.30
CA TYR B 197 -13.90 -27.09 17.84
C TYR B 197 -14.42 -28.52 17.57
N LYS B 198 -13.83 -29.53 18.21
CA LYS B 198 -14.27 -30.95 18.07
C LYS B 198 -15.76 -31.04 18.39
N GLU B 199 -16.21 -30.48 19.50
CA GLU B 199 -17.65 -30.47 19.87
C GLU B 199 -18.46 -29.81 18.75
N PHE B 200 -17.95 -28.72 18.18
CA PHE B 200 -18.62 -28.01 17.05
C PHE B 200 -18.77 -28.99 15.88
N ILE B 201 -17.71 -29.72 15.56
CA ILE B 201 -17.70 -30.61 14.37
C ILE B 201 -18.64 -31.81 14.62
N ILE B 202 -18.59 -32.41 15.81
CA ILE B 202 -19.47 -33.55 16.21
C ILE B 202 -20.94 -33.09 16.14
N GLN B 203 -21.24 -31.92 16.67
CA GLN B 203 -22.59 -31.28 16.66
C GLN B 203 -23.02 -31.10 15.20
N ARG B 204 -22.11 -30.63 14.34
CA ARG B 204 -22.47 -30.28 12.94
C ARG B 204 -22.74 -31.55 12.14
N TYR B 205 -21.88 -32.57 12.21
CA TYR B 205 -21.88 -33.74 11.28
C TYR B 205 -22.52 -34.99 11.92
N LYS B 206 -22.55 -35.07 13.26
CA LYS B 206 -23.18 -36.18 14.02
C LYS B 206 -22.31 -37.46 14.04
N THR B 207 -21.87 -37.94 12.87
CA THR B 207 -21.10 -39.21 12.70
C THR B 207 -19.86 -38.98 11.84
N ILE B 208 -18.82 -39.78 12.10
CA ILE B 208 -17.55 -39.69 11.34
C ILE B 208 -17.85 -40.00 9.87
N GLU B 209 -18.86 -40.84 9.58
CA GLU B 209 -19.18 -41.22 8.17
C GLU B 209 -19.70 -39.99 7.44
N LYS B 210 -20.51 -39.17 8.09
CA LYS B 210 -21.08 -37.98 7.43
C LYS B 210 -19.94 -36.99 7.16
N LEU B 211 -19.04 -36.78 8.11
CA LEU B 211 -17.93 -35.82 7.89
C LEU B 211 -17.04 -36.37 6.78
N ASN B 212 -16.69 -37.66 6.82
CA ASN B 212 -15.89 -38.26 5.73
C ASN B 212 -16.56 -38.05 4.38
N SER B 213 -17.87 -38.21 4.25
CA SER B 213 -18.54 -38.04 2.92
C SER B 213 -18.37 -36.60 2.45
N VAL B 214 -18.47 -35.62 3.36
CA VAL B 214 -18.38 -34.18 2.97
C VAL B 214 -16.91 -33.87 2.69
N TYR B 215 -15.98 -34.25 3.57
CA TYR B 215 -14.56 -33.84 3.45
C TYR B 215 -13.78 -34.76 2.51
N SER B 216 -14.31 -35.95 2.18
CA SER B 216 -13.54 -37.04 1.52
C SER B 216 -12.34 -37.41 2.37
N THR B 217 -12.50 -37.51 3.70
CA THR B 217 -11.44 -37.96 4.62
C THR B 217 -11.67 -39.45 4.94
N ASN B 218 -10.74 -40.05 5.69
CA ASN B 218 -10.53 -41.51 5.77
C ASN B 218 -10.43 -41.87 7.24
N TYR B 219 -11.12 -41.10 8.07
CA TYR B 219 -11.09 -41.23 9.54
C TYR B 219 -11.89 -42.47 9.91
N ASN B 220 -11.48 -43.15 10.99
CA ASN B 220 -12.21 -44.33 11.54
C ASN B 220 -13.13 -43.88 12.69
N SER B 221 -12.83 -42.74 13.29
CA SER B 221 -13.66 -42.09 14.33
C SER B 221 -13.26 -40.63 14.44
N PHE B 222 -14.02 -39.85 15.23
CA PHE B 222 -13.77 -38.42 15.54
C PHE B 222 -12.42 -38.28 16.26
N ASP B 223 -11.96 -39.35 16.90
CA ASP B 223 -10.64 -39.36 17.59
C ASP B 223 -9.51 -39.10 16.58
N ASP B 224 -9.64 -39.53 15.32
CA ASP B 224 -8.55 -39.32 14.32
C ASP B 224 -8.46 -37.83 13.93
N LEU B 225 -9.53 -37.05 14.15
CA LEU B 225 -9.71 -35.67 13.63
C LEU B 225 -8.74 -34.71 14.33
N LYS B 226 -7.95 -33.95 13.57
CA LYS B 226 -6.97 -32.98 14.11
C LYS B 226 -7.35 -31.60 13.54
N ALA B 227 -7.18 -30.55 14.34
CA ALA B 227 -7.48 -29.16 13.88
C ALA B 227 -6.61 -28.89 12.66
N PRO B 228 -7.11 -28.19 11.63
CA PRO B 228 -6.27 -27.93 10.46
C PRO B 228 -5.12 -26.97 10.81
N SER B 229 -4.02 -27.10 10.10
CA SER B 229 -2.81 -26.23 10.22
C SER B 229 -2.01 -26.37 8.94
N GLY B 230 -1.10 -25.45 8.68
CA GLY B 230 -0.23 -25.48 7.50
C GLY B 230 -0.99 -25.08 6.25
N LYS B 231 -0.32 -25.19 5.10
CA LYS B 231 -0.91 -24.79 3.82
C LYS B 231 -1.98 -25.81 3.43
N ILE B 232 -2.98 -25.34 2.69
CA ILE B 232 -4.05 -26.18 2.11
C ILE B 232 -3.50 -26.82 0.82
N LYS B 233 -3.35 -28.14 0.83
CA LYS B 233 -2.79 -28.93 -0.30
C LYS B 233 -3.90 -29.71 -0.98
N LEU B 234 -4.93 -30.12 -0.23
CA LEU B 234 -6.03 -31.02 -0.66
C LEU B 234 -7.37 -30.32 -0.47
N ARG B 235 -8.36 -30.72 -1.26
CA ARG B 235 -9.75 -30.27 -1.04
C ARG B 235 -10.18 -30.60 0.39
N SER B 236 -9.77 -31.75 0.92
CA SER B 236 -10.16 -32.10 2.30
C SER B 236 -9.55 -31.07 3.31
N ASP B 237 -8.36 -30.53 3.05
CA ASP B 237 -7.78 -29.46 3.93
C ASP B 237 -8.66 -28.19 3.83
N TYR B 238 -9.10 -27.84 2.61
CA TYR B 238 -9.98 -26.66 2.42
C TYR B 238 -11.25 -26.81 3.26
N CYS B 239 -11.94 -27.94 3.13
CA CYS B 239 -13.15 -28.26 3.93
C CYS B 239 -12.89 -28.03 5.44
N ALA B 240 -11.82 -28.62 5.96
CA ALA B 240 -11.46 -28.60 7.40
C ALA B 240 -11.22 -27.13 7.80
N TYR B 241 -10.54 -26.36 6.96
CA TYR B 241 -10.25 -24.94 7.26
C TYR B 241 -11.55 -24.14 7.20
N PHE B 242 -12.46 -24.47 6.29
CA PHE B 242 -13.73 -23.73 6.11
C PHE B 242 -14.51 -23.85 7.40
N ASP B 243 -14.66 -25.07 7.92
CA ASP B 243 -15.40 -25.28 9.18
C ASP B 243 -14.63 -24.69 10.37
N PHE B 244 -13.32 -24.62 10.33
CA PHE B 244 -12.51 -23.98 11.42
C PHE B 244 -12.85 -22.49 11.49
N HIS B 245 -12.96 -21.84 10.33
CA HIS B 245 -13.48 -20.44 10.25
C HIS B 245 -14.89 -20.39 10.85
N LEU B 246 -15.82 -21.27 10.45
CA LEU B 246 -17.20 -21.23 11.03
C LEU B 246 -17.13 -21.34 12.56
N PHE B 247 -16.30 -22.27 13.05
CA PHE B 247 -16.10 -22.51 14.49
C PHE B 247 -15.70 -21.20 15.18
N PHE B 248 -14.71 -20.46 14.65
CA PHE B 248 -14.25 -19.19 15.27
C PHE B 248 -15.40 -18.19 15.37
N ARG B 249 -16.30 -18.10 14.39
CA ARG B 249 -17.46 -17.18 14.46
C ARG B 249 -18.35 -17.61 15.65
N GLU B 250 -18.60 -18.90 15.85
CA GLU B 250 -19.37 -19.41 17.04
C GLU B 250 -18.60 -19.14 18.34
N TYR B 251 -17.29 -19.34 18.33
CA TYR B 251 -16.40 -19.13 19.50
C TYR B 251 -16.45 -17.67 19.96
N TYR B 252 -16.39 -16.72 19.03
CA TYR B 252 -16.46 -15.27 19.36
C TYR B 252 -17.85 -14.97 19.93
N ASN B 253 -18.89 -15.62 19.43
CA ASN B 253 -20.26 -15.43 19.95
C ASN B 253 -20.36 -15.98 21.37
N LYS B 254 -19.76 -17.12 21.64
CA LYS B 254 -19.74 -17.72 22.99
C LYS B 254 -19.06 -16.75 23.97
N TYR B 255 -17.93 -16.14 23.58
CA TYR B 255 -17.16 -15.18 24.40
C TYR B 255 -18.01 -13.94 24.68
N ILE B 256 -18.49 -13.25 23.64
CA ILE B 256 -19.24 -11.98 23.87
C ILE B 256 -20.53 -12.27 24.66
N SER B 257 -21.12 -13.47 24.53
CA SER B 257 -22.35 -13.87 25.27
C SER B 257 -22.01 -14.01 26.76
N ILE B 258 -20.89 -14.62 27.10
CA ILE B 258 -20.43 -14.72 28.51
C ILE B 258 -20.27 -13.31 29.11
N LEU B 259 -19.57 -12.40 28.42
CA LEU B 259 -19.44 -11.00 28.91
C LEU B 259 -20.84 -10.36 29.03
N LYS B 260 -21.68 -10.48 28.01
CA LYS B 260 -22.98 -9.79 28.00
C LYS B 260 -23.78 -10.23 29.24
N ASN B 261 -23.96 -11.54 29.43
CA ASN B 261 -24.77 -12.07 30.57
C ASN B 261 -24.21 -11.58 31.90
N LYS B 262 -22.88 -11.56 32.07
CA LYS B 262 -22.23 -11.05 33.32
C LYS B 262 -22.58 -9.57 33.51
N ILE B 263 -22.48 -8.77 32.46
CA ILE B 263 -22.84 -7.33 32.51
C ILE B 263 -24.32 -7.17 32.92
N ARG B 264 -25.23 -7.97 32.36
CA ARG B 264 -26.69 -7.76 32.57
C ARG B 264 -27.00 -8.05 34.04
N SER B 265 -26.26 -8.96 34.66
CA SER B 265 -26.43 -9.37 36.08
C SER B 265 -26.24 -8.18 37.04
N PHE B 266 -25.68 -7.06 36.62
CA PHE B 266 -25.45 -5.88 37.51
C PHE B 266 -26.55 -4.82 37.36
N GLY B 267 -27.61 -5.13 36.60
CA GLY B 267 -28.70 -4.20 36.30
C GLY B 267 -28.30 -3.17 35.26
N ILE B 268 -27.29 -3.48 34.45
CA ILE B 268 -26.86 -2.57 33.36
C ILE B 268 -27.80 -2.82 32.18
N ASN B 269 -28.67 -1.87 31.87
CA ASN B 269 -29.68 -2.01 30.79
C ASN B 269 -29.35 -1.08 29.63
N ILE B 270 -28.26 -0.32 29.69
CA ILE B 270 -27.88 0.59 28.58
C ILE B 270 -27.56 -0.24 27.33
N LYS B 271 -27.39 0.48 26.24
CA LYS B 271 -27.09 -0.07 24.90
C LYS B 271 -25.67 -0.63 24.93
N LEU B 272 -25.47 -1.84 24.41
CA LEU B 272 -24.15 -2.50 24.35
C LEU B 272 -23.62 -2.39 22.92
N THR B 273 -22.30 -2.21 22.77
CA THR B 273 -21.65 -1.98 21.46
C THR B 273 -20.47 -2.93 21.25
N HIS B 274 -20.08 -3.02 19.99
CA HIS B 274 -18.78 -3.65 19.61
C HIS B 274 -18.25 -2.87 18.42
N ASN B 275 -17.03 -3.14 18.00
CA ASN B 275 -16.35 -2.26 17.01
C ASN B 275 -15.64 -3.13 15.98
N ILE B 276 -15.56 -2.63 14.76
CA ILE B 276 -15.10 -3.49 13.64
C ILE B 276 -13.85 -2.85 13.06
N PRO B 277 -12.69 -3.55 13.06
CA PRO B 277 -11.50 -3.04 12.40
C PRO B 277 -11.43 -3.46 10.93
N GLY B 278 -10.36 -3.02 10.25
CA GLY B 278 -10.07 -3.55 8.91
C GLY B 278 -9.43 -2.55 8.00
N TRP B 279 -9.42 -1.26 8.34
CA TRP B 279 -8.69 -0.30 7.48
C TRP B 279 -7.16 -0.58 7.60
N ILE B 280 -6.46 -0.52 6.47
CA ILE B 280 -5.00 -0.75 6.30
C ILE B 280 -4.52 0.31 5.31
N TYR B 281 -3.54 1.14 5.65
CA TYR B 281 -2.93 2.13 4.74
C TYR B 281 -4.00 2.97 4.02
N GLY B 282 -5.11 3.27 4.70
CA GLY B 282 -6.12 4.21 4.18
C GLY B 282 -7.12 3.59 3.22
N ASN B 283 -7.18 2.26 3.10
CA ASN B 283 -8.31 1.62 2.36
C ASN B 283 -8.84 0.46 3.19
N ALA B 284 -10.01 -0.06 2.82
CA ALA B 284 -10.81 -0.91 3.73
C ALA B 284 -11.30 -2.17 2.99
N SER B 285 -10.63 -2.55 1.92
CA SER B 285 -11.00 -3.75 1.12
C SER B 285 -10.93 -5.00 2.00
N GLU B 286 -10.23 -4.98 3.14
CA GLU B 286 -10.17 -6.14 4.06
C GLU B 286 -11.28 -6.07 5.12
N LEU B 287 -11.90 -4.91 5.29
CA LEU B 287 -12.83 -4.75 6.43
C LEU B 287 -14.00 -5.71 6.30
N PRO B 288 -14.51 -6.03 5.09
CA PRO B 288 -15.58 -7.03 4.98
C PRO B 288 -15.22 -8.39 5.55
N MET B 289 -13.95 -8.81 5.45
CA MET B 289 -13.52 -10.08 6.07
C MET B 289 -13.75 -10.00 7.57
N LEU B 290 -13.43 -8.85 8.18
CA LEU B 290 -13.56 -8.67 9.65
C LEU B 290 -15.04 -8.62 10.04
N ILE B 291 -15.90 -7.93 9.27
CA ILE B 291 -17.38 -7.95 9.47
C ILE B 291 -17.83 -9.44 9.50
N SER B 292 -17.28 -10.26 8.60
CA SER B 292 -17.72 -11.68 8.41
C SER B 292 -17.38 -12.50 9.67
N THR B 293 -16.39 -12.08 10.48
CA THR B 293 -15.99 -12.84 11.71
C THR B 293 -17.07 -12.63 12.79
N TYR B 294 -17.93 -11.63 12.60
CA TYR B 294 -19.00 -11.30 13.59
C TYR B 294 -20.37 -11.83 13.15
N SER B 295 -20.43 -12.70 12.13
CA SER B 295 -21.69 -13.24 11.54
C SER B 295 -22.56 -13.86 12.65
N GLU B 296 -21.97 -14.63 13.55
CA GLU B 296 -22.76 -15.37 14.59
C GLU B 296 -23.17 -14.41 15.70
N ILE B 297 -22.32 -13.45 16.06
CA ILE B 297 -22.73 -12.43 17.07
C ILE B 297 -23.92 -11.67 16.52
N MET B 298 -23.85 -11.21 15.27
CA MET B 298 -24.91 -10.36 14.66
C MET B 298 -26.23 -11.13 14.52
N LYS B 299 -26.18 -12.44 14.24
CA LYS B 299 -27.38 -13.30 14.16
C LYS B 299 -28.05 -13.39 15.54
N ASN B 300 -27.28 -13.52 16.62
CA ASN B 300 -27.82 -13.93 17.94
C ASN B 300 -27.98 -12.75 18.89
N HIS B 301 -27.41 -11.58 18.61
CA HIS B 301 -27.52 -10.41 19.52
C HIS B 301 -28.05 -9.21 18.75
N PRO B 302 -29.38 -9.08 18.62
CA PRO B 302 -29.97 -7.92 17.96
C PRO B 302 -29.69 -6.67 18.79
N ASP B 303 -29.40 -6.84 20.09
CA ASP B 303 -29.21 -5.72 21.04
C ASP B 303 -27.72 -5.32 21.16
N ILE B 304 -26.78 -5.93 20.45
CA ILE B 304 -25.38 -5.42 20.46
C ILE B 304 -25.18 -4.65 19.16
N ILE B 305 -24.89 -3.35 19.26
CA ILE B 305 -24.73 -2.52 18.04
C ILE B 305 -23.23 -2.47 17.69
N PHE B 306 -22.87 -3.01 16.53
CA PHE B 306 -21.51 -2.89 15.96
C PHE B 306 -21.38 -1.53 15.26
N GLY B 307 -20.30 -0.81 15.56
CA GLY B 307 -19.89 0.40 14.80
C GLY B 307 -18.58 0.15 14.07
N LEU B 308 -18.30 0.95 13.07
CA LEU B 308 -17.10 0.78 12.23
C LEU B 308 -15.93 1.58 12.80
N ASP B 309 -14.71 1.09 12.61
CA ASP B 309 -13.48 1.85 12.97
C ASP B 309 -12.93 2.42 11.65
N HIS B 310 -13.32 3.63 11.25
CA HIS B 310 -12.91 4.23 9.95
C HIS B 310 -11.56 4.93 10.11
N ILE B 311 -10.55 4.51 9.32
CA ILE B 311 -9.19 5.13 9.33
C ILE B 311 -8.78 5.46 7.90
N PRO B 312 -9.39 6.46 7.24
CA PRO B 312 -9.05 6.81 5.84
C PRO B 312 -7.64 7.40 5.61
N GLU B 313 -7.05 8.06 6.63
CA GLU B 313 -5.68 8.66 6.63
C GLU B 313 -5.62 9.87 5.69
N PHE B 314 -6.23 9.77 4.51
CA PHE B 314 -6.35 10.89 3.54
C PHE B 314 -7.71 10.79 2.86
N VAL B 315 -8.06 11.73 1.98
CA VAL B 315 -9.37 11.71 1.28
C VAL B 315 -9.14 12.04 -0.20
N SER B 316 -9.21 11.01 -1.06
CA SER B 316 -8.98 11.21 -2.50
C SER B 316 -9.67 10.10 -3.28
N PHE B 317 -9.57 10.17 -4.58
CA PHE B 317 -10.09 9.09 -5.42
C PHE B 317 -9.36 7.77 -5.09
N ARG B 318 -8.12 7.81 -4.57
CA ARG B 318 -7.39 6.57 -4.20
C ARG B 318 -8.18 5.73 -3.19
N ASN B 319 -9.02 6.34 -2.33
CA ASN B 319 -9.73 5.57 -1.27
C ASN B 319 -11.21 5.97 -1.15
N ALA B 320 -11.74 6.74 -2.11
CA ALA B 320 -13.10 7.33 -1.98
C ALA B 320 -14.16 6.24 -1.79
N HIS B 321 -13.94 5.05 -2.33
CA HIS B 321 -14.97 3.96 -2.36
C HIS B 321 -14.98 3.15 -1.06
N SER B 322 -13.95 3.26 -0.23
CA SER B 322 -13.81 2.35 0.92
C SER B 322 -14.95 2.57 1.92
N ASP B 323 -15.16 3.80 2.36
CA ASP B 323 -16.13 4.07 3.47
C ASP B 323 -17.55 3.67 3.01
N LEU B 324 -17.97 4.03 1.80
CA LEU B 324 -19.34 3.69 1.28
C LEU B 324 -19.50 2.17 1.28
N ALA B 325 -18.55 1.44 0.69
CA ALA B 325 -18.65 -0.05 0.61
C ALA B 325 -18.80 -0.62 2.02
N CYS B 326 -18.02 -0.13 2.98
CA CYS B 326 -18.11 -0.64 4.38
C CYS B 326 -19.48 -0.32 5.00
N ASN B 327 -19.91 0.92 4.87
CA ASN B 327 -21.21 1.36 5.46
C ASN B 327 -22.32 0.52 4.83
N LYS B 328 -22.24 0.24 3.54
CA LYS B 328 -23.30 -0.54 2.83
C LYS B 328 -23.27 -1.98 3.32
N ILE B 329 -22.09 -2.56 3.53
CA ILE B 329 -21.99 -3.97 3.98
C ILE B 329 -22.47 -4.07 5.43
N LEU B 330 -22.15 -3.09 6.28
CA LEU B 330 -22.63 -3.17 7.68
C LEU B 330 -24.17 -3.12 7.67
N GLU B 331 -24.77 -2.25 6.86
CA GLU B 331 -26.24 -2.15 6.71
C GLU B 331 -26.81 -3.53 6.32
N ALA B 332 -26.15 -4.24 5.40
CA ALA B 332 -26.63 -5.56 4.94
C ALA B 332 -26.62 -6.53 6.11
N MET B 333 -25.61 -6.48 6.98
CA MET B 333 -25.42 -7.49 8.05
C MET B 333 -26.17 -7.11 9.33
N GLN B 334 -26.50 -5.83 9.51
CA GLN B 334 -27.09 -5.25 10.75
C GLN B 334 -28.18 -4.27 10.35
N PRO B 335 -29.29 -4.77 9.77
CA PRO B 335 -30.29 -3.89 9.17
C PRO B 335 -31.19 -3.20 10.19
N GLU B 336 -31.14 -3.63 11.44
CA GLU B 336 -32.10 -3.13 12.47
C GLU B 336 -31.40 -2.08 13.34
N ALA B 337 -30.14 -1.74 13.07
CA ALA B 337 -29.44 -0.66 13.82
C ALA B 337 -28.88 0.36 12.86
N PRO B 338 -28.66 1.60 13.34
CA PRO B 338 -28.03 2.61 12.52
C PRO B 338 -26.57 2.24 12.17
N VAL B 339 -26.15 2.58 10.98
CA VAL B 339 -24.70 2.50 10.62
C VAL B 339 -24.01 3.67 11.32
N TRP B 340 -23.04 3.35 12.16
CA TRP B 340 -22.27 4.40 12.89
C TRP B 340 -20.79 3.96 13.01
N ALA B 341 -19.92 4.93 13.30
CA ALA B 341 -18.46 4.75 13.42
C ALA B 341 -18.09 4.90 14.89
N ALA B 342 -17.83 3.76 15.53
CA ALA B 342 -17.37 3.67 16.94
C ALA B 342 -16.03 4.35 17.09
N GLN B 343 -15.22 4.36 16.02
CA GLN B 343 -13.93 5.08 15.97
C GLN B 343 -13.89 5.73 14.60
N PHE B 344 -13.98 7.05 14.59
CA PHE B 344 -14.11 7.87 13.38
C PHE B 344 -12.92 8.78 13.32
N GLN B 345 -12.02 8.60 12.34
CA GLN B 345 -10.69 9.21 12.43
C GLN B 345 -10.76 10.72 12.71
N ALA B 346 -10.02 11.11 13.73
CA ALA B 346 -9.72 12.48 14.12
C ALA B 346 -8.23 12.47 14.53
N GLY B 347 -7.41 13.25 13.83
CA GLY B 347 -5.94 13.16 13.99
C GLY B 347 -5.46 11.81 13.52
N THR B 348 -4.27 11.42 13.92
CA THR B 348 -3.61 10.21 13.39
C THR B 348 -2.91 9.50 14.55
N ARG B 349 -3.03 8.19 14.56
CA ARG B 349 -2.29 7.35 15.51
C ARG B 349 -0.78 7.40 15.22
N GLU B 350 -0.40 7.74 14.00
CA GLU B 350 0.99 7.61 13.51
C GLU B 350 1.52 8.98 13.09
N HIS B 351 2.53 9.49 13.80
CA HIS B 351 3.13 10.83 13.59
C HIS B 351 3.52 11.02 12.12
N HIS B 352 4.08 9.99 11.49
CA HIS B 352 4.57 10.01 10.08
C HIS B 352 3.42 9.83 9.07
N VAL B 353 2.19 9.63 9.53
CA VAL B 353 1.03 9.43 8.62
C VAL B 353 0.06 10.58 8.91
N LYS B 354 0.23 11.66 8.17
CA LYS B 354 -0.43 12.94 8.50
C LYS B 354 -1.94 12.79 8.34
N ALA B 355 -2.69 13.48 9.21
CA ALA B 355 -4.15 13.64 9.09
C ALA B 355 -4.48 15.13 9.03
N TYR B 356 -4.71 15.62 7.84
CA TYR B 356 -5.02 17.05 7.60
C TYR B 356 -6.46 17.35 7.97
N ALA B 357 -6.66 18.44 8.70
CA ALA B 357 -8.01 18.93 9.04
C ALA B 357 -8.85 19.02 7.75
N LYS B 358 -8.31 19.59 6.64
CA LYS B 358 -9.12 19.85 5.41
C LYS B 358 -9.45 18.51 4.71
N ASP B 359 -8.63 17.46 4.85
CA ASP B 359 -9.01 16.08 4.39
C ASP B 359 -10.19 15.56 5.24
N LEU B 360 -9.98 15.46 6.55
CA LEU B 360 -10.96 14.83 7.46
C LEU B 360 -12.30 15.60 7.40
N GLU B 361 -12.29 16.92 7.25
CA GLU B 361 -13.56 17.69 7.13
C GLU B 361 -14.38 17.11 5.96
N THR B 362 -13.72 16.88 4.83
CA THR B 362 -14.40 16.33 3.64
C THR B 362 -14.81 14.88 3.92
N PHE B 363 -14.00 14.10 4.59
CA PHE B 363 -14.37 12.70 4.99
C PHE B 363 -15.65 12.71 5.83
N TYR B 364 -15.77 13.66 6.73
CA TYR B 364 -16.94 13.74 7.65
C TYR B 364 -18.21 14.01 6.83
N ILE B 365 -18.15 14.95 5.89
CA ILE B 365 -19.31 15.25 5.00
C ILE B 365 -19.57 14.05 4.06
N ALA B 366 -18.56 13.45 3.44
CA ALA B 366 -18.72 12.25 2.59
C ALA B 366 -19.43 11.15 3.37
N SER B 367 -19.12 11.02 4.66
CA SER B 367 -19.67 9.98 5.55
C SER B 367 -21.18 10.19 5.71
N LEU B 368 -21.60 11.44 5.82
CA LEU B 368 -23.04 11.81 5.82
C LEU B 368 -23.68 11.38 4.48
N ALA B 369 -23.04 11.72 3.35
CA ALA B 369 -23.52 11.38 2.00
C ALA B 369 -23.69 9.87 1.93
N HIS B 370 -22.72 9.14 2.49
CA HIS B 370 -22.63 7.67 2.44
C HIS B 370 -23.36 7.00 3.62
N GLY B 371 -24.24 7.73 4.29
CA GLY B 371 -25.31 7.13 5.13
C GLY B 371 -24.93 6.94 6.58
N ILE B 372 -23.87 7.58 7.05
CA ILE B 372 -23.51 7.38 8.47
C ILE B 372 -24.54 8.13 9.33
N LYS B 373 -24.88 7.56 10.46
CA LYS B 373 -25.97 8.07 11.35
C LYS B 373 -25.39 8.51 12.69
N GLY B 374 -24.12 8.32 12.91
CA GLY B 374 -23.49 8.70 14.18
C GLY B 374 -22.03 8.35 14.16
N PHE B 375 -21.23 9.03 14.98
CA PHE B 375 -19.81 8.74 15.05
C PHE B 375 -19.17 9.27 16.33
N ASN B 376 -18.00 8.71 16.57
CA ASN B 376 -17.17 9.00 17.75
C ASN B 376 -15.78 9.37 17.25
N TYR B 377 -15.47 10.67 17.28
CA TYR B 377 -14.19 11.22 16.82
C TYR B 377 -13.09 10.55 17.63
N TYR B 378 -12.21 9.81 16.96
CA TYR B 378 -11.14 9.00 17.59
C TYR B 378 -9.84 9.40 16.89
N MET B 379 -9.01 10.27 17.50
CA MET B 379 -9.11 10.80 18.84
C MET B 379 -9.50 12.27 18.82
N PHE B 380 -10.53 12.63 19.57
CA PHE B 380 -10.87 14.06 19.72
C PHE B 380 -9.72 14.76 20.50
N SER B 381 -9.34 14.16 21.59
CA SER B 381 -8.25 14.65 22.47
C SER B 381 -7.07 13.69 22.34
N GLN B 382 -5.90 14.24 22.12
CA GLN B 382 -4.59 13.56 22.25
C GLN B 382 -4.46 13.11 23.71
N GLY B 383 -3.63 12.08 23.93
CA GLY B 383 -3.22 11.70 25.29
C GLY B 383 -1.72 11.65 25.46
N ILE B 384 -1.27 11.72 26.70
CA ILE B 384 0.12 11.34 27.10
C ILE B 384 0.00 10.07 27.94
N ASN B 385 0.74 9.04 27.53
CA ASN B 385 0.76 7.74 28.23
C ASN B 385 1.35 7.96 29.62
N PRO B 386 0.69 7.54 30.70
CA PRO B 386 1.29 7.70 32.03
C PRO B 386 2.50 6.77 32.08
N GLU B 387 3.50 7.14 32.90
CA GLU B 387 4.60 6.28 33.41
C GLU B 387 4.77 5.03 32.54
N GLY B 388 5.26 5.20 31.32
CA GLY B 388 5.66 4.14 30.37
C GLY B 388 4.55 3.16 29.94
N LYS B 389 3.26 3.42 30.22
CA LYS B 389 2.19 2.44 29.93
C LYS B 389 1.74 2.51 28.46
N GLY B 390 2.40 3.31 27.63
CA GLY B 390 2.16 3.30 26.18
C GLY B 390 2.81 2.07 25.55
N PHE B 391 2.14 1.43 24.59
CA PHE B 391 2.76 0.35 23.79
C PHE B 391 3.94 0.95 23.03
N TYR B 392 3.78 2.19 22.55
CA TYR B 392 4.77 2.85 21.67
C TYR B 392 5.48 3.93 22.50
N GLY B 393 5.52 5.17 22.02
CA GLY B 393 6.18 6.31 22.69
C GLY B 393 5.32 6.95 23.78
N LYS B 394 5.68 8.17 24.15
CA LYS B 394 5.03 8.92 25.22
C LYS B 394 3.66 9.40 24.76
N THR B 395 3.52 9.78 23.49
CA THR B 395 2.30 10.50 23.03
C THR B 395 1.31 9.55 22.35
N PHE B 396 0.00 9.78 22.55
CA PHE B 396 -1.10 8.98 21.97
C PHE B 396 -1.89 9.92 21.07
N TYR B 397 -1.68 9.72 19.77
CA TYR B 397 -2.29 10.44 18.64
C TYR B 397 -1.68 11.83 18.47
N PHE B 398 -1.81 12.34 17.24
CA PHE B 398 -1.29 13.64 16.76
C PHE B 398 -2.36 14.31 15.88
N GLN B 399 -2.29 15.64 15.74
CA GLN B 399 -3.17 16.44 14.83
C GLN B 399 -4.65 16.25 15.18
N THR B 400 -4.93 16.05 16.47
CA THR B 400 -6.30 15.80 17.00
C THR B 400 -7.05 17.14 17.02
N ALA B 401 -8.24 17.20 17.63
CA ALA B 401 -9.00 18.47 17.81
C ALA B 401 -8.34 19.28 18.93
N LEU B 402 -7.98 18.58 20.00
CA LEU B 402 -7.27 19.13 21.18
C LEU B 402 -5.98 18.36 21.41
N ASP B 403 -4.91 19.04 21.80
CA ASP B 403 -3.72 18.28 22.26
C ASP B 403 -4.00 17.81 23.69
N ALA B 404 -3.07 17.07 24.27
CA ALA B 404 -3.24 16.44 25.58
C ALA B 404 -3.44 17.54 26.64
N ALA B 405 -2.90 18.74 26.41
CA ALA B 405 -3.04 19.88 27.36
C ALA B 405 -4.31 20.70 27.08
N SER B 406 -5.16 20.26 26.14
CA SER B 406 -6.45 20.88 25.73
C SER B 406 -6.23 22.12 24.88
N ASN B 407 -5.03 22.31 24.32
CA ASN B 407 -4.82 23.31 23.26
C ASN B 407 -5.68 22.93 22.04
N LYS B 408 -6.44 23.88 21.53
CA LYS B 408 -7.11 23.75 20.23
C LYS B 408 -6.09 23.67 19.09
N LEU B 409 -6.32 22.69 18.23
CA LEU B 409 -5.53 22.45 17.00
C LEU B 409 -6.45 22.68 15.80
N ALA B 410 -5.89 22.69 14.59
CA ALA B 410 -6.59 22.97 13.32
C ALA B 410 -7.87 22.14 13.20
N LEU B 411 -7.91 20.88 13.65
CA LEU B 411 -9.11 20.02 13.38
C LEU B 411 -10.32 20.55 14.18
N TYR B 412 -10.06 21.26 15.29
CA TYR B 412 -11.15 21.74 16.19
C TYR B 412 -12.21 22.51 15.39
N ASP B 413 -11.80 23.51 14.62
CA ASP B 413 -12.79 24.37 13.91
C ASP B 413 -13.48 23.58 12.81
N SER B 414 -12.82 22.59 12.20
CA SER B 414 -13.46 21.73 11.17
C SER B 414 -14.60 20.94 11.83
N ILE B 415 -14.34 20.34 12.98
CA ILE B 415 -15.35 19.51 13.71
C ILE B 415 -16.51 20.41 14.14
N LYS B 416 -16.21 21.59 14.69
CA LYS B 416 -17.27 22.56 15.09
C LYS B 416 -18.16 22.88 13.87
N LYS B 417 -17.58 23.14 12.72
CA LYS B 417 -18.34 23.50 11.50
C LYS B 417 -19.24 22.33 11.06
N VAL B 418 -18.68 21.12 10.94
CA VAL B 418 -19.45 19.91 10.51
C VAL B 418 -20.56 19.62 11.52
N ASN B 419 -20.25 19.72 12.80
CA ASN B 419 -21.22 19.46 13.90
C ASN B 419 -22.38 20.47 13.81
N ARG B 420 -22.08 21.73 13.48
CA ARG B 420 -23.13 22.78 13.37
C ARG B 420 -24.10 22.39 12.25
N PHE B 421 -23.56 22.01 11.09
CA PHE B 421 -24.35 21.54 9.94
C PHE B 421 -25.22 20.34 10.35
N ILE B 422 -24.64 19.35 11.02
CA ILE B 422 -25.37 18.10 11.37
C ILE B 422 -26.54 18.45 12.29
N ARG B 423 -26.28 19.27 13.29
CA ARG B 423 -27.34 19.62 14.29
C ARG B 423 -28.48 20.35 13.60
N LYS B 424 -28.14 21.25 12.67
CA LYS B 424 -29.13 22.04 11.90
C LYS B 424 -30.00 21.07 11.08
N GLU B 425 -29.41 20.00 10.53
CA GLU B 425 -30.12 19.19 9.51
C GLU B 425 -30.62 17.86 10.06
N GLN B 426 -30.19 17.43 11.25
CA GLN B 426 -30.31 16.01 11.65
C GLN B 426 -31.74 15.49 11.54
N LYS B 427 -32.76 16.30 11.90
CA LYS B 427 -34.17 15.82 11.98
C LYS B 427 -34.60 15.29 10.60
N ASP B 428 -34.21 15.97 9.52
CA ASP B 428 -34.52 15.56 8.14
C ASP B 428 -33.44 14.60 7.60
N LEU B 429 -32.16 14.96 7.73
CA LEU B 429 -31.02 14.19 7.14
C LEU B 429 -31.07 12.73 7.60
N LEU B 430 -31.39 12.48 8.87
CA LEU B 430 -31.32 11.12 9.43
C LEU B 430 -32.43 10.26 8.83
N ARG B 431 -33.50 10.88 8.37
CA ARG B 431 -34.68 10.18 7.81
C ARG B 431 -34.56 10.08 6.30
N THR B 432 -33.43 10.44 5.68
CA THR B 432 -33.27 10.34 4.21
C THR B 432 -32.67 8.99 3.81
N ASN B 433 -33.03 8.49 2.63
CA ASN B 433 -32.28 7.35 2.04
C ASN B 433 -31.94 7.70 0.60
N VAL B 434 -31.13 6.85 -0.01
CA VAL B 434 -30.82 6.95 -1.45
C VAL B 434 -31.79 5.97 -2.12
N ASN B 435 -32.19 6.27 -3.33
CA ASN B 435 -33.06 5.35 -4.12
C ASN B 435 -32.14 4.37 -4.85
N SER B 436 -31.95 3.16 -4.33
CA SER B 436 -31.11 2.14 -4.99
C SER B 436 -31.98 1.24 -5.85
N GLU B 437 -31.67 1.17 -7.14
CA GLU B 437 -32.30 0.22 -8.08
C GLU B 437 -31.37 -0.95 -8.35
N ILE B 438 -30.14 -0.90 -7.83
CA ILE B 438 -29.10 -1.96 -7.97
C ILE B 438 -28.89 -2.59 -6.61
N CYS B 439 -28.91 -3.91 -6.56
CA CYS B 439 -28.59 -4.69 -5.35
C CYS B 439 -27.38 -5.56 -5.63
N VAL B 440 -26.39 -5.56 -4.72
CA VAL B 440 -25.15 -6.36 -4.90
C VAL B 440 -25.13 -7.41 -3.80
N GLY B 441 -24.98 -8.69 -4.18
CA GLY B 441 -25.02 -9.79 -3.20
C GLY B 441 -23.76 -9.84 -2.38
N PHE B 442 -23.90 -10.07 -1.08
CA PHE B 442 -22.78 -10.33 -0.15
C PHE B 442 -22.84 -11.81 0.19
N TYR B 443 -21.88 -12.60 -0.29
CA TYR B 443 -21.83 -14.06 -0.05
C TYR B 443 -20.72 -14.28 0.96
N LYS B 444 -21.10 -14.45 2.22
CA LYS B 444 -20.14 -14.44 3.36
C LYS B 444 -19.08 -15.53 3.24
N PRO B 445 -19.36 -16.76 2.74
CA PRO B 445 -18.31 -17.78 2.68
C PRO B 445 -17.05 -17.38 1.91
N TYR B 446 -17.13 -16.46 0.93
CA TYR B 446 -15.94 -15.99 0.18
C TYR B 446 -15.05 -15.17 1.12
N PHE B 447 -15.59 -14.68 2.24
CA PHE B 447 -14.88 -13.76 3.18
C PHE B 447 -14.27 -14.54 4.33
N PHE B 448 -14.60 -15.82 4.46
CA PHE B 448 -14.23 -16.65 5.62
C PHE B 448 -12.78 -17.13 5.46
N THR B 449 -11.77 -16.23 5.45
CA THR B 449 -10.39 -16.64 5.09
C THR B 449 -9.31 -16.05 5.98
N GLU B 450 -9.63 -15.43 7.13
CA GLU B 450 -8.66 -14.64 7.93
C GLU B 450 -7.49 -15.55 8.40
N LEU B 451 -7.66 -16.87 8.46
CA LEU B 451 -6.56 -17.79 8.87
C LEU B 451 -5.76 -18.29 7.66
N ILE B 452 -6.20 -18.04 6.43
CA ILE B 452 -5.54 -18.68 5.25
C ILE B 452 -5.24 -17.71 4.11
N SER B 453 -5.98 -16.62 3.99
CA SER B 453 -5.73 -15.65 2.90
C SER B 453 -6.22 -14.26 3.29
N SER B 454 -5.29 -13.32 3.49
CA SER B 454 -5.57 -11.91 3.87
C SER B 454 -4.45 -11.01 3.39
N GLN B 455 -4.69 -9.71 3.41
CA GLN B 455 -3.67 -8.66 3.15
C GLN B 455 -2.58 -8.69 4.25
N LEU B 456 -2.89 -9.13 5.47
CA LEU B 456 -1.96 -9.11 6.62
C LEU B 456 -1.24 -10.45 6.76
N LEU B 457 -1.75 -11.52 6.15
CA LEU B 457 -1.13 -12.87 6.24
C LEU B 457 -0.06 -12.90 5.13
N LYS B 458 1.20 -12.97 5.52
CA LYS B 458 2.37 -12.82 4.61
C LYS B 458 2.52 -14.12 3.81
N GLU B 459 2.43 -15.28 4.48
CA GLU B 459 2.57 -16.62 3.84
C GLU B 459 1.17 -17.20 3.64
N LYS B 460 0.67 -17.11 2.40
CA LYS B 460 -0.65 -17.56 1.88
C LYS B 460 -0.84 -19.07 2.11
N LYS B 461 -1.85 -19.48 2.87
CA LYS B 461 -2.14 -20.91 3.04
C LYS B 461 -3.13 -21.41 1.99
N LEU B 462 -3.91 -20.52 1.34
CA LEU B 462 -4.88 -20.92 0.27
C LEU B 462 -4.29 -20.61 -1.11
N ASN B 463 -4.11 -21.64 -1.92
CA ASN B 463 -3.69 -21.54 -3.34
C ASN B 463 -4.68 -22.39 -4.13
N VAL B 464 -5.65 -21.75 -4.77
CA VAL B 464 -6.83 -22.47 -5.33
C VAL B 464 -6.37 -23.33 -6.52
N GLU B 465 -5.26 -23.00 -7.18
CA GLU B 465 -4.76 -23.77 -8.36
C GLU B 465 -4.41 -25.20 -7.91
N GLU B 466 -3.95 -25.36 -6.67
CA GLU B 466 -3.65 -26.69 -6.07
C GLU B 466 -4.93 -27.50 -5.90
N LEU B 467 -6.11 -26.87 -5.81
CA LEU B 467 -7.40 -27.55 -5.59
C LEU B 467 -8.17 -27.76 -6.90
N GLY B 468 -7.58 -27.46 -8.05
CA GLY B 468 -8.28 -27.61 -9.35
C GLY B 468 -9.22 -26.44 -9.59
N LEU B 469 -9.01 -25.29 -8.93
CA LEU B 469 -9.85 -24.08 -9.10
C LEU B 469 -8.97 -22.97 -9.69
N TYR B 470 -9.58 -21.93 -10.24
CA TYR B 470 -8.82 -20.76 -10.78
C TYR B 470 -9.34 -19.42 -10.22
N ILE B 471 -10.51 -19.39 -9.57
CA ILE B 471 -11.06 -18.11 -9.01
C ILE B 471 -10.88 -18.13 -7.50
N ASP B 472 -9.89 -17.37 -7.05
CA ASP B 472 -9.59 -17.21 -5.61
C ASP B 472 -10.63 -16.29 -5.00
N PRO B 473 -11.28 -16.69 -3.88
CA PRO B 473 -12.36 -15.88 -3.28
C PRO B 473 -11.90 -14.51 -2.76
N ARG B 474 -10.67 -14.41 -2.25
CA ARG B 474 -10.17 -13.08 -1.78
C ARG B 474 -9.91 -12.19 -2.98
N PHE B 475 -9.28 -12.71 -4.05
CA PHE B 475 -9.10 -11.90 -5.28
C PHE B 475 -10.48 -11.40 -5.78
N LEU B 476 -11.44 -12.33 -5.88
CA LEU B 476 -12.81 -12.01 -6.31
C LEU B 476 -13.38 -10.87 -5.42
N ARG B 477 -13.39 -11.05 -4.10
CA ARG B 477 -14.09 -10.11 -3.18
C ARG B 477 -13.34 -8.77 -3.10
N GLU B 478 -12.01 -8.75 -3.24
CA GLU B 478 -11.22 -7.49 -3.13
C GLU B 478 -11.17 -6.76 -4.47
N GLU B 479 -10.83 -7.45 -5.55
CA GLU B 479 -10.51 -6.79 -6.83
C GLU B 479 -11.74 -6.73 -7.72
N ILE B 480 -12.57 -7.78 -7.75
CA ILE B 480 -13.69 -7.81 -8.72
C ILE B 480 -14.87 -7.09 -8.06
N LEU B 481 -15.09 -7.35 -6.77
CA LEU B 481 -16.22 -6.73 -6.02
C LEU B 481 -15.81 -5.36 -5.46
N PHE B 482 -14.90 -5.31 -4.48
CA PHE B 482 -14.73 -4.10 -3.63
C PHE B 482 -14.12 -2.95 -4.43
N ASN B 483 -12.96 -3.20 -5.04
CA ASN B 483 -12.18 -2.20 -5.81
C ASN B 483 -12.66 -2.17 -7.25
N GLY B 484 -13.58 -3.05 -7.64
CA GLY B 484 -14.07 -3.14 -9.02
C GLY B 484 -15.50 -2.66 -9.14
N LEU B 485 -16.46 -3.54 -8.94
CA LEU B 485 -17.91 -3.23 -9.10
C LEU B 485 -18.31 -2.08 -8.16
N LEU B 486 -17.99 -2.15 -6.87
CA LEU B 486 -18.51 -1.13 -5.90
C LEU B 486 -17.81 0.21 -6.19
N ARG B 487 -16.51 0.16 -6.46
CA ARG B 487 -15.78 1.39 -6.84
C ARG B 487 -16.40 1.97 -8.12
N GLY B 488 -16.60 1.13 -9.15
CA GLY B 488 -17.18 1.54 -10.44
C GLY B 488 -18.54 2.21 -10.30
N LEU B 489 -19.48 1.60 -9.56
CA LEU B 489 -20.85 2.13 -9.42
C LEU B 489 -20.77 3.47 -8.67
N GLN B 490 -19.92 3.58 -7.64
CA GLN B 490 -19.78 4.87 -6.91
C GLN B 490 -19.17 5.93 -7.84
N THR B 491 -18.17 5.58 -8.62
CA THR B 491 -17.53 6.52 -9.56
C THR B 491 -18.55 7.03 -10.58
N LEU B 492 -19.41 6.14 -11.03
CA LEU B 492 -20.45 6.42 -12.06
C LEU B 492 -21.69 7.09 -11.46
N ASN B 493 -21.75 7.21 -10.15
CA ASN B 493 -22.86 7.84 -9.38
C ASN B 493 -24.13 7.01 -9.59
N TYR B 494 -24.02 5.68 -9.57
CA TYR B 494 -25.20 4.78 -9.48
C TYR B 494 -25.31 4.30 -8.04
N ASN B 495 -26.45 4.57 -7.43
CA ASN B 495 -26.70 4.05 -6.08
C ASN B 495 -26.74 2.52 -6.13
N TYR B 496 -26.19 1.86 -5.12
CA TYR B 496 -26.41 0.41 -4.89
C TYR B 496 -26.78 0.17 -3.42
N ASP B 497 -27.42 -0.94 -3.16
CA ASP B 497 -27.53 -1.51 -1.81
C ASP B 497 -26.81 -2.85 -1.82
N VAL B 498 -26.39 -3.32 -0.65
CA VAL B 498 -25.84 -4.68 -0.49
C VAL B 498 -26.88 -5.50 0.28
N VAL B 499 -27.02 -6.78 -0.07
CA VAL B 499 -27.89 -7.73 0.68
C VAL B 499 -27.07 -8.94 1.08
N ASP B 500 -27.20 -9.36 2.35
CA ASP B 500 -26.66 -10.63 2.86
C ASP B 500 -27.48 -11.76 2.22
N LEU B 501 -26.83 -12.59 1.40
CA LEU B 501 -27.55 -13.68 0.69
C LEU B 501 -27.98 -14.78 1.68
N GLU B 502 -27.36 -14.88 2.86
CA GLU B 502 -27.72 -15.95 3.85
C GLU B 502 -29.15 -15.74 4.40
N ASN B 503 -29.99 -16.78 4.33
CA ASN B 503 -31.41 -16.76 4.78
C ASN B 503 -32.12 -15.53 4.21
N CYS B 504 -31.75 -15.11 2.99
CA CYS B 504 -32.20 -13.86 2.35
C CYS B 504 -33.65 -14.03 1.89
N ASP B 505 -34.49 -13.05 2.15
CA ASP B 505 -35.94 -13.10 1.82
C ASP B 505 -36.08 -12.77 0.33
N LEU B 506 -36.68 -13.67 -0.47
CA LEU B 506 -36.95 -13.40 -1.92
C LEU B 506 -37.70 -12.07 -2.07
N LYS B 507 -38.66 -11.77 -1.20
CA LYS B 507 -39.50 -10.55 -1.29
C LYS B 507 -38.63 -9.29 -1.15
N SER B 508 -37.56 -9.29 -0.37
CA SER B 508 -36.68 -8.10 -0.27
C SER B 508 -35.97 -7.83 -1.62
N LEU B 509 -35.59 -8.88 -2.38
CA LEU B 509 -34.85 -8.72 -3.67
C LEU B 509 -35.75 -8.15 -4.79
N THR B 510 -37.09 -8.25 -4.72
CA THR B 510 -38.01 -7.89 -5.84
C THR B 510 -38.09 -6.37 -6.03
N ALA B 511 -37.78 -5.57 -5.01
CA ALA B 511 -37.76 -4.09 -5.04
C ALA B 511 -36.80 -3.59 -6.15
N TYR B 512 -35.71 -4.32 -6.43
CA TYR B 512 -34.56 -3.84 -7.25
C TYR B 512 -34.76 -4.18 -8.71
N LYS B 513 -34.21 -3.39 -9.62
CA LYS B 513 -34.27 -3.65 -11.08
C LYS B 513 -33.16 -4.63 -11.44
N GLN B 514 -32.04 -4.64 -10.74
CA GLN B 514 -30.97 -5.64 -11.00
C GLN B 514 -30.35 -6.13 -9.69
N LEU B 515 -30.00 -7.41 -9.68
CA LEU B 515 -29.18 -8.04 -8.63
C LEU B 515 -27.88 -8.48 -9.28
N TRP B 516 -26.75 -8.03 -8.73
CA TRP B 516 -25.38 -8.34 -9.22
C TRP B 516 -24.75 -9.34 -8.28
N ILE B 517 -24.34 -10.47 -8.83
CA ILE B 517 -23.66 -11.54 -8.06
C ILE B 517 -22.28 -11.74 -8.62
N THR B 518 -21.25 -11.49 -7.81
CA THR B 518 -19.84 -11.82 -8.12
C THR B 518 -19.58 -13.21 -7.59
N SER B 519 -19.44 -14.18 -8.50
CA SER B 519 -19.48 -15.63 -8.16
C SER B 519 -18.14 -16.29 -8.46
N ALA B 520 -17.66 -17.11 -7.53
CA ALA B 520 -16.56 -18.07 -7.76
C ALA B 520 -17.13 -19.39 -8.27
N GLU B 521 -16.34 -20.46 -8.27
CA GLU B 521 -16.74 -21.74 -8.88
C GLU B 521 -17.59 -22.47 -7.85
N PHE B 522 -17.69 -21.93 -6.62
CA PHE B 522 -18.41 -22.59 -5.50
C PHE B 522 -19.46 -21.64 -4.91
N MET B 523 -20.58 -22.20 -4.51
CA MET B 523 -21.75 -21.46 -3.93
C MET B 523 -22.67 -22.51 -3.32
N ASP B 524 -23.17 -22.29 -2.11
CA ASP B 524 -23.99 -23.35 -1.45
C ASP B 524 -25.36 -23.50 -2.16
N ALA B 525 -25.99 -24.65 -1.94
CA ALA B 525 -27.28 -25.03 -2.57
C ALA B 525 -28.37 -23.99 -2.25
N GLU B 526 -28.38 -23.45 -1.02
CA GLU B 526 -29.44 -22.50 -0.55
C GLU B 526 -29.33 -21.21 -1.39
N THR B 527 -28.10 -20.75 -1.63
CA THR B 527 -27.90 -19.52 -2.45
C THR B 527 -28.17 -19.84 -3.92
N GLN B 528 -27.79 -21.01 -4.42
CA GLN B 528 -28.08 -21.40 -5.82
C GLN B 528 -29.60 -21.42 -6.04
N ASN B 529 -30.35 -21.98 -5.08
CA ASN B 529 -31.84 -22.06 -5.14
C ASN B 529 -32.41 -20.65 -5.08
N LEU B 530 -31.87 -19.79 -4.20
CA LEU B 530 -32.42 -18.43 -4.02
C LEU B 530 -32.26 -17.66 -5.34
N LEU B 531 -31.09 -17.79 -5.99
CA LEU B 531 -30.88 -17.00 -7.23
C LEU B 531 -31.76 -17.60 -8.35
N SER B 532 -31.94 -18.92 -8.37
CA SER B 532 -32.84 -19.63 -9.35
C SER B 532 -34.25 -19.03 -9.27
N GLU B 533 -34.80 -18.98 -8.07
CA GLU B 533 -36.18 -18.50 -7.80
C GLU B 533 -36.29 -17.02 -8.14
N PHE B 534 -35.29 -16.24 -7.78
CA PHE B 534 -35.24 -14.78 -8.07
C PHE B 534 -35.51 -14.53 -9.56
N VAL B 535 -34.76 -15.19 -10.42
CA VAL B 535 -34.89 -14.92 -11.88
C VAL B 535 -36.23 -15.50 -12.33
N LEU B 536 -36.56 -16.73 -11.91
CA LEU B 536 -37.75 -17.46 -12.43
C LEU B 536 -39.01 -16.63 -12.11
N ASN B 537 -39.03 -15.94 -10.97
CA ASN B 537 -40.18 -15.11 -10.54
C ASN B 537 -40.16 -13.69 -11.17
N GLY B 538 -39.16 -13.35 -12.00
CA GLY B 538 -39.15 -12.04 -12.69
C GLY B 538 -37.94 -11.17 -12.40
N GLY B 539 -36.96 -11.60 -11.62
CA GLY B 539 -35.74 -10.81 -11.35
C GLY B 539 -34.76 -10.78 -12.52
N ASN B 540 -33.93 -9.73 -12.57
CA ASN B 540 -32.87 -9.51 -13.57
C ASN B 540 -31.54 -9.71 -12.87
N LEU B 541 -30.84 -10.78 -13.21
CA LEU B 541 -29.61 -11.23 -12.50
C LEU B 541 -28.43 -10.96 -13.43
N ILE B 542 -27.40 -10.31 -12.88
CA ILE B 542 -26.08 -10.14 -13.55
C ILE B 542 -25.12 -11.04 -12.75
N LEU B 543 -24.47 -12.03 -13.39
CA LEU B 543 -23.65 -13.05 -12.72
C LEU B 543 -22.35 -13.22 -13.51
N TYR B 544 -21.23 -13.06 -12.81
CA TYR B 544 -19.86 -13.16 -13.35
C TYR B 544 -18.91 -13.30 -12.15
N PRO B 545 -17.66 -13.75 -12.34
CA PRO B 545 -17.15 -14.32 -13.60
C PRO B 545 -17.43 -15.81 -13.89
N ALA B 546 -18.15 -16.50 -13.02
CA ALA B 546 -18.39 -17.96 -13.17
C ALA B 546 -19.80 -18.37 -12.76
N VAL B 547 -20.45 -19.19 -13.58
CA VAL B 547 -21.54 -20.04 -13.05
C VAL B 547 -20.87 -21.00 -12.10
N PRO B 548 -21.30 -21.06 -10.82
CA PRO B 548 -20.69 -21.98 -9.86
C PRO B 548 -21.13 -23.43 -10.18
N THR B 549 -20.31 -24.40 -9.84
CA THR B 549 -20.65 -25.84 -10.07
C THR B 549 -20.34 -26.67 -8.82
N LEU B 550 -19.90 -26.04 -7.74
CA LEU B 550 -19.51 -26.69 -6.47
C LEU B 550 -20.20 -25.97 -5.31
N ASP B 551 -20.33 -26.67 -4.19
CA ASP B 551 -20.85 -26.12 -2.90
C ASP B 551 -19.67 -25.64 -2.06
N ASN B 552 -19.92 -25.23 -0.82
CA ASN B 552 -18.85 -24.64 0.02
C ASN B 552 -17.76 -25.65 0.37
N TYR B 553 -18.01 -26.96 0.17
CA TYR B 553 -17.05 -28.04 0.50
C TYR B 553 -16.46 -28.58 -0.79
N LEU B 554 -16.66 -27.83 -1.88
CA LEU B 554 -16.13 -28.14 -3.22
C LEU B 554 -16.65 -29.50 -3.70
N ASN B 555 -17.85 -29.90 -3.27
CA ASN B 555 -18.58 -31.06 -3.85
C ASN B 555 -19.57 -30.57 -4.91
N ARG B 556 -19.91 -31.43 -5.87
CA ARG B 556 -20.71 -31.04 -7.05
C ARG B 556 -22.04 -30.40 -6.60
N CYS B 557 -22.36 -29.23 -7.15
CA CYS B 557 -23.68 -28.58 -6.94
C CYS B 557 -23.95 -27.64 -8.12
N GLU B 558 -24.84 -28.07 -9.00
CA GLU B 558 -25.03 -27.42 -10.31
C GLU B 558 -26.49 -27.03 -10.41
N ILE B 559 -27.11 -26.70 -9.26
CA ILE B 559 -28.55 -26.30 -9.23
C ILE B 559 -28.80 -25.07 -10.11
N LEU B 560 -28.04 -24.00 -9.90
CA LEU B 560 -28.23 -22.78 -10.73
C LEU B 560 -27.97 -23.10 -12.22
N LYS B 561 -26.88 -23.76 -12.53
CA LYS B 561 -26.47 -24.11 -13.91
C LYS B 561 -27.61 -24.88 -14.58
N ASN B 562 -28.18 -25.87 -13.90
CA ASN B 562 -29.23 -26.74 -14.49
C ASN B 562 -30.56 -25.99 -14.60
N ASN B 563 -30.97 -25.30 -13.55
CA ASN B 563 -32.22 -24.50 -13.54
C ASN B 563 -32.21 -23.47 -14.68
N PHE B 564 -31.04 -22.97 -15.09
CA PHE B 564 -30.92 -21.91 -16.12
C PHE B 564 -30.56 -22.50 -17.50
N GLY B 565 -30.53 -23.83 -17.64
CA GLY B 565 -30.24 -24.43 -18.97
C GLY B 565 -28.86 -24.03 -19.50
N ILE B 566 -27.86 -23.85 -18.61
CA ILE B 566 -26.50 -23.42 -19.01
C ILE B 566 -25.60 -24.63 -19.22
N GLU B 567 -24.83 -24.57 -20.30
CA GLU B 567 -23.72 -25.51 -20.57
C GLU B 567 -22.51 -24.68 -20.95
N PHE B 568 -21.35 -25.08 -20.46
CA PHE B 568 -20.09 -24.36 -20.72
C PHE B 568 -18.92 -25.34 -20.64
N ILE B 569 -17.87 -24.97 -21.35
CA ILE B 569 -16.51 -25.56 -21.24
C ILE B 569 -15.62 -24.41 -20.75
N THR B 570 -14.66 -24.70 -19.87
CA THR B 570 -13.65 -23.72 -19.45
C THR B 570 -12.46 -23.82 -20.40
N LYS B 571 -12.12 -22.74 -21.10
CA LYS B 571 -11.01 -22.75 -22.09
C LYS B 571 -10.13 -21.52 -21.91
N ASP B 572 -8.86 -21.70 -22.21
CA ASP B 572 -7.80 -20.65 -22.16
C ASP B 572 -7.91 -19.78 -23.41
N SER B 573 -7.76 -18.47 -23.24
CA SER B 573 -7.73 -17.47 -24.35
C SER B 573 -6.99 -16.22 -23.85
N SER B 574 -6.76 -15.29 -24.76
CA SER B 574 -6.26 -13.92 -24.46
C SER B 574 -7.09 -13.35 -23.30
N HIS B 575 -6.42 -12.57 -22.45
CA HIS B 575 -7.04 -11.80 -21.34
C HIS B 575 -8.10 -10.83 -21.87
N LYS B 576 -7.92 -10.30 -23.09
CA LYS B 576 -8.84 -9.30 -23.65
C LYS B 576 -10.06 -9.97 -24.31
N VAL B 577 -11.26 -9.45 -24.03
CA VAL B 577 -12.52 -9.88 -24.70
C VAL B 577 -13.20 -8.65 -25.25
N SER B 578 -14.23 -8.87 -26.04
CA SER B 578 -15.18 -7.80 -26.40
C SER B 578 -16.50 -8.12 -25.69
N ALA B 579 -17.21 -7.10 -25.22
CA ALA B 579 -18.48 -7.29 -24.48
C ALA B 579 -19.42 -6.14 -24.81
N PHE B 580 -20.59 -6.45 -25.35
CA PHE B 580 -21.61 -5.44 -25.72
C PHE B 580 -21.01 -4.43 -26.69
N GLY B 581 -20.12 -4.87 -27.58
CA GLY B 581 -19.46 -4.01 -28.60
C GLY B 581 -18.33 -3.16 -28.04
N ILE B 582 -18.00 -3.29 -26.75
CA ILE B 582 -16.79 -2.67 -26.16
C ILE B 582 -15.61 -3.59 -26.50
N GLU B 583 -14.67 -3.11 -27.30
CA GLU B 583 -13.45 -3.88 -27.66
C GLU B 583 -12.39 -3.74 -26.58
N ASP B 584 -11.51 -4.75 -26.44
CA ASP B 584 -10.30 -4.68 -25.59
C ASP B 584 -10.70 -4.45 -24.12
N VAL B 585 -11.61 -5.27 -23.63
CA VAL B 585 -11.94 -5.36 -22.20
C VAL B 585 -10.93 -6.33 -21.55
N PHE B 586 -10.03 -5.82 -20.73
CA PHE B 586 -8.97 -6.64 -20.09
C PHE B 586 -9.62 -7.47 -18.97
N THR B 587 -9.42 -8.77 -18.98
CA THR B 587 -10.04 -9.67 -17.95
C THR B 587 -8.91 -10.33 -17.16
N ALA B 588 -9.21 -10.75 -15.94
CA ALA B 588 -8.21 -11.19 -14.96
C ALA B 588 -7.60 -12.53 -15.38
N PHE B 589 -8.37 -13.43 -16.01
CA PHE B 589 -7.97 -14.84 -16.21
C PHE B 589 -7.94 -15.23 -17.68
N SER B 590 -6.88 -15.97 -18.03
N SER B 590 -6.90 -16.00 -18.04
CA SER B 590 -6.75 -16.77 -19.27
CA SER B 590 -6.83 -16.72 -19.32
C SER B 590 -7.99 -17.66 -19.43
C SER B 590 -8.02 -17.67 -19.44
N LYS B 591 -8.31 -18.45 -18.38
CA LYS B 591 -9.45 -19.41 -18.37
C LYS B 591 -10.75 -18.59 -18.33
N LYS B 592 -11.71 -18.95 -19.19
CA LYS B 592 -13.03 -18.32 -19.25
C LYS B 592 -14.08 -19.41 -19.46
N GLN B 593 -15.32 -19.15 -19.07
CA GLN B 593 -16.46 -20.05 -19.43
C GLN B 593 -16.97 -19.70 -20.83
N ILE B 594 -17.00 -20.72 -21.69
CA ILE B 594 -17.51 -20.61 -23.08
C ILE B 594 -18.85 -21.29 -23.14
N TYR B 595 -19.91 -20.51 -23.39
CA TYR B 595 -21.30 -20.95 -23.18
C TYR B 595 -21.88 -21.51 -24.48
N ASN B 596 -22.59 -22.62 -24.35
CA ASN B 596 -23.56 -23.04 -25.41
C ASN B 596 -24.59 -21.91 -25.52
N ASP B 597 -24.97 -21.46 -26.72
CA ASP B 597 -25.86 -20.27 -26.85
C ASP B 597 -27.27 -20.65 -27.33
N THR B 598 -27.64 -21.94 -27.29
CA THR B 598 -29.03 -22.34 -27.59
C THR B 598 -29.96 -21.55 -26.66
N ASN B 599 -31.03 -20.97 -27.23
CA ASN B 599 -32.09 -20.25 -26.48
C ASN B 599 -31.48 -19.02 -25.80
N SER B 600 -30.34 -18.55 -26.29
CA SER B 600 -29.54 -17.46 -25.65
C SER B 600 -29.07 -16.46 -26.70
N LYS B 601 -28.71 -15.26 -26.27
CA LYS B 601 -28.12 -14.21 -27.15
C LYS B 601 -26.68 -14.02 -26.72
N PRO B 602 -25.70 -14.31 -27.58
CA PRO B 602 -24.29 -14.11 -27.23
C PRO B 602 -23.98 -12.61 -27.20
N ILE B 603 -23.29 -12.14 -26.16
CA ILE B 603 -23.04 -10.69 -25.97
C ILE B 603 -21.58 -10.42 -25.60
N ALA B 604 -20.74 -11.46 -25.54
CA ALA B 604 -19.29 -11.29 -25.27
C ALA B 604 -18.52 -12.39 -25.97
N PHE B 605 -17.32 -12.06 -26.44
CA PHE B 605 -16.51 -12.89 -27.35
C PHE B 605 -15.03 -12.81 -26.99
N THR B 606 -14.35 -13.95 -27.06
CA THR B 606 -12.89 -14.11 -26.94
C THR B 606 -12.25 -13.59 -28.22
N GLN B 607 -10.91 -13.47 -28.21
CA GLN B 607 -10.16 -12.92 -29.37
C GLN B 607 -10.47 -13.82 -30.57
N GLU B 608 -10.77 -15.10 -30.35
CA GLU B 608 -11.10 -16.06 -31.43
C GLU B 608 -12.62 -16.17 -31.64
N ASN B 609 -13.42 -15.29 -31.06
CA ASN B 609 -14.88 -15.22 -31.27
C ASN B 609 -15.61 -16.41 -30.61
N GLU B 610 -15.07 -17.05 -29.57
CA GLU B 610 -15.85 -18.00 -28.76
C GLU B 610 -16.74 -17.20 -27.80
N ILE B 611 -17.91 -17.73 -27.46
CA ILE B 611 -18.95 -16.99 -26.70
C ILE B 611 -18.61 -17.08 -25.21
N CYS B 612 -18.18 -15.96 -24.59
CA CYS B 612 -17.88 -15.94 -23.14
C CYS B 612 -18.89 -15.05 -22.42
N GLY B 613 -20.03 -14.74 -23.03
CA GLY B 613 -21.12 -14.09 -22.28
C GLY B 613 -22.43 -14.22 -23.02
N ILE B 614 -23.51 -14.47 -22.29
CA ILE B 614 -24.86 -14.59 -22.90
C ILE B 614 -25.89 -13.86 -22.06
N ARG B 615 -27.03 -13.56 -22.69
CA ARG B 615 -28.26 -13.10 -22.05
C ARG B 615 -29.34 -14.11 -22.43
N LYS B 616 -30.28 -14.35 -21.53
CA LYS B 616 -31.42 -15.23 -21.85
C LYS B 616 -32.56 -14.96 -20.89
N LYS B 617 -33.75 -15.31 -21.34
CA LYS B 617 -34.99 -15.20 -20.54
C LYS B 617 -35.18 -16.55 -19.85
N ILE B 618 -35.44 -16.52 -18.56
CA ILE B 618 -35.73 -17.73 -17.77
C ILE B 618 -37.00 -17.42 -16.99
N GLY B 619 -38.09 -18.15 -17.24
CA GLY B 619 -39.38 -17.83 -16.61
C GLY B 619 -39.73 -16.40 -16.93
N LYS B 620 -40.15 -15.63 -15.94
CA LYS B 620 -40.52 -14.21 -16.10
C LYS B 620 -39.29 -13.30 -16.08
N GLY B 621 -38.08 -13.81 -15.78
CA GLY B 621 -36.91 -12.95 -15.51
C GLY B 621 -35.82 -13.00 -16.58
N GLU B 622 -34.69 -12.36 -16.29
CA GLU B 622 -33.58 -12.11 -17.24
C GLU B 622 -32.29 -12.52 -16.56
N LEU B 623 -31.39 -13.13 -17.34
CA LEU B 623 -30.06 -13.57 -16.89
C LEU B 623 -29.01 -12.97 -17.84
N THR B 624 -27.96 -12.37 -17.26
CA THR B 624 -26.78 -11.93 -17.97
C THR B 624 -25.60 -12.62 -17.29
N ILE B 625 -24.97 -13.53 -18.00
CA ILE B 625 -23.80 -14.28 -17.49
C ILE B 625 -22.56 -13.86 -18.24
N LEU B 626 -21.50 -13.42 -17.52
CA LEU B 626 -20.19 -13.15 -18.14
C LEU B 626 -19.19 -14.18 -17.60
N GLY B 627 -18.51 -14.89 -18.50
CA GLY B 627 -17.59 -15.97 -18.13
C GLY B 627 -16.18 -15.48 -17.99
N PHE B 628 -16.01 -14.24 -17.54
CA PHE B 628 -14.72 -13.55 -17.42
C PHE B 628 -14.82 -12.59 -16.24
N ALA B 629 -13.66 -12.23 -15.68
CA ALA B 629 -13.54 -11.37 -14.49
C ALA B 629 -12.96 -10.02 -14.90
N PHE B 630 -13.64 -8.95 -14.53
CA PHE B 630 -13.11 -7.56 -14.70
C PHE B 630 -13.39 -6.87 -13.39
N GLY B 631 -12.50 -5.95 -13.02
CA GLY B 631 -12.81 -5.01 -11.95
C GLY B 631 -12.91 -3.62 -12.51
N TYR B 632 -12.12 -2.69 -11.96
CA TYR B 632 -11.99 -1.32 -12.52
C TYR B 632 -10.51 -0.97 -12.59
N THR B 633 -9.88 -1.32 -13.70
CA THR B 633 -8.46 -0.99 -13.99
C THR B 633 -8.29 -0.34 -15.36
N SER B 634 -9.37 -0.03 -16.08
CA SER B 634 -9.37 0.66 -17.39
C SER B 634 -10.68 1.39 -17.59
N ASP B 635 -10.72 2.36 -18.50
CA ASP B 635 -11.97 3.08 -18.86
C ASP B 635 -12.97 2.08 -19.46
N GLU B 636 -12.52 1.01 -20.15
CA GLU B 636 -13.46 0.01 -20.74
C GLU B 636 -14.29 -0.64 -19.62
N HIS B 637 -13.70 -0.79 -18.43
CA HIS B 637 -14.43 -1.42 -17.30
C HIS B 637 -15.60 -0.53 -16.86
N LEU B 638 -15.41 0.80 -16.77
CA LEU B 638 -16.52 1.71 -16.44
C LEU B 638 -17.53 1.68 -17.58
N GLU B 639 -17.06 1.65 -18.84
CA GLU B 639 -17.98 1.56 -20.00
C GLU B 639 -18.84 0.27 -19.87
N LEU B 640 -18.26 -0.86 -19.45
CA LEU B 640 -18.98 -2.16 -19.37
C LEU B 640 -20.01 -2.12 -18.23
N ILE B 641 -19.60 -1.60 -17.06
CA ILE B 641 -20.52 -1.45 -15.90
C ILE B 641 -21.68 -0.57 -16.34
N ASP B 642 -21.39 0.55 -16.99
CA ASP B 642 -22.43 1.50 -17.44
C ASP B 642 -23.41 0.80 -18.39
N LYS B 643 -22.92 0.06 -19.37
CA LYS B 643 -23.81 -0.70 -20.32
C LYS B 643 -24.62 -1.74 -19.56
N LEU B 644 -24.01 -2.44 -18.62
CA LEU B 644 -24.75 -3.48 -17.83
C LEU B 644 -25.90 -2.83 -17.07
N VAL B 645 -25.65 -1.71 -16.40
CA VAL B 645 -26.72 -0.98 -15.64
C VAL B 645 -27.82 -0.54 -16.61
N LYS B 646 -27.47 -0.14 -17.82
CA LYS B 646 -28.45 0.42 -18.76
C LYS B 646 -29.24 -0.69 -19.43
N LEU B 647 -28.85 -1.97 -19.32
CA LEU B 647 -29.71 -3.08 -19.80
C LEU B 647 -31.10 -2.98 -19.16
N ASN B 648 -31.24 -2.53 -17.91
CA ASN B 648 -32.58 -2.48 -17.27
C ASN B 648 -32.97 -1.02 -17.01
N LYS B 649 -32.42 -0.10 -17.79
CA LYS B 649 -32.95 1.30 -17.97
C LYS B 649 -32.84 2.06 -16.65
N ILE B 650 -31.79 1.77 -15.90
CA ILE B 650 -31.46 2.44 -14.63
C ILE B 650 -30.78 3.75 -15.00
N LYS B 651 -31.20 4.82 -14.35
CA LYS B 651 -30.75 6.21 -14.64
C LYS B 651 -30.11 6.75 -13.37
N ARG B 652 -29.07 7.58 -13.53
CA ARG B 652 -28.49 8.41 -12.43
C ARG B 652 -29.57 9.42 -12.02
N GLU B 653 -29.50 9.96 -10.81
CA GLU B 653 -30.50 10.96 -10.33
C GLU B 653 -30.25 12.34 -10.97
N LEU B 654 -29.01 12.67 -11.33
CA LEU B 654 -28.67 14.00 -11.90
C LEU B 654 -27.88 13.80 -13.16
N PHE B 655 -27.97 14.75 -14.08
CA PHE B 655 -26.95 15.06 -15.11
C PHE B 655 -26.03 16.11 -14.48
N VAL B 656 -24.77 15.74 -14.30
CA VAL B 656 -23.70 16.63 -13.79
C VAL B 656 -22.65 16.73 -14.90
N SER B 657 -22.23 17.94 -15.27
CA SER B 657 -21.45 18.19 -16.50
C SER B 657 -20.05 17.59 -16.39
N ASP B 658 -19.50 17.46 -15.18
CA ASP B 658 -18.12 16.94 -14.95
C ASP B 658 -18.28 15.54 -14.42
N LYS B 659 -17.88 14.52 -15.17
CA LYS B 659 -18.11 13.10 -14.77
C LYS B 659 -17.24 12.75 -13.55
N ASP B 660 -16.23 13.54 -13.19
CA ASP B 660 -15.33 13.20 -12.05
C ASP B 660 -15.83 13.85 -10.73
N ILE B 661 -16.95 14.57 -10.76
CA ILE B 661 -17.71 14.91 -9.54
C ILE B 661 -18.57 13.72 -9.12
N GLN B 662 -18.44 13.36 -7.85
CA GLN B 662 -19.27 12.34 -7.17
C GLN B 662 -20.43 13.06 -6.50
N PHE B 663 -21.64 12.52 -6.65
CA PHE B 663 -22.82 13.05 -5.94
C PHE B 663 -23.57 11.91 -5.28
N VAL B 664 -24.32 12.27 -4.25
CA VAL B 664 -25.28 11.37 -3.58
C VAL B 664 -26.55 12.20 -3.35
N VAL B 665 -27.67 11.75 -3.90
CA VAL B 665 -29.01 12.34 -3.64
C VAL B 665 -29.63 11.54 -2.50
N ARG B 666 -29.87 12.24 -1.40
CA ARG B 666 -30.55 11.62 -0.22
C ARG B 666 -31.89 12.35 -0.11
N GLU B 667 -32.99 11.60 -0.04
CA GLU B 667 -34.31 12.26 0.14
C GLU B 667 -35.20 11.47 1.09
N ASN B 668 -36.19 12.17 1.61
CA ASN B 668 -37.37 11.57 2.30
C ASN B 668 -38.59 12.13 1.56
N ASN B 669 -39.79 12.06 2.14
CA ASN B 669 -41.02 12.57 1.48
C ASN B 669 -40.90 14.07 1.17
N LYS B 670 -40.31 14.88 2.08
CA LYS B 670 -40.37 16.37 2.10
C LYS B 670 -39.06 17.03 1.61
N SER B 671 -37.91 16.35 1.75
CA SER B 671 -36.56 16.96 1.81
C SER B 671 -35.63 16.23 0.85
N ARG B 672 -34.80 16.96 0.15
CA ARG B 672 -33.73 16.32 -0.66
C ARG B 672 -32.43 17.00 -0.26
N TYR B 673 -31.34 16.22 -0.12
CA TYR B 673 -29.97 16.72 0.05
C TYR B 673 -29.17 16.21 -1.16
N ILE B 674 -28.47 17.11 -1.82
CA ILE B 674 -27.51 16.71 -2.87
C ILE B 674 -26.12 16.95 -2.27
N PHE B 675 -25.34 15.88 -2.10
CA PHE B 675 -23.93 15.94 -1.65
C PHE B 675 -23.05 15.85 -2.89
N PHE B 676 -22.30 16.89 -3.17
CA PHE B 676 -21.25 16.95 -4.22
C PHE B 676 -19.90 16.75 -3.55
N LEU B 677 -19.09 15.85 -4.10
CA LEU B 677 -17.81 15.43 -3.47
C LEU B 677 -16.76 15.51 -4.56
N ASN B 678 -15.71 16.32 -4.32
CA ASN B 678 -14.57 16.48 -5.26
C ASN B 678 -13.36 15.78 -4.66
N TYR B 679 -13.13 14.54 -5.09
CA TYR B 679 -12.06 13.69 -4.57
C TYR B 679 -10.75 13.93 -5.31
N HIS B 680 -10.62 15.04 -6.03
CA HIS B 680 -9.51 15.28 -7.00
C HIS B 680 -8.72 16.53 -6.62
N ASN B 681 -7.42 16.58 -6.95
CA ASN B 681 -6.60 17.78 -6.65
C ASN B 681 -6.77 18.76 -7.83
N GLU B 682 -7.99 19.31 -7.97
CA GLU B 682 -8.35 20.20 -9.09
C GLU B 682 -9.56 21.01 -8.64
N ARG B 683 -9.50 22.33 -8.79
CA ARG B 683 -10.72 23.15 -8.62
C ARG B 683 -11.66 22.81 -9.77
N LYS B 684 -12.89 22.37 -9.50
CA LYS B 684 -13.80 21.99 -10.59
C LYS B 684 -15.00 22.92 -10.58
N THR B 685 -15.38 23.38 -11.76
CA THR B 685 -16.64 24.12 -12.01
C THR B 685 -17.55 23.25 -12.84
N PHE B 686 -18.78 23.11 -12.43
CA PHE B 686 -19.72 22.23 -13.15
C PHE B 686 -21.15 22.77 -12.97
N ASN B 687 -22.08 22.17 -13.72
CA ASN B 687 -23.53 22.39 -13.50
C ASN B 687 -24.24 21.03 -13.39
N TYR B 688 -25.45 21.08 -12.89
CA TYR B 688 -26.28 19.88 -12.64
C TYR B 688 -27.75 20.24 -12.87
N ARG B 689 -28.55 19.22 -13.15
CA ARG B 689 -30.02 19.27 -13.30
C ARG B 689 -30.54 17.86 -13.00
N LYS B 690 -31.82 17.73 -12.68
CA LYS B 690 -32.54 16.43 -12.54
C LYS B 690 -32.47 15.66 -13.86
N SER B 691 -32.49 14.32 -13.83
CA SER B 691 -32.63 13.46 -15.04
C SER B 691 -34.01 13.66 -15.68
N GLU B 700 -27.41 26.91 -12.50
CA GLU B 700 -27.33 25.51 -12.03
C GLU B 700 -25.83 25.17 -11.88
N GLU B 701 -24.97 26.17 -11.53
CA GLU B 701 -23.51 26.25 -11.83
C GLU B 701 -22.67 26.47 -10.55
N ILE B 702 -21.61 25.68 -10.32
CA ILE B 702 -20.98 25.58 -8.96
C ILE B 702 -19.49 25.25 -9.07
N SER B 703 -18.67 25.82 -8.17
CA SER B 703 -17.20 25.60 -8.14
C SER B 703 -16.86 24.92 -6.81
N ILE B 704 -16.10 23.82 -6.85
CA ILE B 704 -15.65 23.11 -5.63
C ILE B 704 -14.12 23.02 -5.62
N ALA B 705 -13.54 23.33 -4.47
CA ALA B 705 -12.09 23.34 -4.22
C ALA B 705 -11.60 21.90 -4.33
N PRO B 706 -10.27 21.69 -4.54
CA PRO B 706 -9.69 20.34 -4.43
C PRO B 706 -10.13 19.66 -3.13
N PHE B 707 -10.40 18.37 -3.20
CA PHE B 707 -10.57 17.51 -2.01
C PHE B 707 -11.64 18.11 -1.08
N SER B 708 -12.73 18.58 -1.66
CA SER B 708 -13.74 19.38 -0.97
C SER B 708 -15.16 18.94 -1.34
N TYR B 709 -16.13 19.71 -0.91
CA TYR B 709 -17.53 19.26 -0.92
C TYR B 709 -18.44 20.47 -1.06
N LYS B 710 -19.67 20.20 -1.46
CA LYS B 710 -20.79 21.18 -1.40
C LYS B 710 -22.08 20.42 -1.15
N VAL B 711 -22.95 20.92 -0.26
CA VAL B 711 -24.27 20.31 0.02
C VAL B 711 -25.36 21.31 -0.37
N ILE B 712 -26.30 20.89 -1.20
CA ILE B 712 -27.48 21.67 -1.63
C ILE B 712 -28.74 21.01 -1.09
N LYS B 713 -29.66 21.83 -0.58
CA LYS B 713 -30.99 21.40 -0.09
C LYS B 713 -32.04 21.80 -1.14
N GLU B 714 -32.99 20.90 -1.37
CA GLU B 714 -34.13 21.14 -2.31
C GLU B 714 -35.37 20.69 -1.54
N ASN B 715 -36.39 21.54 -1.44
CA ASN B 715 -37.68 21.16 -0.84
C ASN B 715 -38.46 20.40 -1.91
N LYS B 716 -39.24 19.39 -1.54
CA LYS B 716 -40.05 18.67 -2.56
C LYS B 716 -41.48 19.25 -2.49
N LEU B 717 -42.11 19.46 -3.66
CA LEU B 717 -43.45 20.12 -3.79
C LEU B 717 -44.55 19.05 -3.68
N GLU B 718 -45.68 19.35 -3.02
CA GLU B 718 -46.76 18.36 -2.74
C GLU B 718 -47.60 18.11 -4.00
N HIS B 719 -47.98 16.83 -4.23
CA HIS B 719 -48.90 16.30 -5.28
C HIS B 719 -49.22 14.84 -4.95
#